data_4U9R
# 
_entry.id   4U9R 
# 
_audit_conform.dict_name       mmcif_pdbx.dic 
_audit_conform.dict_version    5.383 
_audit_conform.dict_location   http://mmcif.pdb.org/dictionaries/ascii/mmcif_pdbx.dic 
# 
loop_
_database_2.database_id 
_database_2.database_code 
_database_2.pdbx_database_accession 
_database_2.pdbx_DOI 
PDB   4U9R         pdb_00004u9r 10.2210/pdb4u9r/pdb 
WWPDB D_1000203047 ?            ?                   
# 
loop_
_pdbx_audit_revision_history.ordinal 
_pdbx_audit_revision_history.data_content_type 
_pdbx_audit_revision_history.major_revision 
_pdbx_audit_revision_history.minor_revision 
_pdbx_audit_revision_history.revision_date 
1 'Structure model' 1 0 2015-07-08 
2 'Structure model' 1 1 2015-08-05 
3 'Structure model' 1 2 2015-09-02 
4 'Structure model' 1 3 2017-09-27 
5 'Structure model' 1 4 2023-12-27 
# 
_pdbx_audit_revision_details.ordinal             1 
_pdbx_audit_revision_details.revision_ordinal    1 
_pdbx_audit_revision_details.data_content_type   'Structure model' 
_pdbx_audit_revision_details.provider            repository 
_pdbx_audit_revision_details.type                'Initial release' 
_pdbx_audit_revision_details.description         ? 
_pdbx_audit_revision_details.details             ? 
# 
loop_
_pdbx_audit_revision_group.ordinal 
_pdbx_audit_revision_group.revision_ordinal 
_pdbx_audit_revision_group.data_content_type 
_pdbx_audit_revision_group.group 
1 2 'Structure model' 'Database references'    
2 3 'Structure model' 'Database references'    
3 4 'Structure model' 'Derived calculations'   
4 4 'Structure model' 'Refinement description' 
5 5 'Structure model' 'Data collection'        
6 5 'Structure model' 'Database references'    
# 
loop_
_pdbx_audit_revision_category.ordinal 
_pdbx_audit_revision_category.revision_ordinal 
_pdbx_audit_revision_category.data_content_type 
_pdbx_audit_revision_category.category 
1 4 'Structure model' pdbx_struct_oper_list       
2 4 'Structure model' software                    
3 5 'Structure model' chem_comp_atom              
4 5 'Structure model' chem_comp_bond              
5 5 'Structure model' database_2                  
6 5 'Structure model' diffrn_radiation_wavelength 
# 
loop_
_pdbx_audit_revision_item.ordinal 
_pdbx_audit_revision_item.revision_ordinal 
_pdbx_audit_revision_item.data_content_type 
_pdbx_audit_revision_item.item 
1 4 'Structure model' '_pdbx_struct_oper_list.symmetry_operation' 
2 4 'Structure model' '_software.name'                            
3 5 'Structure model' '_database_2.pdbx_DOI'                      
4 5 'Structure model' '_database_2.pdbx_database_accession'       
# 
_pdbx_database_status.status_code                     REL 
_pdbx_database_status.status_code_sf                  REL 
_pdbx_database_status.status_code_mr                  ? 
_pdbx_database_status.entry_id                        4U9R 
_pdbx_database_status.recvd_initial_deposition_date   2014-08-06 
_pdbx_database_status.SG_entry                        N 
_pdbx_database_status.deposit_site                    RCSB 
_pdbx_database_status.process_site                    RCSB 
_pdbx_database_status.status_code_cs                  ? 
_pdbx_database_status.methods_development_category    ? 
_pdbx_database_status.pdb_format_compatible           Y 
_pdbx_database_status.status_code_nmr_data            ? 
# 
loop_
_audit_author.name 
_audit_author.pdbx_ordinal 
'Smith, A.T.'      1 
'Rosenzweig, A.C.' 2 
# 
_citation.abstract                  ? 
_citation.abstract_id_CAS           ? 
_citation.book_id_ISBN              ? 
_citation.book_publisher            ? 
_citation.book_publisher_city       ? 
_citation.book_title                ? 
_citation.coordinate_linkage        ? 
_citation.country                   US 
_citation.database_id_Medline       ? 
_citation.details                   ? 
_citation.id                        primary 
_citation.journal_abbrev            Nat.Chem.Biol. 
_citation.journal_id_ASTM           ? 
_citation.journal_id_CSD            ? 
_citation.journal_id_ISSN           1552-4469 
_citation.journal_full              ? 
_citation.journal_issue             ? 
_citation.journal_volume            11 
_citation.language                  ? 
_citation.page_first                678 
_citation.page_last                 684 
_citation.title                     'A new metal binding domain involved in cadmium, cobalt and zinc transport.' 
_citation.year                      2015 
_citation.database_id_CSD           ? 
_citation.pdbx_database_id_DOI      10.1038/nchembio.1863 
_citation.pdbx_database_id_PubMed   26192600 
_citation.unpublished_flag          ? 
# 
loop_
_citation_author.citation_id 
_citation_author.name 
_citation_author.ordinal 
_citation_author.identifier_ORCID 
primary 'Smith, A.T.'      1 ? 
primary 'Barupala, D.'     2 ? 
primary 'Stemmler, T.L.'   3 ? 
primary 'Rosenzweig, A.C.' 4 ? 
# 
loop_
_entity.id 
_entity.type 
_entity.src_method 
_entity.pdbx_description 
_entity.formula_weight 
_entity.pdbx_number_of_molecules 
_entity.pdbx_ec 
_entity.pdbx_mutation 
_entity.pdbx_fragment 
_entity.details 
1 polymer     man 'CzcP cation efflux P1-ATPase'             22545.195 1  ? ? 'ferredoxin-like domain' ? 
2 non-polymer syn 'CADMIUM ION'                              112.411   2  ? ? ?                        ? 
3 non-polymer syn 
;3,3',3''-phosphanetriyltripropanoic acid
;
250.186   1  ? ? ?                        ? 
4 water       nat water                                      18.015    12 ? ? ?                        ? 
# 
_entity_poly.entity_id                      1 
_entity_poly.type                           'polypeptide(L)' 
_entity_poly.nstd_linkage                   no 
_entity_poly.nstd_monomer                   no 
_entity_poly.pdbx_seq_one_letter_code       
;MASWSHPQFEKGAENLYFQSNATEKLRLDIPVLLPGLPDSSDPCVERLLSELRGKEGVEAAHIKTANVDSDSQICVHYDP
AAISLARIRELVTSTGAVISSRFGHVLWQLKGVWHERRARTVASQLRALPGVIEAEVSASGIARVEFDNDRISAAGIEQA
LSKRGLAPVEIGARKSGHADHEHREGVKDHAHGEGEGHEAHAHGSVFG
;
_entity_poly.pdbx_seq_one_letter_code_can   
;MASWSHPQFEKGAENLYFQSNATEKLRLDIPVLLPGLPDSSDPCVERLLSELRGKEGVEAAHIKTANVDSDSQICVHYDP
AAISLARIRELVTSTGAVISSRFGHVLWQLKGVWHERRARTVASQLRALPGVIEAEVSASGIARVEFDNDRISAAGIEQA
LSKRGLAPVEIGARKSGHADHEHREGVKDHAHGEGEGHEAHAHGSVFG
;
_entity_poly.pdbx_strand_id                 A 
_entity_poly.pdbx_target_identifier         ? 
# 
loop_
_pdbx_entity_nonpoly.entity_id 
_pdbx_entity_nonpoly.name 
_pdbx_entity_nonpoly.comp_id 
2 'CADMIUM ION'                              CD  
3 
;3,3',3''-phosphanetriyltripropanoic acid
;
TCE 
4 water                                      HOH 
# 
loop_
_entity_poly_seq.entity_id 
_entity_poly_seq.num 
_entity_poly_seq.mon_id 
_entity_poly_seq.hetero 
1 1   MET n 
1 2   ALA n 
1 3   SER n 
1 4   TRP n 
1 5   SER n 
1 6   HIS n 
1 7   PRO n 
1 8   GLN n 
1 9   PHE n 
1 10  GLU n 
1 11  LYS n 
1 12  GLY n 
1 13  ALA n 
1 14  GLU n 
1 15  ASN n 
1 16  LEU n 
1 17  TYR n 
1 18  PHE n 
1 19  GLN n 
1 20  SER n 
1 21  ASN n 
1 22  ALA n 
1 23  THR n 
1 24  GLU n 
1 25  LYS n 
1 26  LEU n 
1 27  ARG n 
1 28  LEU n 
1 29  ASP n 
1 30  ILE n 
1 31  PRO n 
1 32  VAL n 
1 33  LEU n 
1 34  LEU n 
1 35  PRO n 
1 36  GLY n 
1 37  LEU n 
1 38  PRO n 
1 39  ASP n 
1 40  SER n 
1 41  SER n 
1 42  ASP n 
1 43  PRO n 
1 44  CYS n 
1 45  VAL n 
1 46  GLU n 
1 47  ARG n 
1 48  LEU n 
1 49  LEU n 
1 50  SER n 
1 51  GLU n 
1 52  LEU n 
1 53  ARG n 
1 54  GLY n 
1 55  LYS n 
1 56  GLU n 
1 57  GLY n 
1 58  VAL n 
1 59  GLU n 
1 60  ALA n 
1 61  ALA n 
1 62  HIS n 
1 63  ILE n 
1 64  LYS n 
1 65  THR n 
1 66  ALA n 
1 67  ASN n 
1 68  VAL n 
1 69  ASP n 
1 70  SER n 
1 71  ASP n 
1 72  SER n 
1 73  GLN n 
1 74  ILE n 
1 75  CYS n 
1 76  VAL n 
1 77  HIS n 
1 78  TYR n 
1 79  ASP n 
1 80  PRO n 
1 81  ALA n 
1 82  ALA n 
1 83  ILE n 
1 84  SER n 
1 85  LEU n 
1 86  ALA n 
1 87  ARG n 
1 88  ILE n 
1 89  ARG n 
1 90  GLU n 
1 91  LEU n 
1 92  VAL n 
1 93  THR n 
1 94  SER n 
1 95  THR n 
1 96  GLY n 
1 97  ALA n 
1 98  VAL n 
1 99  ILE n 
1 100 SER n 
1 101 SER n 
1 102 ARG n 
1 103 PHE n 
1 104 GLY n 
1 105 HIS n 
1 106 VAL n 
1 107 LEU n 
1 108 TRP n 
1 109 GLN n 
1 110 LEU n 
1 111 LYS n 
1 112 GLY n 
1 113 VAL n 
1 114 TRP n 
1 115 HIS n 
1 116 GLU n 
1 117 ARG n 
1 118 ARG n 
1 119 ALA n 
1 120 ARG n 
1 121 THR n 
1 122 VAL n 
1 123 ALA n 
1 124 SER n 
1 125 GLN n 
1 126 LEU n 
1 127 ARG n 
1 128 ALA n 
1 129 LEU n 
1 130 PRO n 
1 131 GLY n 
1 132 VAL n 
1 133 ILE n 
1 134 GLU n 
1 135 ALA n 
1 136 GLU n 
1 137 VAL n 
1 138 SER n 
1 139 ALA n 
1 140 SER n 
1 141 GLY n 
1 142 ILE n 
1 143 ALA n 
1 144 ARG n 
1 145 VAL n 
1 146 GLU n 
1 147 PHE n 
1 148 ASP n 
1 149 ASN n 
1 150 ASP n 
1 151 ARG n 
1 152 ILE n 
1 153 SER n 
1 154 ALA n 
1 155 ALA n 
1 156 GLY n 
1 157 ILE n 
1 158 GLU n 
1 159 GLN n 
1 160 ALA n 
1 161 LEU n 
1 162 SER n 
1 163 LYS n 
1 164 ARG n 
1 165 GLY n 
1 166 LEU n 
1 167 ALA n 
1 168 PRO n 
1 169 VAL n 
1 170 GLU n 
1 171 ILE n 
1 172 GLY n 
1 173 ALA n 
1 174 ARG n 
1 175 LYS n 
1 176 SER n 
1 177 GLY n 
1 178 HIS n 
1 179 ALA n 
1 180 ASP n 
1 181 HIS n 
1 182 GLU n 
1 183 HIS n 
1 184 ARG n 
1 185 GLU n 
1 186 GLY n 
1 187 VAL n 
1 188 LYS n 
1 189 ASP n 
1 190 HIS n 
1 191 ALA n 
1 192 HIS n 
1 193 GLY n 
1 194 GLU n 
1 195 GLY n 
1 196 GLU n 
1 197 GLY n 
1 198 HIS n 
1 199 GLU n 
1 200 ALA n 
1 201 HIS n 
1 202 ALA n 
1 203 HIS n 
1 204 GLY n 
1 205 SER n 
1 206 VAL n 
1 207 PHE n 
1 208 GLY n 
# 
_entity_src_gen.entity_id                          1 
_entity_src_gen.pdbx_src_id                        1 
_entity_src_gen.pdbx_alt_source_flag               sample 
_entity_src_gen.pdbx_seq_type                      'Biological sequence' 
_entity_src_gen.pdbx_beg_seq_num                   1 
_entity_src_gen.pdbx_end_seq_num                   208 
_entity_src_gen.gene_src_common_name               ? 
_entity_src_gen.gene_src_genus                     ? 
_entity_src_gen.pdbx_gene_src_gene                 'czcP, Rmet_5970' 
_entity_src_gen.gene_src_species                   ? 
_entity_src_gen.gene_src_strain                    'CH34 / ATCC 43123 / DSM 2839' 
_entity_src_gen.gene_src_tissue                    ? 
_entity_src_gen.gene_src_tissue_fraction           ? 
_entity_src_gen.gene_src_details                   ? 
_entity_src_gen.pdbx_gene_src_fragment             ? 
_entity_src_gen.pdbx_gene_src_scientific_name      'Ralstonia metallidurans' 
_entity_src_gen.pdbx_gene_src_ncbi_taxonomy_id     266264 
_entity_src_gen.pdbx_gene_src_variant              ? 
_entity_src_gen.pdbx_gene_src_cell_line            ? 
_entity_src_gen.pdbx_gene_src_atcc                 ? 
_entity_src_gen.pdbx_gene_src_organ                ? 
_entity_src_gen.pdbx_gene_src_organelle            ? 
_entity_src_gen.pdbx_gene_src_cell                 ? 
_entity_src_gen.pdbx_gene_src_cellular_location    ? 
_entity_src_gen.host_org_common_name               ? 
_entity_src_gen.pdbx_host_org_scientific_name      'Escherichia coli' 
_entity_src_gen.pdbx_host_org_ncbi_taxonomy_id     562 
_entity_src_gen.host_org_genus                     ? 
_entity_src_gen.pdbx_host_org_gene                 ? 
_entity_src_gen.pdbx_host_org_organ                ? 
_entity_src_gen.host_org_species                   ? 
_entity_src_gen.pdbx_host_org_tissue               ? 
_entity_src_gen.pdbx_host_org_tissue_fraction      ? 
_entity_src_gen.pdbx_host_org_strain               Top10 
_entity_src_gen.pdbx_host_org_variant              ? 
_entity_src_gen.pdbx_host_org_cell_line            ? 
_entity_src_gen.pdbx_host_org_atcc                 ? 
_entity_src_gen.pdbx_host_org_culture_collection   ? 
_entity_src_gen.pdbx_host_org_cell                 ? 
_entity_src_gen.pdbx_host_org_organelle            ? 
_entity_src_gen.pdbx_host_org_cellular_location    ? 
_entity_src_gen.pdbx_host_org_vector_type          plasmid 
_entity_src_gen.pdbx_host_org_vector               ? 
_entity_src_gen.host_org_details                   ? 
_entity_src_gen.expression_system_id               ? 
_entity_src_gen.plasmid_name                       'pBAD Strep TEV LIC 8R' 
_entity_src_gen.plasmid_details                    ? 
_entity_src_gen.pdbx_description                   ? 
# 
loop_
_chem_comp.id 
_chem_comp.type 
_chem_comp.mon_nstd_flag 
_chem_comp.name 
_chem_comp.pdbx_synonyms 
_chem_comp.formula 
_chem_comp.formula_weight 
ALA 'L-peptide linking' y ALANINE                                    ?                                                 
'C3 H7 N O2'     89.093  
ARG 'L-peptide linking' y ARGININE                                   ?                                                 
'C6 H15 N4 O2 1' 175.209 
ASN 'L-peptide linking' y ASPARAGINE                                 ?                                                 
'C4 H8 N2 O3'    132.118 
ASP 'L-peptide linking' y 'ASPARTIC ACID'                            ?                                                 
'C4 H7 N O4'     133.103 
CD  non-polymer         . 'CADMIUM ION'                              ?                                                 'Cd 2' 
112.411 
CYS 'L-peptide linking' y CYSTEINE                                   ?                                                 
'C3 H7 N O2 S'   121.158 
GLN 'L-peptide linking' y GLUTAMINE                                  ?                                                 
'C5 H10 N2 O3'   146.144 
GLU 'L-peptide linking' y 'GLUTAMIC ACID'                            ?                                                 
'C5 H9 N O4'     147.129 
GLY 'peptide linking'   y GLYCINE                                    ?                                                 
'C2 H5 N O2'     75.067  
HIS 'L-peptide linking' y HISTIDINE                                  ?                                                 
'C6 H10 N3 O2 1' 156.162 
HOH non-polymer         . WATER                                      ?                                                 'H2 O' 
18.015  
ILE 'L-peptide linking' y ISOLEUCINE                                 ?                                                 
'C6 H13 N O2'    131.173 
LEU 'L-peptide linking' y LEUCINE                                    ?                                                 
'C6 H13 N O2'    131.173 
LYS 'L-peptide linking' y LYSINE                                     ?                                                 
'C6 H15 N2 O2 1' 147.195 
MET 'L-peptide linking' y METHIONINE                                 ?                                                 
'C5 H11 N O2 S'  149.211 
PHE 'L-peptide linking' y PHENYLALANINE                              ?                                                 
'C9 H11 N O2'    165.189 
PRO 'L-peptide linking' y PROLINE                                    ?                                                 
'C5 H9 N O2'     115.130 
SER 'L-peptide linking' y SERINE                                     ?                                                 
'C3 H7 N O3'     105.093 
TCE non-polymer         . 
;3,3',3''-phosphanetriyltripropanoic acid
;
'3-[bis(2-carboxyethyl)phosphanyl]propanoic acid' 'C9 H15 O6 P'    250.186 
THR 'L-peptide linking' y THREONINE                                  ?                                                 
'C4 H9 N O3'     119.119 
TRP 'L-peptide linking' y TRYPTOPHAN                                 ?                                                 
'C11 H12 N2 O2'  204.225 
TYR 'L-peptide linking' y TYROSINE                                   ?                                                 
'C9 H11 N O3'    181.189 
VAL 'L-peptide linking' y VALINE                                     ?                                                 
'C5 H11 N O2'    117.146 
# 
loop_
_pdbx_poly_seq_scheme.asym_id 
_pdbx_poly_seq_scheme.entity_id 
_pdbx_poly_seq_scheme.seq_id 
_pdbx_poly_seq_scheme.mon_id 
_pdbx_poly_seq_scheme.ndb_seq_num 
_pdbx_poly_seq_scheme.pdb_seq_num 
_pdbx_poly_seq_scheme.auth_seq_num 
_pdbx_poly_seq_scheme.pdb_mon_id 
_pdbx_poly_seq_scheme.auth_mon_id 
_pdbx_poly_seq_scheme.pdb_strand_id 
_pdbx_poly_seq_scheme.pdb_ins_code 
_pdbx_poly_seq_scheme.hetero 
A 1 1   MET 1   1   ?   ?   ?   A . n 
A 1 2   ALA 2   2   ?   ?   ?   A . n 
A 1 3   SER 3   3   ?   ?   ?   A . n 
A 1 4   TRP 4   4   ?   ?   ?   A . n 
A 1 5   SER 5   5   ?   ?   ?   A . n 
A 1 6   HIS 6   6   ?   ?   ?   A . n 
A 1 7   PRO 7   7   ?   ?   ?   A . n 
A 1 8   GLN 8   8   ?   ?   ?   A . n 
A 1 9   PHE 9   9   ?   ?   ?   A . n 
A 1 10  GLU 10  10  ?   ?   ?   A . n 
A 1 11  LYS 11  11  ?   ?   ?   A . n 
A 1 12  GLY 12  12  ?   ?   ?   A . n 
A 1 13  ALA 13  13  ?   ?   ?   A . n 
A 1 14  GLU 14  14  ?   ?   ?   A . n 
A 1 15  ASN 15  15  ?   ?   ?   A . n 
A 1 16  LEU 16  16  ?   ?   ?   A . n 
A 1 17  TYR 17  17  ?   ?   ?   A . n 
A 1 18  PHE 18  18  ?   ?   ?   A . n 
A 1 19  GLN 19  19  ?   ?   ?   A . n 
A 1 20  SER 20  20  ?   ?   ?   A . n 
A 1 21  ASN 21  21  21  ASN ASN A . n 
A 1 22  ALA 22  22  22  ALA ALA A . n 
A 1 23  THR 23  23  23  THR THR A . n 
A 1 24  GLU 24  24  24  GLU GLU A . n 
A 1 25  LYS 25  25  25  LYS LYS A . n 
A 1 26  LEU 26  26  26  LEU LEU A . n 
A 1 27  ARG 27  27  27  ARG ARG A . n 
A 1 28  LEU 28  28  28  LEU LEU A . n 
A 1 29  ASP 29  29  29  ASP ASP A . n 
A 1 30  ILE 30  30  30  ILE ILE A . n 
A 1 31  PRO 31  31  31  PRO PRO A . n 
A 1 32  VAL 32  32  32  VAL VAL A . n 
A 1 33  LEU 33  33  33  LEU LEU A . n 
A 1 34  LEU 34  34  34  LEU LEU A . n 
A 1 35  PRO 35  35  35  PRO PRO A . n 
A 1 36  GLY 36  36  36  GLY GLY A . n 
A 1 37  LEU 37  37  37  LEU LEU A . n 
A 1 38  PRO 38  38  38  PRO PRO A . n 
A 1 39  ASP 39  39  39  ASP ASP A . n 
A 1 40  SER 40  40  40  SER SER A . n 
A 1 41  SER 41  41  41  SER SER A . n 
A 1 42  ASP 42  42  42  ASP ASP A . n 
A 1 43  PRO 43  43  43  PRO PRO A . n 
A 1 44  CYS 44  44  44  CYS CYS A . n 
A 1 45  VAL 45  45  45  VAL VAL A . n 
A 1 46  GLU 46  46  46  GLU GLU A . n 
A 1 47  ARG 47  47  47  ARG ARG A . n 
A 1 48  LEU 48  48  48  LEU LEU A . n 
A 1 49  LEU 49  49  49  LEU LEU A . n 
A 1 50  SER 50  50  50  SER SER A . n 
A 1 51  GLU 51  51  51  GLU GLU A . n 
A 1 52  LEU 52  52  52  LEU LEU A . n 
A 1 53  ARG 53  53  53  ARG ARG A . n 
A 1 54  GLY 54  54  54  GLY GLY A . n 
A 1 55  LYS 55  55  55  LYS LYS A . n 
A 1 56  GLU 56  56  56  GLU GLU A . n 
A 1 57  GLY 57  57  57  GLY GLY A . n 
A 1 58  VAL 58  58  58  VAL VAL A . n 
A 1 59  GLU 59  59  59  GLU GLU A . n 
A 1 60  ALA 60  60  60  ALA ALA A . n 
A 1 61  ALA 61  61  61  ALA ALA A . n 
A 1 62  HIS 62  62  62  HIS HIS A . n 
A 1 63  ILE 63  63  63  ILE ILE A . n 
A 1 64  LYS 64  64  64  LYS LYS A . n 
A 1 65  THR 65  65  65  THR THR A . n 
A 1 66  ALA 66  66  66  ALA ALA A . n 
A 1 67  ASN 67  67  67  ASN ASN A . n 
A 1 68  VAL 68  68  68  VAL VAL A . n 
A 1 69  ASP 69  69  69  ASP ASP A . n 
A 1 70  SER 70  70  70  SER SER A . n 
A 1 71  ASP 71  71  71  ASP ASP A . n 
A 1 72  SER 72  72  72  SER SER A . n 
A 1 73  GLN 73  73  73  GLN GLN A . n 
A 1 74  ILE 74  74  74  ILE ILE A . n 
A 1 75  CYS 75  75  75  CYS CYS A . n 
A 1 76  VAL 76  76  76  VAL VAL A . n 
A 1 77  HIS 77  77  77  HIS HIS A . n 
A 1 78  TYR 78  78  78  TYR TYR A . n 
A 1 79  ASP 79  79  79  ASP ASP A . n 
A 1 80  PRO 80  80  80  PRO PRO A . n 
A 1 81  ALA 81  81  81  ALA ALA A . n 
A 1 82  ALA 82  82  82  ALA ALA A . n 
A 1 83  ILE 83  83  83  ILE ILE A . n 
A 1 84  SER 84  84  84  SER SER A . n 
A 1 85  LEU 85  85  85  LEU LEU A . n 
A 1 86  ALA 86  86  86  ALA ALA A . n 
A 1 87  ARG 87  87  87  ARG ARG A . n 
A 1 88  ILE 88  88  88  ILE ILE A . n 
A 1 89  ARG 89  89  89  ARG ARG A . n 
A 1 90  GLU 90  90  90  GLU GLU A . n 
A 1 91  LEU 91  91  91  LEU LEU A . n 
A 1 92  VAL 92  92  92  VAL VAL A . n 
A 1 93  THR 93  93  93  THR THR A . n 
A 1 94  SER 94  94  94  SER SER A . n 
A 1 95  THR 95  95  95  THR THR A . n 
A 1 96  GLY 96  96  96  GLY GLY A . n 
A 1 97  ALA 97  97  97  ALA ALA A . n 
A 1 98  VAL 98  98  98  VAL VAL A . n 
A 1 99  ILE 99  99  99  ILE ILE A . n 
A 1 100 SER 100 100 100 SER SER A . n 
A 1 101 SER 101 101 101 SER SER A . n 
A 1 102 ARG 102 102 102 ARG ARG A . n 
A 1 103 PHE 103 103 103 PHE PHE A . n 
A 1 104 GLY 104 104 104 GLY GLY A . n 
A 1 105 HIS 105 105 105 HIS HIS A . n 
A 1 106 VAL 106 106 106 VAL VAL A . n 
A 1 107 LEU 107 107 107 LEU LEU A . n 
A 1 108 TRP 108 108 108 TRP TRP A . n 
A 1 109 GLN 109 109 109 GLN GLN A . n 
A 1 110 LEU 110 110 110 LEU LEU A . n 
A 1 111 LYS 111 111 111 LYS LYS A . n 
A 1 112 GLY 112 112 112 GLY GLY A . n 
A 1 113 VAL 113 113 113 VAL VAL A . n 
A 1 114 TRP 114 114 114 TRP TRP A . n 
A 1 115 HIS 115 115 115 HIS HIS A . n 
A 1 116 GLU 116 116 116 GLU GLU A . n 
A 1 117 ARG 117 117 117 ARG ARG A . n 
A 1 118 ARG 118 118 118 ARG ARG A . n 
A 1 119 ALA 119 119 119 ALA ALA A . n 
A 1 120 ARG 120 120 120 ARG ARG A . n 
A 1 121 THR 121 121 121 THR THR A . n 
A 1 122 VAL 122 122 122 VAL VAL A . n 
A 1 123 ALA 123 123 123 ALA ALA A . n 
A 1 124 SER 124 124 124 SER SER A . n 
A 1 125 GLN 125 125 125 GLN GLN A . n 
A 1 126 LEU 126 126 126 LEU LEU A . n 
A 1 127 ARG 127 127 127 ARG ARG A . n 
A 1 128 ALA 128 128 128 ALA ALA A . n 
A 1 129 LEU 129 129 129 LEU LEU A . n 
A 1 130 PRO 130 130 130 PRO PRO A . n 
A 1 131 GLY 131 131 131 GLY GLY A . n 
A 1 132 VAL 132 132 132 VAL VAL A . n 
A 1 133 ILE 133 133 133 ILE ILE A . n 
A 1 134 GLU 134 134 134 GLU GLU A . n 
A 1 135 ALA 135 135 135 ALA ALA A . n 
A 1 136 GLU 136 136 136 GLU GLU A . n 
A 1 137 VAL 137 137 137 VAL VAL A . n 
A 1 138 SER 138 138 138 SER SER A . n 
A 1 139 ALA 139 139 139 ALA ALA A . n 
A 1 140 SER 140 140 140 SER SER A . n 
A 1 141 GLY 141 141 141 GLY GLY A . n 
A 1 142 ILE 142 142 142 ILE ILE A . n 
A 1 143 ALA 143 143 143 ALA ALA A . n 
A 1 144 ARG 144 144 144 ARG ARG A . n 
A 1 145 VAL 145 145 145 VAL VAL A . n 
A 1 146 GLU 146 146 146 GLU GLU A . n 
A 1 147 PHE 147 147 147 PHE PHE A . n 
A 1 148 ASP 148 148 148 ASP ASP A . n 
A 1 149 ASN 149 149 149 ASN ASN A . n 
A 1 150 ASP 150 150 150 ASP ASP A . n 
A 1 151 ARG 151 151 151 ARG ARG A . n 
A 1 152 ILE 152 152 152 ILE ILE A . n 
A 1 153 SER 153 153 153 SER SER A . n 
A 1 154 ALA 154 154 154 ALA ALA A . n 
A 1 155 ALA 155 155 155 ALA ALA A . n 
A 1 156 GLY 156 156 156 GLY GLY A . n 
A 1 157 ILE 157 157 157 ILE ILE A . n 
A 1 158 GLU 158 158 158 GLU GLU A . n 
A 1 159 GLN 159 159 159 GLN GLN A . n 
A 1 160 ALA 160 160 160 ALA ALA A . n 
A 1 161 LEU 161 161 161 LEU LEU A . n 
A 1 162 SER 162 162 162 SER SER A . n 
A 1 163 LYS 163 163 163 LYS LYS A . n 
A 1 164 ARG 164 164 164 ARG ARG A . n 
A 1 165 GLY 165 165 165 GLY GLY A . n 
A 1 166 LEU 166 166 166 LEU LEU A . n 
A 1 167 ALA 167 167 167 ALA ALA A . n 
A 1 168 PRO 168 168 ?   ?   ?   A . n 
A 1 169 VAL 169 169 ?   ?   ?   A . n 
A 1 170 GLU 170 170 ?   ?   ?   A . n 
A 1 171 ILE 171 171 ?   ?   ?   A . n 
A 1 172 GLY 172 172 ?   ?   ?   A . n 
A 1 173 ALA 173 173 ?   ?   ?   A . n 
A 1 174 ARG 174 174 ?   ?   ?   A . n 
A 1 175 LYS 175 175 ?   ?   ?   A . n 
A 1 176 SER 176 176 ?   ?   ?   A . n 
A 1 177 GLY 177 177 ?   ?   ?   A . n 
A 1 178 HIS 178 178 ?   ?   ?   A . n 
A 1 179 ALA 179 179 ?   ?   ?   A . n 
A 1 180 ASP 180 180 ?   ?   ?   A . n 
A 1 181 HIS 181 181 ?   ?   ?   A . n 
A 1 182 GLU 182 182 ?   ?   ?   A . n 
A 1 183 HIS 183 183 ?   ?   ?   A . n 
A 1 184 ARG 184 184 ?   ?   ?   A . n 
A 1 185 GLU 185 185 ?   ?   ?   A . n 
A 1 186 GLY 186 186 ?   ?   ?   A . n 
A 1 187 VAL 187 187 ?   ?   ?   A . n 
A 1 188 LYS 188 188 ?   ?   ?   A . n 
A 1 189 ASP 189 189 ?   ?   ?   A . n 
A 1 190 HIS 190 190 ?   ?   ?   A . n 
A 1 191 ALA 191 191 ?   ?   ?   A . n 
A 1 192 HIS 192 192 ?   ?   ?   A . n 
A 1 193 GLY 193 193 ?   ?   ?   A . n 
A 1 194 GLU 194 194 ?   ?   ?   A . n 
A 1 195 GLY 195 195 ?   ?   ?   A . n 
A 1 196 GLU 196 196 ?   ?   ?   A . n 
A 1 197 GLY 197 197 ?   ?   ?   A . n 
A 1 198 HIS 198 198 ?   ?   ?   A . n 
A 1 199 GLU 199 199 ?   ?   ?   A . n 
A 1 200 ALA 200 200 ?   ?   ?   A . n 
A 1 201 HIS 201 201 ?   ?   ?   A . n 
A 1 202 ALA 202 202 ?   ?   ?   A . n 
A 1 203 HIS 203 203 ?   ?   ?   A . n 
A 1 204 GLY 204 204 ?   ?   ?   A . n 
A 1 205 SER 205 205 ?   ?   ?   A . n 
A 1 206 VAL 206 206 ?   ?   ?   A . n 
A 1 207 PHE 207 207 ?   ?   ?   A . n 
A 1 208 GLY 208 208 ?   ?   ?   A . n 
# 
loop_
_pdbx_nonpoly_scheme.asym_id 
_pdbx_nonpoly_scheme.entity_id 
_pdbx_nonpoly_scheme.mon_id 
_pdbx_nonpoly_scheme.ndb_seq_num 
_pdbx_nonpoly_scheme.pdb_seq_num 
_pdbx_nonpoly_scheme.auth_seq_num 
_pdbx_nonpoly_scheme.pdb_mon_id 
_pdbx_nonpoly_scheme.auth_mon_id 
_pdbx_nonpoly_scheme.pdb_strand_id 
_pdbx_nonpoly_scheme.pdb_ins_code 
B 2 CD  1  301 1  CD  CD  A . 
C 2 CD  1  302 2  CD  CD  A . 
D 3 TCE 1  303 1  TCE TCP A . 
E 4 HOH 1  401 10 HOH HOH A . 
E 4 HOH 2  402 3  HOH HOH A . 
E 4 HOH 3  403 2  HOH HOH A . 
E 4 HOH 4  404 7  HOH HOH A . 
E 4 HOH 5  405 5  HOH HOH A . 
E 4 HOH 6  406 9  HOH HOH A . 
E 4 HOH 7  407 11 HOH HOH A . 
E 4 HOH 8  408 1  HOH HOH A . 
E 4 HOH 9  409 4  HOH HOH A . 
E 4 HOH 10 410 6  HOH HOH A . 
E 4 HOH 11 411 8  HOH HOH A . 
E 4 HOH 12 412 12 HOH HOH A . 
# 
loop_
_software.citation_id 
_software.classification 
_software.compiler_name 
_software.compiler_version 
_software.contact_author 
_software.contact_author_email 
_software.date 
_software.description 
_software.dependencies 
_software.hardware 
_software.language 
_software.location 
_software.mods 
_software.name 
_software.os 
_software.os_version 
_software.type 
_software.version 
_software.pdbx_ordinal 
? refinement        ? ? ? ? ? ? ? ? ? ? ? REFMAC      ? ? ? 5.8.0069 1 
? 'data extraction' ? ? ? ? ? ? ? ? ? ? ? PDB_EXTRACT ? ? ? 3.14     2 
? 'data scaling'    ? ? ? ? ? ? ? ? ? ? ? xia2        ? ? ? .        3 
# 
_cell.length_a           58.160 
_cell.length_b           58.160 
_cell.length_c           72.010 
_cell.angle_alpha        90.000 
_cell.angle_beta         90.000 
_cell.angle_gamma        90.000 
_cell.entry_id           4U9R 
_cell.Z_PDB              4 
_cell.pdbx_unique_axis   ? 
# 
_symmetry.entry_id                         4U9R 
_symmetry.cell_setting                     ? 
_symmetry.Int_Tables_number                76 
_symmetry.space_group_name_Hall            ? 
_symmetry.space_group_name_H-M             'P 41' 
_symmetry.pdbx_full_space_group_name_H-M   ? 
# 
_exptl.absorpt_coefficient_mu     ? 
_exptl.absorpt_correction_T_max   ? 
_exptl.absorpt_correction_T_min   ? 
_exptl.absorpt_correction_type    ? 
_exptl.absorpt_process_details    ? 
_exptl.entry_id                   4U9R 
_exptl.crystals_number            1 
_exptl.details                    ? 
_exptl.method                     'X-RAY DIFFRACTION' 
_exptl.method_details             ? 
# 
_exptl_crystal.colour                      ? 
_exptl_crystal.density_diffrn              ? 
_exptl_crystal.density_Matthews            2.7 
_exptl_crystal.density_method              ? 
_exptl_crystal.density_percent_sol         54.46 
_exptl_crystal.description                 ? 
_exptl_crystal.F_000                       ? 
_exptl_crystal.id                          1 
_exptl_crystal.preparation                 ? 
_exptl_crystal.size_max                    ? 
_exptl_crystal.size_mid                    ? 
_exptl_crystal.size_min                    ? 
_exptl_crystal.size_rad                    ? 
_exptl_crystal.colour_lustre               ? 
_exptl_crystal.colour_modifier             ? 
_exptl_crystal.colour_primary              ? 
_exptl_crystal.density_meas                ? 
_exptl_crystal.density_meas_esd            ? 
_exptl_crystal.density_meas_gt             ? 
_exptl_crystal.density_meas_lt             ? 
_exptl_crystal.density_meas_temp           ? 
_exptl_crystal.density_meas_temp_esd       ? 
_exptl_crystal.density_meas_temp_gt        ? 
_exptl_crystal.density_meas_temp_lt        ? 
_exptl_crystal.pdbx_crystal_image_url      ? 
_exptl_crystal.pdbx_crystal_image_format   ? 
_exptl_crystal.pdbx_mosaicity              ? 
_exptl_crystal.pdbx_mosaicity_esd          ? 
# 
_exptl_crystal_grow.apparatus       ? 
_exptl_crystal_grow.atmosphere      ? 
_exptl_crystal_grow.crystal_id      1 
_exptl_crystal_grow.details         ? 
_exptl_crystal_grow.method          'VAPOR DIFFUSION, SITTING DROP' 
_exptl_crystal_grow.method_ref      ? 
_exptl_crystal_grow.pH              6.0 
_exptl_crystal_grow.pressure        ? 
_exptl_crystal_grow.pressure_esd    ? 
_exptl_crystal_grow.seeding         ? 
_exptl_crystal_grow.seeding_ref     ? 
_exptl_crystal_grow.temp            298 
_exptl_crystal_grow.temp_details    ? 
_exptl_crystal_grow.temp_esd        ? 
_exptl_crystal_grow.time            ? 
_exptl_crystal_grow.pdbx_details    'PEG 4000, 1 mM CdSO4' 
_exptl_crystal_grow.pdbx_pH_range   ? 
# 
_diffrn.ambient_environment    ? 
_diffrn.ambient_temp           100 
_diffrn.ambient_temp_details   ? 
_diffrn.ambient_temp_esd       ? 
_diffrn.crystal_id             1 
_diffrn.crystal_support        ? 
_diffrn.crystal_treatment      ? 
_diffrn.details                ? 
_diffrn.id                     1 
_diffrn.ambient_pressure       ? 
_diffrn.ambient_pressure_esd   ? 
_diffrn.ambient_pressure_gt    ? 
_diffrn.ambient_pressure_lt    ? 
_diffrn.ambient_temp_gt        ? 
_diffrn.ambient_temp_lt        ? 
# 
_diffrn_detector.details                      ? 
_diffrn_detector.detector                     PIXEL 
_diffrn_detector.diffrn_id                    1 
_diffrn_detector.type                         'PSI PILATUS 6M' 
_diffrn_detector.area_resol_mean              ? 
_diffrn_detector.dtime                        ? 
_diffrn_detector.pdbx_frames_total            ? 
_diffrn_detector.pdbx_collection_time_total   ? 
_diffrn_detector.pdbx_collection_date         2014-07-16 
# 
_diffrn_radiation.collimation                      ? 
_diffrn_radiation.diffrn_id                        1 
_diffrn_radiation.filter_edge                      ? 
_diffrn_radiation.inhomogeneity                    ? 
_diffrn_radiation.monochromator                    ? 
_diffrn_radiation.polarisn_norm                    ? 
_diffrn_radiation.polarisn_ratio                   ? 
_diffrn_radiation.probe                            ? 
_diffrn_radiation.type                             ? 
_diffrn_radiation.xray_symbol                      ? 
_diffrn_radiation.wavelength_id                    1 
_diffrn_radiation.pdbx_monochromatic_or_laue_m_l   M 
_diffrn_radiation.pdbx_wavelength_list             ? 
_diffrn_radiation.pdbx_wavelength                  ? 
_diffrn_radiation.pdbx_diffrn_protocol             'SINGLE WAVELENGTH' 
_diffrn_radiation.pdbx_analyzer                    ? 
_diffrn_radiation.pdbx_scattering_type             x-ray 
# 
_diffrn_radiation_wavelength.id           1 
_diffrn_radiation_wavelength.wavelength   1.03322 
_diffrn_radiation_wavelength.wt           1.0 
# 
_diffrn_source.current                     ? 
_diffrn_source.details                     ? 
_diffrn_source.diffrn_id                   1 
_diffrn_source.power                       ? 
_diffrn_source.size                        ? 
_diffrn_source.source                      SYNCHROTRON 
_diffrn_source.target                      ? 
_diffrn_source.type                        'APS BEAMLINE 23-ID-D' 
_diffrn_source.voltage                     ? 
_diffrn_source.take-off_angle              ? 
_diffrn_source.pdbx_wavelength_list        1.03322 
_diffrn_source.pdbx_wavelength             ? 
_diffrn_source.pdbx_synchrotron_beamline   23-ID-D 
_diffrn_source.pdbx_synchrotron_site       APS 
# 
_reflns.B_iso_Wilson_estimate            46.473 
_reflns.entry_id                         4U9R 
_reflns.data_reduction_details           ? 
_reflns.data_reduction_method            ? 
_reflns.d_resolution_high                2.170 
_reflns.d_resolution_low                 36.010 
_reflns.details                          ? 
_reflns.limit_h_max                      ? 
_reflns.limit_h_min                      ? 
_reflns.limit_k_max                      ? 
_reflns.limit_k_min                      ? 
_reflns.limit_l_max                      ? 
_reflns.limit_l_min                      ? 
_reflns.number_all                       ? 
_reflns.number_obs                       12757 
_reflns.observed_criterion               ? 
_reflns.observed_criterion_F_max         ? 
_reflns.observed_criterion_F_min         ? 
_reflns.observed_criterion_I_max         ? 
_reflns.observed_criterion_I_min         ? 
_reflns.observed_criterion_sigma_F       ? 
_reflns.observed_criterion_sigma_I       ? 
_reflns.percent_possible_obs             99.800 
_reflns.R_free_details                   ? 
_reflns.Rmerge_F_all                     ? 
_reflns.Rmerge_F_obs                     ? 
_reflns.Friedel_coverage                 ? 
_reflns.number_gt                        ? 
_reflns.threshold_expression             ? 
_reflns.pdbx_redundancy                  11.300 
_reflns.pdbx_Rmerge_I_obs                0.053 
_reflns.pdbx_Rmerge_I_all                ? 
_reflns.pdbx_Rsym_value                  ? 
_reflns.pdbx_netI_over_av_sigmaI         ? 
_reflns.pdbx_netI_over_sigmaI            26.800 
_reflns.pdbx_res_netI_over_av_sigmaI_2   ? 
_reflns.pdbx_res_netI_over_sigmaI_2      ? 
_reflns.pdbx_chi_squared                 ? 
_reflns.pdbx_scaling_rejects             ? 
_reflns.pdbx_d_res_high_opt              ? 
_reflns.pdbx_d_res_low_opt               ? 
_reflns.pdbx_d_res_opt_method            ? 
_reflns.phase_calculation_details        ? 
_reflns.pdbx_Rrim_I_all                  ? 
_reflns.pdbx_Rpim_I_all                  0.016 
_reflns.pdbx_d_opt                       ? 
_reflns.pdbx_number_measured_all         144365 
_reflns.pdbx_diffrn_id                   1 
_reflns.pdbx_ordinal                     1 
_reflns.pdbx_CC_half                     ? 
_reflns.pdbx_R_split                     ? 
# 
loop_
_reflns_shell.d_res_high 
_reflns_shell.d_res_low 
_reflns_shell.meanI_over_sigI_all 
_reflns_shell.meanI_over_sigI_obs 
_reflns_shell.number_measured_all 
_reflns_shell.number_measured_obs 
_reflns_shell.number_possible 
_reflns_shell.number_unique_all 
_reflns_shell.number_unique_obs 
_reflns_shell.percent_possible_all 
_reflns_shell.percent_possible_obs 
_reflns_shell.Rmerge_F_all 
_reflns_shell.Rmerge_F_obs 
_reflns_shell.Rmerge_I_all 
_reflns_shell.Rmerge_I_obs 
_reflns_shell.meanI_over_sigI_gt 
_reflns_shell.meanI_over_uI_all 
_reflns_shell.meanI_over_uI_gt 
_reflns_shell.number_measured_gt 
_reflns_shell.number_unique_gt 
_reflns_shell.percent_possible_gt 
_reflns_shell.Rmerge_F_gt 
_reflns_shell.Rmerge_I_gt 
_reflns_shell.pdbx_redundancy 
_reflns_shell.pdbx_Rsym_value 
_reflns_shell.pdbx_chi_squared 
_reflns_shell.pdbx_netI_over_sigmaI_all 
_reflns_shell.pdbx_netI_over_sigmaI_obs 
_reflns_shell.pdbx_Rrim_I_all 
_reflns_shell.pdbx_Rpim_I_all 
_reflns_shell.pdbx_rejects 
_reflns_shell.pdbx_ordinal 
_reflns_shell.pdbx_diffrn_id 
_reflns_shell.pdbx_CC_half 
_reflns_shell.pdbx_R_split 
2.170 2.230  ? 4.000  10281 ? ? 920 ? 99.700 ? ? ? ? 0.719 ? ? ? ? ? ? ? ? 11.200 ? ? ? ? ? 0.223 0 1 1 ? ? 
9.710 36.010 ? 80.200 1598  ? ? 150 ? 97.400 ? ? ? ? 0.024 ? ? ? ? ? ? ? ? 10.700 ? ? ? ? ? 0.007 0 2 1 ? ? 
# 
_refine.aniso_B[1][1]                            1.5200 
_refine.aniso_B[1][2]                            -0.0000 
_refine.aniso_B[1][3]                            -0.0000 
_refine.aniso_B[2][2]                            1.5200 
_refine.aniso_B[2][3]                            -0.0000 
_refine.aniso_B[3][3]                            -3.0400 
_refine.B_iso_max                                139.570 
_refine.B_iso_mean                               64.8510 
_refine.B_iso_min                                25.720 
_refine.correlation_coeff_Fo_to_Fc               0.9380 
_refine.correlation_coeff_Fo_to_Fc_free          0.9220 
_refine.details                                  
'HYDROGENS HAVE BEEN ADDED IN THE RIDING POSITIONS U VALUES      : REFINED INDIVIDUALLY' 
_refine.diff_density_max                         ? 
_refine.diff_density_max_esd                     ? 
_refine.diff_density_min                         ? 
_refine.diff_density_min_esd                     ? 
_refine.diff_density_rms                         ? 
_refine.diff_density_rms_esd                     ? 
_refine.entry_id                                 4U9R 
_refine.pdbx_refine_id                           'X-RAY DIFFRACTION' 
_refine.ls_abs_structure_details                 ? 
_refine.ls_abs_structure_Flack                   ? 
_refine.ls_abs_structure_Flack_esd               ? 
_refine.ls_abs_structure_Rogers                  ? 
_refine.ls_abs_structure_Rogers_esd              ? 
_refine.ls_d_res_high                            2.1700 
_refine.ls_d_res_low                             36.0100 
_refine.ls_extinction_coef                       ? 
_refine.ls_extinction_coef_esd                   ? 
_refine.ls_extinction_expression                 ? 
_refine.ls_extinction_method                     ? 
_refine.ls_goodness_of_fit_all                   ? 
_refine.ls_goodness_of_fit_all_esd               ? 
_refine.ls_goodness_of_fit_obs                   ? 
_refine.ls_goodness_of_fit_obs_esd               ? 
_refine.ls_hydrogen_treatment                    ? 
_refine.ls_matrix_type                           ? 
_refine.ls_number_constraints                    ? 
_refine.ls_number_parameters                     ? 
_refine.ls_number_reflns_all                     ? 
_refine.ls_number_reflns_obs                     12503 
_refine.ls_number_reflns_R_free                  1233 
_refine.ls_number_reflns_R_work                  11270 
_refine.ls_number_restraints                     ? 
_refine.ls_percent_reflns_obs                    97.9800 
_refine.ls_percent_reflns_R_free                 9.9000 
_refine.ls_R_factor_all                          ? 
_refine.ls_R_factor_obs                          0.2313 
_refine.ls_R_factor_R_free                       0.2661 
_refine.ls_R_factor_R_free_error                 ? 
_refine.ls_R_factor_R_free_error_details         ? 
_refine.ls_R_factor_R_work                       0.2275 
_refine.ls_R_Fsqd_factor_obs                     ? 
_refine.ls_R_I_factor_obs                        ? 
_refine.ls_redundancy_reflns_all                 ? 
_refine.ls_redundancy_reflns_obs                 ? 
_refine.ls_restrained_S_all                      ? 
_refine.ls_restrained_S_obs                      ? 
_refine.ls_shift_over_esd_max                    ? 
_refine.ls_shift_over_esd_mean                   ? 
_refine.ls_structure_factor_coef                 ? 
_refine.ls_weighting_details                     ? 
_refine.ls_weighting_scheme                      ? 
_refine.ls_wR_factor_all                         ? 
_refine.ls_wR_factor_obs                         ? 
_refine.ls_wR_factor_R_free                      ? 
_refine.ls_wR_factor_R_work                      ? 
_refine.occupancy_max                            ? 
_refine.occupancy_min                            ? 
_refine.solvent_model_details                    MASK 
_refine.solvent_model_param_bsol                 ? 
_refine.solvent_model_param_ksol                 ? 
_refine.ls_R_factor_gt                           ? 
_refine.ls_goodness_of_fit_gt                    ? 
_refine.ls_goodness_of_fit_ref                   ? 
_refine.ls_shift_over_su_max                     ? 
_refine.ls_shift_over_su_max_lt                  ? 
_refine.ls_shift_over_su_mean                    ? 
_refine.ls_shift_over_su_mean_lt                 ? 
_refine.pdbx_ls_sigma_I                          ? 
_refine.pdbx_ls_sigma_F                          0.000 
_refine.pdbx_ls_sigma_Fsqd                       ? 
_refine.pdbx_data_cutoff_high_absF               ? 
_refine.pdbx_data_cutoff_high_rms_absF           ? 
_refine.pdbx_data_cutoff_low_absF                ? 
_refine.pdbx_isotropic_thermal_model             ? 
_refine.pdbx_ls_cross_valid_method               THROUGHOUT 
_refine.pdbx_method_to_determine_struct          ? 
_refine.pdbx_starting_model                      ? 
_refine.pdbx_stereochemistry_target_values       'MAXIMUM LIKELIHOOD' 
_refine.pdbx_R_Free_selection_details            RANDOM 
_refine.pdbx_stereochem_target_val_spec_case     ? 
_refine.pdbx_overall_ESU_R                       0.2130 
_refine.pdbx_overall_ESU_R_Free                  0.1920 
_refine.pdbx_solvent_vdw_probe_radii             1.4000 
_refine.pdbx_solvent_ion_probe_radii             0.8000 
_refine.pdbx_solvent_shrinkage_radii             0.8000 
_refine.pdbx_real_space_R                        ? 
_refine.pdbx_density_correlation                 ? 
_refine.pdbx_pd_number_of_powder_patterns        ? 
_refine.pdbx_pd_number_of_points                 ? 
_refine.pdbx_pd_meas_number_of_points            ? 
_refine.pdbx_pd_proc_ls_prof_R_factor            ? 
_refine.pdbx_pd_proc_ls_prof_wR_factor           ? 
_refine.pdbx_pd_Marquardt_correlation_coeff      ? 
_refine.pdbx_pd_Fsqrd_R_factor                   ? 
_refine.pdbx_pd_ls_matrix_band_width             ? 
_refine.pdbx_overall_phase_error                 ? 
_refine.pdbx_overall_SU_R_free_Cruickshank_DPI   ? 
_refine.pdbx_overall_SU_R_free_Blow_DPI          ? 
_refine.pdbx_overall_SU_R_Blow_DPI               ? 
_refine.pdbx_TLS_residual_ADP_flag               ? 
_refine.pdbx_diffrn_id                           1 
_refine.overall_SU_B                             5.0930 
_refine.overall_SU_ML                            0.1340 
_refine.overall_SU_R_Cruickshank_DPI             ? 
_refine.overall_SU_R_free                        ? 
_refine.overall_FOM_free_R_set                   ? 
_refine.overall_FOM_work_R_set                   ? 
# 
_refine_hist.cycle_id                         final 
_refine_hist.pdbx_refine_id                   'X-RAY DIFFRACTION' 
_refine_hist.d_res_high                       2.1700 
_refine_hist.d_res_low                        36.0100 
_refine_hist.pdbx_number_atoms_ligand         18 
_refine_hist.number_atoms_solvent             12 
_refine_hist.number_atoms_total               1145 
_refine_hist.pdbx_number_residues_total       147 
_refine_hist.pdbx_B_iso_mean_ligand           79.40 
_refine_hist.pdbx_B_iso_mean_solvent          44.46 
_refine_hist.pdbx_number_atoms_protein        1115 
_refine_hist.pdbx_number_atoms_nucleic_acid   0 
# 
loop_
_refine_ls_restr.pdbx_refine_id 
_refine_ls_restr.criterion 
_refine_ls_restr.dev_ideal 
_refine_ls_restr.dev_ideal_target 
_refine_ls_restr.number 
_refine_ls_restr.rejects 
_refine_ls_restr.type 
_refine_ls_restr.weight 
_refine_ls_restr.pdbx_restraint_function 
'X-RAY DIFFRACTION' ? 0.012  0.019  1154 ? r_bond_refined_d       ? ? 
'X-RAY DIFFRACTION' ? 0.001  0.020  1135 ? r_bond_other_d         ? ? 
'X-RAY DIFFRACTION' ? 1.465  1.975  1551 ? r_angle_refined_deg    ? ? 
'X-RAY DIFFRACTION' ? 0.795  3.002  2601 ? r_angle_other_deg      ? ? 
'X-RAY DIFFRACTION' ? 6.574  5.000  146  ? r_dihedral_angle_1_deg ? ? 
'X-RAY DIFFRACTION' ? 41.231 22.708 48   ? r_dihedral_angle_2_deg ? ? 
'X-RAY DIFFRACTION' ? 15.774 15.000 195  ? r_dihedral_angle_3_deg ? ? 
'X-RAY DIFFRACTION' ? 15.369 15.000 13   ? r_dihedral_angle_4_deg ? ? 
'X-RAY DIFFRACTION' ? 0.074  0.200  182  ? r_chiral_restr         ? ? 
'X-RAY DIFFRACTION' ? 0.005  0.021  1289 ? r_gen_planes_refined   ? ? 
'X-RAY DIFFRACTION' ? 0.001  0.020  248  ? r_gen_planes_other     ? ? 
'X-RAY DIFFRACTION' ? 4.368  6.231  588  ? r_mcbond_it            ? ? 
'X-RAY DIFFRACTION' ? 4.335  6.221  586  ? r_mcbond_other         ? ? 
'X-RAY DIFFRACTION' ? 6.923  9.307  732  ? r_mcangle_it           ? ? 
# 
_refine_ls_shell.pdbx_refine_id                   'X-RAY DIFFRACTION' 
_refine_ls_shell.d_res_high                       2.1700 
_refine_ls_shell.d_res_low                        2.2260 
_refine_ls_shell.number_reflns_all                877 
_refine_ls_shell.number_reflns_obs                ? 
_refine_ls_shell.number_reflns_R_free             91 
_refine_ls_shell.number_reflns_R_work             786 
_refine_ls_shell.percent_reflns_obs               95.1200 
_refine_ls_shell.percent_reflns_R_free            ? 
_refine_ls_shell.R_factor_all                     ? 
_refine_ls_shell.R_factor_obs                     ? 
_refine_ls_shell.R_factor_R_free                  0.2640 
_refine_ls_shell.R_factor_R_free_error            ? 
_refine_ls_shell.R_factor_R_work                  0.2510 
_refine_ls_shell.redundancy_reflns_all            ? 
_refine_ls_shell.redundancy_reflns_obs            ? 
_refine_ls_shell.wR_factor_all                    ? 
_refine_ls_shell.wR_factor_obs                    ? 
_refine_ls_shell.wR_factor_R_free                 ? 
_refine_ls_shell.wR_factor_R_work                 ? 
_refine_ls_shell.pdbx_total_number_of_bins_used   20 
_refine_ls_shell.pdbx_phase_error                 ? 
# 
_struct.entry_id                     4U9R 
_struct.title                        'Structure of the N-terminal Extension from Cupriavidus metallidurans CzcP' 
_struct.pdbx_model_details           ? 
_struct.pdbx_formula_weight          ? 
_struct.pdbx_formula_weight_method   ? 
_struct.pdbx_model_type_details      ? 
_struct.pdbx_CASP_flag               ? 
# 
_struct_keywords.entry_id        4U9R 
_struct_keywords.text            'ferredoxin-like domain, HYDROLASE' 
_struct_keywords.pdbx_keywords   HYDROLASE 
# 
loop_
_struct_asym.id 
_struct_asym.pdbx_blank_PDB_chainid_flag 
_struct_asym.pdbx_modified 
_struct_asym.entity_id 
_struct_asym.details 
A N N 1 ? 
B N N 2 ? 
C N N 2 ? 
D N N 3 ? 
E N N 4 ? 
# 
_struct_ref.id                         1 
_struct_ref.db_name                    UNP 
_struct_ref.db_code                    Q1LAJ7_RALME 
_struct_ref.pdbx_db_accession          Q1LAJ7 
_struct_ref.pdbx_db_isoform            ? 
_struct_ref.entity_id                  1 
_struct_ref.pdbx_seq_one_letter_code   
;TEKLRLDIPVLLPGLPDSSDPCVERLLSELRGKEGVEAAHIKTANVDSDSQICVHYDPAAISLARIRELVTSTGAVISSR
FGHVLWQLKGVWHERRARTVASQLRALPGVIEAEVSASGIARVEFDNDRISAAGIEQALSKRGLAPVEIGARKSGHADHE
HREGVKDHAHGEGEGHEAHAHGSVFG
;
_struct_ref.pdbx_align_begin           2 
# 
_struct_ref_seq.align_id                      1 
_struct_ref_seq.ref_id                        1 
_struct_ref_seq.pdbx_PDB_id_code              4U9R 
_struct_ref_seq.pdbx_strand_id                A 
_struct_ref_seq.seq_align_beg                 23 
_struct_ref_seq.pdbx_seq_align_beg_ins_code   ? 
_struct_ref_seq.seq_align_end                 208 
_struct_ref_seq.pdbx_seq_align_end_ins_code   ? 
_struct_ref_seq.pdbx_db_accession             Q1LAJ7 
_struct_ref_seq.db_align_beg                  2 
_struct_ref_seq.pdbx_db_align_beg_ins_code    ? 
_struct_ref_seq.db_align_end                  187 
_struct_ref_seq.pdbx_db_align_end_ins_code    ? 
_struct_ref_seq.pdbx_auth_seq_align_beg       23 
_struct_ref_seq.pdbx_auth_seq_align_end       208 
# 
loop_
_struct_ref_seq_dif.align_id 
_struct_ref_seq_dif.pdbx_pdb_id_code 
_struct_ref_seq_dif.mon_id 
_struct_ref_seq_dif.pdbx_pdb_strand_id 
_struct_ref_seq_dif.seq_num 
_struct_ref_seq_dif.pdbx_pdb_ins_code 
_struct_ref_seq_dif.pdbx_seq_db_name 
_struct_ref_seq_dif.pdbx_seq_db_accession_code 
_struct_ref_seq_dif.db_mon_id 
_struct_ref_seq_dif.pdbx_seq_db_seq_num 
_struct_ref_seq_dif.details 
_struct_ref_seq_dif.pdbx_auth_seq_num 
_struct_ref_seq_dif.pdbx_ordinal 
1 4U9R MET A 1  ? UNP Q1LAJ7 ? ? 'expression tag' 1  1  
1 4U9R ALA A 2  ? UNP Q1LAJ7 ? ? 'expression tag' 2  2  
1 4U9R SER A 3  ? UNP Q1LAJ7 ? ? 'expression tag' 3  3  
1 4U9R TRP A 4  ? UNP Q1LAJ7 ? ? 'expression tag' 4  4  
1 4U9R SER A 5  ? UNP Q1LAJ7 ? ? 'expression tag' 5  5  
1 4U9R HIS A 6  ? UNP Q1LAJ7 ? ? 'expression tag' 6  6  
1 4U9R PRO A 7  ? UNP Q1LAJ7 ? ? 'expression tag' 7  7  
1 4U9R GLN A 8  ? UNP Q1LAJ7 ? ? 'expression tag' 8  8  
1 4U9R PHE A 9  ? UNP Q1LAJ7 ? ? 'expression tag' 9  9  
1 4U9R GLU A 10 ? UNP Q1LAJ7 ? ? 'expression tag' 10 10 
1 4U9R LYS A 11 ? UNP Q1LAJ7 ? ? 'expression tag' 11 11 
1 4U9R GLY A 12 ? UNP Q1LAJ7 ? ? 'expression tag' 12 12 
1 4U9R ALA A 13 ? UNP Q1LAJ7 ? ? 'expression tag' 13 13 
1 4U9R GLU A 14 ? UNP Q1LAJ7 ? ? 'expression tag' 14 14 
1 4U9R ASN A 15 ? UNP Q1LAJ7 ? ? 'expression tag' 15 15 
1 4U9R LEU A 16 ? UNP Q1LAJ7 ? ? 'expression tag' 16 16 
1 4U9R TYR A 17 ? UNP Q1LAJ7 ? ? 'expression tag' 17 17 
1 4U9R PHE A 18 ? UNP Q1LAJ7 ? ? 'expression tag' 18 18 
1 4U9R GLN A 19 ? UNP Q1LAJ7 ? ? 'expression tag' 19 19 
1 4U9R SER A 20 ? UNP Q1LAJ7 ? ? 'expression tag' 20 20 
1 4U9R ASN A 21 ? UNP Q1LAJ7 ? ? 'expression tag' 21 21 
1 4U9R ALA A 22 ? UNP Q1LAJ7 ? ? 'expression tag' 22 22 
# 
_pdbx_struct_assembly.id                   1 
_pdbx_struct_assembly.details              author_defined_assembly 
_pdbx_struct_assembly.method_details       ? 
_pdbx_struct_assembly.oligomeric_details   monomeric 
_pdbx_struct_assembly.oligomeric_count     1 
# 
_pdbx_struct_assembly_gen.assembly_id       1 
_pdbx_struct_assembly_gen.oper_expression   1 
_pdbx_struct_assembly_gen.asym_id_list      A,B,C,D,E 
# 
_pdbx_struct_oper_list.id                   1 
_pdbx_struct_oper_list.type                 'identity operation' 
_pdbx_struct_oper_list.name                 1_555 
_pdbx_struct_oper_list.symmetry_operation   x,y,z 
_pdbx_struct_oper_list.matrix[1][1]         1.0000000000 
_pdbx_struct_oper_list.matrix[1][2]         0.0000000000 
_pdbx_struct_oper_list.matrix[1][3]         0.0000000000 
_pdbx_struct_oper_list.vector[1]            0.0000000000 
_pdbx_struct_oper_list.matrix[2][1]         0.0000000000 
_pdbx_struct_oper_list.matrix[2][2]         1.0000000000 
_pdbx_struct_oper_list.matrix[2][3]         0.0000000000 
_pdbx_struct_oper_list.vector[2]            0.0000000000 
_pdbx_struct_oper_list.matrix[3][1]         0.0000000000 
_pdbx_struct_oper_list.matrix[3][2]         0.0000000000 
_pdbx_struct_oper_list.matrix[3][3]         1.0000000000 
_pdbx_struct_oper_list.vector[3]            0.0000000000 
# 
_struct_biol.details                      'biological unit is the same as asym.' 
_struct_biol.id                           1 
_struct_biol.pdbx_parent_biol_id          ? 
_struct_biol.pdbx_formula_weight          ? 
_struct_biol.pdbx_formula_weight_method   ? 
_struct_biol.pdbx_aggregation_state       ? 
_struct_biol.pdbx_assembly_method         ? 
# 
loop_
_struct_conf.conf_type_id 
_struct_conf.id 
_struct_conf.pdbx_PDB_helix_id 
_struct_conf.beg_label_comp_id 
_struct_conf.beg_label_asym_id 
_struct_conf.beg_label_seq_id 
_struct_conf.pdbx_beg_PDB_ins_code 
_struct_conf.end_label_comp_id 
_struct_conf.end_label_asym_id 
_struct_conf.end_label_seq_id 
_struct_conf.pdbx_end_PDB_ins_code 
_struct_conf.beg_auth_comp_id 
_struct_conf.beg_auth_asym_id 
_struct_conf.beg_auth_seq_id 
_struct_conf.end_auth_comp_id 
_struct_conf.end_auth_asym_id 
_struct_conf.end_auth_seq_id 
_struct_conf.pdbx_PDB_helix_class 
_struct_conf.details 
_struct_conf.pdbx_PDB_helix_length 
HELX_P HELX_P1 AA1 ILE A 30  ? LEU A 34  ? ILE A 30  LEU A 34  1 ? 5  
HELX_P HELX_P2 AA2 ASP A 42  ? GLY A 54  ? ASP A 42  GLY A 54  1 ? 13 
HELX_P HELX_P3 AA3 VAL A 68  ? ASP A 71  ? VAL A 68  ASP A 71  5 ? 4  
HELX_P HELX_P4 AA4 SER A 84  ? ARG A 102 ? SER A 84  ARG A 102 1 ? 19 
HELX_P HELX_P5 AA5 HIS A 115 ? ALA A 128 ? HIS A 115 ALA A 128 1 ? 14 
HELX_P HELX_P6 AA6 SER A 153 ? LYS A 163 ? SER A 153 LYS A 163 1 ? 11 
# 
_struct_conf_type.id          HELX_P 
_struct_conf_type.criteria    ? 
_struct_conf_type.reference   ? 
# 
loop_
_struct_conn.id 
_struct_conn.conn_type_id 
_struct_conn.pdbx_leaving_atom_flag 
_struct_conn.pdbx_PDB_id 
_struct_conn.ptnr1_label_asym_id 
_struct_conn.ptnr1_label_comp_id 
_struct_conn.ptnr1_label_seq_id 
_struct_conn.ptnr1_label_atom_id 
_struct_conn.pdbx_ptnr1_label_alt_id 
_struct_conn.pdbx_ptnr1_PDB_ins_code 
_struct_conn.pdbx_ptnr1_standard_comp_id 
_struct_conn.ptnr1_symmetry 
_struct_conn.ptnr2_label_asym_id 
_struct_conn.ptnr2_label_comp_id 
_struct_conn.ptnr2_label_seq_id 
_struct_conn.ptnr2_label_atom_id 
_struct_conn.pdbx_ptnr2_label_alt_id 
_struct_conn.pdbx_ptnr2_PDB_ins_code 
_struct_conn.ptnr1_auth_asym_id 
_struct_conn.ptnr1_auth_comp_id 
_struct_conn.ptnr1_auth_seq_id 
_struct_conn.ptnr2_auth_asym_id 
_struct_conn.ptnr2_auth_comp_id 
_struct_conn.ptnr2_auth_seq_id 
_struct_conn.ptnr2_symmetry 
_struct_conn.pdbx_ptnr3_label_atom_id 
_struct_conn.pdbx_ptnr3_label_seq_id 
_struct_conn.pdbx_ptnr3_label_comp_id 
_struct_conn.pdbx_ptnr3_label_asym_id 
_struct_conn.pdbx_ptnr3_label_alt_id 
_struct_conn.pdbx_ptnr3_PDB_ins_code 
_struct_conn.details 
_struct_conn.pdbx_dist_value 
_struct_conn.pdbx_value_order 
_struct_conn.pdbx_role 
metalc1 metalc ? ? A ASP 42  OD1 ? ? ? 1_555 B CD . CD ? ? A ASP 42  A CD 301 1_555 ? ? ? ? ? ? ? 2.104 ? ? 
metalc2 metalc ? ? A CYS 44  SG  ? ? ? 1_555 B CD . CD ? ? A CYS 44  A CD 301 1_555 ? ? ? ? ? ? ? 2.590 ? ? 
metalc3 metalc ? ? A HIS 62  NE2 ? ? ? 1_555 C CD . CD ? ? A HIS 62  A CD 302 1_555 ? ? ? ? ? ? ? 2.220 ? ? 
metalc4 metalc ? ? A CYS 75  SG  ? ? ? 1_555 C CD . CD ? ? A CYS 75  A CD 302 1_555 ? ? ? ? ? ? ? 2.506 ? ? 
metalc5 metalc ? ? A HIS 77  NE2 ? ? ? 1_555 C CD . CD ? ? A HIS 77  A CD 302 1_555 ? ? ? ? ? ? ? 2.167 ? ? 
metalc6 metalc ? ? A HIS 105 NE2 ? ? ? 1_555 B CD . CD ? ? A HIS 105 A CD 301 1_555 ? ? ? ? ? ? ? 2.215 ? ? 
metalc7 metalc ? ? A GLU 146 OE1 ? ? ? 1_555 B CD . CD ? ? A GLU 146 A CD 301 1_555 ? ? ? ? ? ? ? 2.652 ? ? 
metalc8 metalc ? ? A GLU 146 OE2 ? ? ? 1_555 B CD . CD ? ? A GLU 146 A CD 301 1_555 ? ? ? ? ? ? ? 2.123 ? ? 
# 
_struct_conn_type.id          metalc 
_struct_conn_type.criteria    ? 
_struct_conn_type.reference   ? 
# 
loop_
_pdbx_struct_conn_angle.id 
_pdbx_struct_conn_angle.ptnr1_label_atom_id 
_pdbx_struct_conn_angle.ptnr1_label_alt_id 
_pdbx_struct_conn_angle.ptnr1_label_asym_id 
_pdbx_struct_conn_angle.ptnr1_label_comp_id 
_pdbx_struct_conn_angle.ptnr1_label_seq_id 
_pdbx_struct_conn_angle.ptnr1_auth_atom_id 
_pdbx_struct_conn_angle.ptnr1_auth_asym_id 
_pdbx_struct_conn_angle.ptnr1_auth_comp_id 
_pdbx_struct_conn_angle.ptnr1_auth_seq_id 
_pdbx_struct_conn_angle.ptnr1_PDB_ins_code 
_pdbx_struct_conn_angle.ptnr1_symmetry 
_pdbx_struct_conn_angle.ptnr2_label_atom_id 
_pdbx_struct_conn_angle.ptnr2_label_alt_id 
_pdbx_struct_conn_angle.ptnr2_label_asym_id 
_pdbx_struct_conn_angle.ptnr2_label_comp_id 
_pdbx_struct_conn_angle.ptnr2_label_seq_id 
_pdbx_struct_conn_angle.ptnr2_auth_atom_id 
_pdbx_struct_conn_angle.ptnr2_auth_asym_id 
_pdbx_struct_conn_angle.ptnr2_auth_comp_id 
_pdbx_struct_conn_angle.ptnr2_auth_seq_id 
_pdbx_struct_conn_angle.ptnr2_PDB_ins_code 
_pdbx_struct_conn_angle.ptnr2_symmetry 
_pdbx_struct_conn_angle.ptnr3_label_atom_id 
_pdbx_struct_conn_angle.ptnr3_label_alt_id 
_pdbx_struct_conn_angle.ptnr3_label_asym_id 
_pdbx_struct_conn_angle.ptnr3_label_comp_id 
_pdbx_struct_conn_angle.ptnr3_label_seq_id 
_pdbx_struct_conn_angle.ptnr3_auth_atom_id 
_pdbx_struct_conn_angle.ptnr3_auth_asym_id 
_pdbx_struct_conn_angle.ptnr3_auth_comp_id 
_pdbx_struct_conn_angle.ptnr3_auth_seq_id 
_pdbx_struct_conn_angle.ptnr3_PDB_ins_code 
_pdbx_struct_conn_angle.ptnr3_symmetry 
_pdbx_struct_conn_angle.value 
_pdbx_struct_conn_angle.value_esd 
1  OD1 ? A ASP 42  ? A ASP 42  ? 1_555 CD ? B CD . ? A CD 301 ? 1_555 SG  ? A CYS 44  ? A CYS 44  ? 1_555 99.9  ? 
2  OD1 ? A ASP 42  ? A ASP 42  ? 1_555 CD ? B CD . ? A CD 301 ? 1_555 NE2 ? A HIS 105 ? A HIS 105 ? 1_555 116.4 ? 
3  SG  ? A CYS 44  ? A CYS 44  ? 1_555 CD ? B CD . ? A CD 301 ? 1_555 NE2 ? A HIS 105 ? A HIS 105 ? 1_555 101.3 ? 
4  OD1 ? A ASP 42  ? A ASP 42  ? 1_555 CD ? B CD . ? A CD 301 ? 1_555 OE1 ? A GLU 146 ? A GLU 146 ? 1_555 87.4  ? 
5  SG  ? A CYS 44  ? A CYS 44  ? 1_555 CD ? B CD . ? A CD 301 ? 1_555 OE1 ? A GLU 146 ? A GLU 146 ? 1_555 133.3 ? 
6  NE2 ? A HIS 105 ? A HIS 105 ? 1_555 CD ? B CD . ? A CD 301 ? 1_555 OE1 ? A GLU 146 ? A GLU 146 ? 1_555 116.5 ? 
7  OD1 ? A ASP 42  ? A ASP 42  ? 1_555 CD ? B CD . ? A CD 301 ? 1_555 OE2 ? A GLU 146 ? A GLU 146 ? 1_555 124.2 ? 
8  SG  ? A CYS 44  ? A CYS 44  ? 1_555 CD ? B CD . ? A CD 301 ? 1_555 OE2 ? A GLU 146 ? A GLU 146 ? 1_555 86.8  ? 
9  NE2 ? A HIS 105 ? A HIS 105 ? 1_555 CD ? B CD . ? A CD 301 ? 1_555 OE2 ? A GLU 146 ? A GLU 146 ? 1_555 116.2 ? 
10 OE1 ? A GLU 146 ? A GLU 146 ? 1_555 CD ? B CD . ? A CD 301 ? 1_555 OE2 ? A GLU 146 ? A GLU 146 ? 1_555 53.1  ? 
11 NE2 ? A HIS 62  ? A HIS 62  ? 1_555 CD ? C CD . ? A CD 302 ? 1_555 SG  ? A CYS 75  ? A CYS 75  ? 1_555 113.5 ? 
12 NE2 ? A HIS 62  ? A HIS 62  ? 1_555 CD ? C CD . ? A CD 302 ? 1_555 NE2 ? A HIS 77  ? A HIS 77  ? 1_555 99.1  ? 
13 SG  ? A CYS 75  ? A CYS 75  ? 1_555 CD ? C CD . ? A CD 302 ? 1_555 NE2 ? A HIS 77  ? A HIS 77  ? 1_555 101.3 ? 
# 
loop_
_struct_sheet.id 
_struct_sheet.type 
_struct_sheet.number_strands 
_struct_sheet.details 
AA1 ? 3 ? 
AA2 ? 3 ? 
# 
loop_
_struct_sheet_order.sheet_id 
_struct_sheet_order.range_id_1 
_struct_sheet_order.range_id_2 
_struct_sheet_order.offset 
_struct_sheet_order.sense 
AA1 1 2 ? anti-parallel 
AA1 2 3 ? anti-parallel 
AA2 1 2 ? anti-parallel 
AA2 2 3 ? anti-parallel 
# 
loop_
_struct_sheet_range.sheet_id 
_struct_sheet_range.id 
_struct_sheet_range.beg_label_comp_id 
_struct_sheet_range.beg_label_asym_id 
_struct_sheet_range.beg_label_seq_id 
_struct_sheet_range.pdbx_beg_PDB_ins_code 
_struct_sheet_range.end_label_comp_id 
_struct_sheet_range.end_label_asym_id 
_struct_sheet_range.end_label_seq_id 
_struct_sheet_range.pdbx_end_PDB_ins_code 
_struct_sheet_range.beg_auth_comp_id 
_struct_sheet_range.beg_auth_asym_id 
_struct_sheet_range.beg_auth_seq_id 
_struct_sheet_range.end_auth_comp_id 
_struct_sheet_range.end_auth_asym_id 
_struct_sheet_range.end_auth_seq_id 
AA1 1 GLU A 24  ? ASP A 29  ? GLU A 24  ASP A 29  
AA1 2 GLN A 73  ? TYR A 78  ? GLN A 73  TYR A 78  
AA1 3 VAL A 58  ? LYS A 64  ? VAL A 58  LYS A 64  
AA2 1 PHE A 103 ? GLN A 109 ? PHE A 103 GLN A 109 
AA2 2 ILE A 142 ? ASP A 148 ? ILE A 142 ASP A 148 
AA2 3 VAL A 132 ? VAL A 137 ? VAL A 132 VAL A 137 
# 
loop_
_pdbx_struct_sheet_hbond.sheet_id 
_pdbx_struct_sheet_hbond.range_id_1 
_pdbx_struct_sheet_hbond.range_id_2 
_pdbx_struct_sheet_hbond.range_1_label_atom_id 
_pdbx_struct_sheet_hbond.range_1_label_comp_id 
_pdbx_struct_sheet_hbond.range_1_label_asym_id 
_pdbx_struct_sheet_hbond.range_1_label_seq_id 
_pdbx_struct_sheet_hbond.range_1_PDB_ins_code 
_pdbx_struct_sheet_hbond.range_1_auth_atom_id 
_pdbx_struct_sheet_hbond.range_1_auth_comp_id 
_pdbx_struct_sheet_hbond.range_1_auth_asym_id 
_pdbx_struct_sheet_hbond.range_1_auth_seq_id 
_pdbx_struct_sheet_hbond.range_2_label_atom_id 
_pdbx_struct_sheet_hbond.range_2_label_comp_id 
_pdbx_struct_sheet_hbond.range_2_label_asym_id 
_pdbx_struct_sheet_hbond.range_2_label_seq_id 
_pdbx_struct_sheet_hbond.range_2_PDB_ins_code 
_pdbx_struct_sheet_hbond.range_2_auth_atom_id 
_pdbx_struct_sheet_hbond.range_2_auth_comp_id 
_pdbx_struct_sheet_hbond.range_2_auth_asym_id 
_pdbx_struct_sheet_hbond.range_2_auth_seq_id 
AA1 1 2 N GLU A 24  ? N GLU A 24  O TYR A 78  ? O TYR A 78  
AA1 2 3 O CYS A 75  ? O CYS A 75  N HIS A 62  ? N HIS A 62  
AA2 1 2 N TRP A 108 ? N TRP A 108 O ALA A 143 ? O ALA A 143 
AA2 2 3 O GLU A 146 ? O GLU A 146 N ILE A 133 ? N ILE A 133 
# 
loop_
_struct_site.id 
_struct_site.pdbx_evidence_code 
_struct_site.pdbx_auth_asym_id 
_struct_site.pdbx_auth_comp_id 
_struct_site.pdbx_auth_seq_id 
_struct_site.pdbx_auth_ins_code 
_struct_site.pdbx_num_residues 
_struct_site.details 
AC1 Software A CD  301 ? 4 'binding site for residue CD A 301'  
AC2 Software A CD  302 ? 4 'binding site for residue CD A 302'  
AC3 Software A TCE 303 ? 7 'binding site for residue TCE A 303' 
# 
loop_
_struct_site_gen.id 
_struct_site_gen.site_id 
_struct_site_gen.pdbx_num_res 
_struct_site_gen.label_comp_id 
_struct_site_gen.label_asym_id 
_struct_site_gen.label_seq_id 
_struct_site_gen.pdbx_auth_ins_code 
_struct_site_gen.auth_comp_id 
_struct_site_gen.auth_asym_id 
_struct_site_gen.auth_seq_id 
_struct_site_gen.label_atom_id 
_struct_site_gen.label_alt_id 
_struct_site_gen.symmetry 
_struct_site_gen.details 
1  AC1 4 ASP A 42  ? ASP A 42  . ? 1_555 ? 
2  AC1 4 CYS A 44  ? CYS A 44  . ? 1_555 ? 
3  AC1 4 HIS A 105 ? HIS A 105 . ? 1_555 ? 
4  AC1 4 GLU A 146 ? GLU A 146 . ? 1_555 ? 
5  AC2 4 HIS A 62  ? HIS A 62  . ? 1_555 ? 
6  AC2 4 CYS A 75  ? CYS A 75  . ? 1_555 ? 
7  AC2 4 HIS A 77  ? HIS A 77  . ? 1_555 ? 
8  AC2 4 TCE D .   ? TCE A 303 . ? 1_555 ? 
9  AC3 7 LYS A 25  ? LYS A 25  . ? 1_555 ? 
10 AC3 7 ARG A 27  ? ARG A 27  . ? 1_555 ? 
11 AC3 7 GLU A 46  ? GLU A 46  . ? 3_565 ? 
12 AC3 7 HIS A 62  ? HIS A 62  . ? 1_555 ? 
13 AC3 7 LYS A 64  ? LYS A 64  . ? 1_555 ? 
14 AC3 7 HIS A 77  ? HIS A 77  . ? 1_555 ? 
15 AC3 7 CD  C .   ? CD  A 302 . ? 1_555 ? 
# 
loop_
_pdbx_validate_torsion.id 
_pdbx_validate_torsion.PDB_model_num 
_pdbx_validate_torsion.auth_comp_id 
_pdbx_validate_torsion.auth_asym_id 
_pdbx_validate_torsion.auth_seq_id 
_pdbx_validate_torsion.PDB_ins_code 
_pdbx_validate_torsion.label_alt_id 
_pdbx_validate_torsion.phi 
_pdbx_validate_torsion.psi 
1 1 SER A 140 ? ? 83.63  1.82   
2 1 ARG A 164 ? ? -93.46 -78.40 
# 
loop_
_pdbx_unobs_or_zero_occ_residues.id 
_pdbx_unobs_or_zero_occ_residues.PDB_model_num 
_pdbx_unobs_or_zero_occ_residues.polymer_flag 
_pdbx_unobs_or_zero_occ_residues.occupancy_flag 
_pdbx_unobs_or_zero_occ_residues.auth_asym_id 
_pdbx_unobs_or_zero_occ_residues.auth_comp_id 
_pdbx_unobs_or_zero_occ_residues.auth_seq_id 
_pdbx_unobs_or_zero_occ_residues.PDB_ins_code 
_pdbx_unobs_or_zero_occ_residues.label_asym_id 
_pdbx_unobs_or_zero_occ_residues.label_comp_id 
_pdbx_unobs_or_zero_occ_residues.label_seq_id 
1  1 Y 1 A MET 1   ? A MET 1   
2  1 Y 1 A ALA 2   ? A ALA 2   
3  1 Y 1 A SER 3   ? A SER 3   
4  1 Y 1 A TRP 4   ? A TRP 4   
5  1 Y 1 A SER 5   ? A SER 5   
6  1 Y 1 A HIS 6   ? A HIS 6   
7  1 Y 1 A PRO 7   ? A PRO 7   
8  1 Y 1 A GLN 8   ? A GLN 8   
9  1 Y 1 A PHE 9   ? A PHE 9   
10 1 Y 1 A GLU 10  ? A GLU 10  
11 1 Y 1 A LYS 11  ? A LYS 11  
12 1 Y 1 A GLY 12  ? A GLY 12  
13 1 Y 1 A ALA 13  ? A ALA 13  
14 1 Y 1 A GLU 14  ? A GLU 14  
15 1 Y 1 A ASN 15  ? A ASN 15  
16 1 Y 1 A LEU 16  ? A LEU 16  
17 1 Y 1 A TYR 17  ? A TYR 17  
18 1 Y 1 A PHE 18  ? A PHE 18  
19 1 Y 1 A GLN 19  ? A GLN 19  
20 1 Y 1 A SER 20  ? A SER 20  
21 1 Y 1 A PRO 168 ? A PRO 168 
22 1 Y 1 A VAL 169 ? A VAL 169 
23 1 Y 1 A GLU 170 ? A GLU 170 
24 1 Y 1 A ILE 171 ? A ILE 171 
25 1 Y 1 A GLY 172 ? A GLY 172 
26 1 Y 1 A ALA 173 ? A ALA 173 
27 1 Y 1 A ARG 174 ? A ARG 174 
28 1 Y 1 A LYS 175 ? A LYS 175 
29 1 Y 1 A SER 176 ? A SER 176 
30 1 Y 1 A GLY 177 ? A GLY 177 
31 1 Y 1 A HIS 178 ? A HIS 178 
32 1 Y 1 A ALA 179 ? A ALA 179 
33 1 Y 1 A ASP 180 ? A ASP 180 
34 1 Y 1 A HIS 181 ? A HIS 181 
35 1 Y 1 A GLU 182 ? A GLU 182 
36 1 Y 1 A HIS 183 ? A HIS 183 
37 1 Y 1 A ARG 184 ? A ARG 184 
38 1 Y 1 A GLU 185 ? A GLU 185 
39 1 Y 1 A GLY 186 ? A GLY 186 
40 1 Y 1 A VAL 187 ? A VAL 187 
41 1 Y 1 A LYS 188 ? A LYS 188 
42 1 Y 1 A ASP 189 ? A ASP 189 
43 1 Y 1 A HIS 190 ? A HIS 190 
44 1 Y 1 A ALA 191 ? A ALA 191 
45 1 Y 1 A HIS 192 ? A HIS 192 
46 1 Y 1 A GLY 193 ? A GLY 193 
47 1 Y 1 A GLU 194 ? A GLU 194 
48 1 Y 1 A GLY 195 ? A GLY 195 
49 1 Y 1 A GLU 196 ? A GLU 196 
50 1 Y 1 A GLY 197 ? A GLY 197 
51 1 Y 1 A HIS 198 ? A HIS 198 
52 1 Y 1 A GLU 199 ? A GLU 199 
53 1 Y 1 A ALA 200 ? A ALA 200 
54 1 Y 1 A HIS 201 ? A HIS 201 
55 1 Y 1 A ALA 202 ? A ALA 202 
56 1 Y 1 A HIS 203 ? A HIS 203 
57 1 Y 1 A GLY 204 ? A GLY 204 
58 1 Y 1 A SER 205 ? A SER 205 
59 1 Y 1 A VAL 206 ? A VAL 206 
60 1 Y 1 A PHE 207 ? A PHE 207 
61 1 Y 1 A GLY 208 ? A GLY 208 
# 
loop_
_chem_comp_atom.comp_id 
_chem_comp_atom.atom_id 
_chem_comp_atom.type_symbol 
_chem_comp_atom.pdbx_aromatic_flag 
_chem_comp_atom.pdbx_stereo_config 
_chem_comp_atom.pdbx_ordinal 
ALA N    N  N N 1   
ALA CA   C  N S 2   
ALA C    C  N N 3   
ALA O    O  N N 4   
ALA CB   C  N N 5   
ALA OXT  O  N N 6   
ALA H    H  N N 7   
ALA H2   H  N N 8   
ALA HA   H  N N 9   
ALA HB1  H  N N 10  
ALA HB2  H  N N 11  
ALA HB3  H  N N 12  
ALA HXT  H  N N 13  
ARG N    N  N N 14  
ARG CA   C  N S 15  
ARG C    C  N N 16  
ARG O    O  N N 17  
ARG CB   C  N N 18  
ARG CG   C  N N 19  
ARG CD   C  N N 20  
ARG NE   N  N N 21  
ARG CZ   C  N N 22  
ARG NH1  N  N N 23  
ARG NH2  N  N N 24  
ARG OXT  O  N N 25  
ARG H    H  N N 26  
ARG H2   H  N N 27  
ARG HA   H  N N 28  
ARG HB2  H  N N 29  
ARG HB3  H  N N 30  
ARG HG2  H  N N 31  
ARG HG3  H  N N 32  
ARG HD2  H  N N 33  
ARG HD3  H  N N 34  
ARG HE   H  N N 35  
ARG HH11 H  N N 36  
ARG HH12 H  N N 37  
ARG HH21 H  N N 38  
ARG HH22 H  N N 39  
ARG HXT  H  N N 40  
ASN N    N  N N 41  
ASN CA   C  N S 42  
ASN C    C  N N 43  
ASN O    O  N N 44  
ASN CB   C  N N 45  
ASN CG   C  N N 46  
ASN OD1  O  N N 47  
ASN ND2  N  N N 48  
ASN OXT  O  N N 49  
ASN H    H  N N 50  
ASN H2   H  N N 51  
ASN HA   H  N N 52  
ASN HB2  H  N N 53  
ASN HB3  H  N N 54  
ASN HD21 H  N N 55  
ASN HD22 H  N N 56  
ASN HXT  H  N N 57  
ASP N    N  N N 58  
ASP CA   C  N S 59  
ASP C    C  N N 60  
ASP O    O  N N 61  
ASP CB   C  N N 62  
ASP CG   C  N N 63  
ASP OD1  O  N N 64  
ASP OD2  O  N N 65  
ASP OXT  O  N N 66  
ASP H    H  N N 67  
ASP H2   H  N N 68  
ASP HA   H  N N 69  
ASP HB2  H  N N 70  
ASP HB3  H  N N 71  
ASP HD2  H  N N 72  
ASP HXT  H  N N 73  
CD  CD   CD N N 74  
CYS N    N  N N 75  
CYS CA   C  N R 76  
CYS C    C  N N 77  
CYS O    O  N N 78  
CYS CB   C  N N 79  
CYS SG   S  N N 80  
CYS OXT  O  N N 81  
CYS H    H  N N 82  
CYS H2   H  N N 83  
CYS HA   H  N N 84  
CYS HB2  H  N N 85  
CYS HB3  H  N N 86  
CYS HG   H  N N 87  
CYS HXT  H  N N 88  
GLN N    N  N N 89  
GLN CA   C  N S 90  
GLN C    C  N N 91  
GLN O    O  N N 92  
GLN CB   C  N N 93  
GLN CG   C  N N 94  
GLN CD   C  N N 95  
GLN OE1  O  N N 96  
GLN NE2  N  N N 97  
GLN OXT  O  N N 98  
GLN H    H  N N 99  
GLN H2   H  N N 100 
GLN HA   H  N N 101 
GLN HB2  H  N N 102 
GLN HB3  H  N N 103 
GLN HG2  H  N N 104 
GLN HG3  H  N N 105 
GLN HE21 H  N N 106 
GLN HE22 H  N N 107 
GLN HXT  H  N N 108 
GLU N    N  N N 109 
GLU CA   C  N S 110 
GLU C    C  N N 111 
GLU O    O  N N 112 
GLU CB   C  N N 113 
GLU CG   C  N N 114 
GLU CD   C  N N 115 
GLU OE1  O  N N 116 
GLU OE2  O  N N 117 
GLU OXT  O  N N 118 
GLU H    H  N N 119 
GLU H2   H  N N 120 
GLU HA   H  N N 121 
GLU HB2  H  N N 122 
GLU HB3  H  N N 123 
GLU HG2  H  N N 124 
GLU HG3  H  N N 125 
GLU HE2  H  N N 126 
GLU HXT  H  N N 127 
GLY N    N  N N 128 
GLY CA   C  N N 129 
GLY C    C  N N 130 
GLY O    O  N N 131 
GLY OXT  O  N N 132 
GLY H    H  N N 133 
GLY H2   H  N N 134 
GLY HA2  H  N N 135 
GLY HA3  H  N N 136 
GLY HXT  H  N N 137 
HIS N    N  N N 138 
HIS CA   C  N S 139 
HIS C    C  N N 140 
HIS O    O  N N 141 
HIS CB   C  N N 142 
HIS CG   C  Y N 143 
HIS ND1  N  Y N 144 
HIS CD2  C  Y N 145 
HIS CE1  C  Y N 146 
HIS NE2  N  Y N 147 
HIS OXT  O  N N 148 
HIS H    H  N N 149 
HIS H2   H  N N 150 
HIS HA   H  N N 151 
HIS HB2  H  N N 152 
HIS HB3  H  N N 153 
HIS HD1  H  N N 154 
HIS HD2  H  N N 155 
HIS HE1  H  N N 156 
HIS HE2  H  N N 157 
HIS HXT  H  N N 158 
HOH O    O  N N 159 
HOH H1   H  N N 160 
HOH H2   H  N N 161 
ILE N    N  N N 162 
ILE CA   C  N S 163 
ILE C    C  N N 164 
ILE O    O  N N 165 
ILE CB   C  N S 166 
ILE CG1  C  N N 167 
ILE CG2  C  N N 168 
ILE CD1  C  N N 169 
ILE OXT  O  N N 170 
ILE H    H  N N 171 
ILE H2   H  N N 172 
ILE HA   H  N N 173 
ILE HB   H  N N 174 
ILE HG12 H  N N 175 
ILE HG13 H  N N 176 
ILE HG21 H  N N 177 
ILE HG22 H  N N 178 
ILE HG23 H  N N 179 
ILE HD11 H  N N 180 
ILE HD12 H  N N 181 
ILE HD13 H  N N 182 
ILE HXT  H  N N 183 
LEU N    N  N N 184 
LEU CA   C  N S 185 
LEU C    C  N N 186 
LEU O    O  N N 187 
LEU CB   C  N N 188 
LEU CG   C  N N 189 
LEU CD1  C  N N 190 
LEU CD2  C  N N 191 
LEU OXT  O  N N 192 
LEU H    H  N N 193 
LEU H2   H  N N 194 
LEU HA   H  N N 195 
LEU HB2  H  N N 196 
LEU HB3  H  N N 197 
LEU HG   H  N N 198 
LEU HD11 H  N N 199 
LEU HD12 H  N N 200 
LEU HD13 H  N N 201 
LEU HD21 H  N N 202 
LEU HD22 H  N N 203 
LEU HD23 H  N N 204 
LEU HXT  H  N N 205 
LYS N    N  N N 206 
LYS CA   C  N S 207 
LYS C    C  N N 208 
LYS O    O  N N 209 
LYS CB   C  N N 210 
LYS CG   C  N N 211 
LYS CD   C  N N 212 
LYS CE   C  N N 213 
LYS NZ   N  N N 214 
LYS OXT  O  N N 215 
LYS H    H  N N 216 
LYS H2   H  N N 217 
LYS HA   H  N N 218 
LYS HB2  H  N N 219 
LYS HB3  H  N N 220 
LYS HG2  H  N N 221 
LYS HG3  H  N N 222 
LYS HD2  H  N N 223 
LYS HD3  H  N N 224 
LYS HE2  H  N N 225 
LYS HE3  H  N N 226 
LYS HZ1  H  N N 227 
LYS HZ2  H  N N 228 
LYS HZ3  H  N N 229 
LYS HXT  H  N N 230 
MET N    N  N N 231 
MET CA   C  N S 232 
MET C    C  N N 233 
MET O    O  N N 234 
MET CB   C  N N 235 
MET CG   C  N N 236 
MET SD   S  N N 237 
MET CE   C  N N 238 
MET OXT  O  N N 239 
MET H    H  N N 240 
MET H2   H  N N 241 
MET HA   H  N N 242 
MET HB2  H  N N 243 
MET HB3  H  N N 244 
MET HG2  H  N N 245 
MET HG3  H  N N 246 
MET HE1  H  N N 247 
MET HE2  H  N N 248 
MET HE3  H  N N 249 
MET HXT  H  N N 250 
PHE N    N  N N 251 
PHE CA   C  N S 252 
PHE C    C  N N 253 
PHE O    O  N N 254 
PHE CB   C  N N 255 
PHE CG   C  Y N 256 
PHE CD1  C  Y N 257 
PHE CD2  C  Y N 258 
PHE CE1  C  Y N 259 
PHE CE2  C  Y N 260 
PHE CZ   C  Y N 261 
PHE OXT  O  N N 262 
PHE H    H  N N 263 
PHE H2   H  N N 264 
PHE HA   H  N N 265 
PHE HB2  H  N N 266 
PHE HB3  H  N N 267 
PHE HD1  H  N N 268 
PHE HD2  H  N N 269 
PHE HE1  H  N N 270 
PHE HE2  H  N N 271 
PHE HZ   H  N N 272 
PHE HXT  H  N N 273 
PRO N    N  N N 274 
PRO CA   C  N S 275 
PRO C    C  N N 276 
PRO O    O  N N 277 
PRO CB   C  N N 278 
PRO CG   C  N N 279 
PRO CD   C  N N 280 
PRO OXT  O  N N 281 
PRO H    H  N N 282 
PRO HA   H  N N 283 
PRO HB2  H  N N 284 
PRO HB3  H  N N 285 
PRO HG2  H  N N 286 
PRO HG3  H  N N 287 
PRO HD2  H  N N 288 
PRO HD3  H  N N 289 
PRO HXT  H  N N 290 
SER N    N  N N 291 
SER CA   C  N S 292 
SER C    C  N N 293 
SER O    O  N N 294 
SER CB   C  N N 295 
SER OG   O  N N 296 
SER OXT  O  N N 297 
SER H    H  N N 298 
SER H2   H  N N 299 
SER HA   H  N N 300 
SER HB2  H  N N 301 
SER HB3  H  N N 302 
SER HG   H  N N 303 
SER HXT  H  N N 304 
TCE O16  O  N N 305 
TCE C14  C  N N 306 
TCE O15  O  N N 307 
TCE C5   C  N N 308 
TCE C2   C  N N 309 
TCE P    P  N N 310 
TCE C3   C  N N 311 
TCE C6   C  N N 312 
TCE C8   C  N N 313 
TCE O10  O  N N 314 
TCE O9   O  N N 315 
TCE C1   C  N N 316 
TCE C4   C  N N 317 
TCE C11  C  N N 318 
TCE O12  O  N N 319 
TCE O13  O  N N 320 
TCE HO15 H  N N 321 
TCE H5   H  N N 322 
TCE H5A  H  N N 323 
TCE H2   H  N N 324 
TCE H2A  H  N N 325 
TCE H3   H  N N 326 
TCE H3A  H  N N 327 
TCE H6   H  N N 328 
TCE H6A  H  N N 329 
TCE HO9  H  N N 330 
TCE H1   H  N N 331 
TCE H1A  H  N N 332 
TCE H4   H  N N 333 
TCE H4A  H  N N 334 
TCE HO12 H  N N 335 
THR N    N  N N 336 
THR CA   C  N S 337 
THR C    C  N N 338 
THR O    O  N N 339 
THR CB   C  N R 340 
THR OG1  O  N N 341 
THR CG2  C  N N 342 
THR OXT  O  N N 343 
THR H    H  N N 344 
THR H2   H  N N 345 
THR HA   H  N N 346 
THR HB   H  N N 347 
THR HG1  H  N N 348 
THR HG21 H  N N 349 
THR HG22 H  N N 350 
THR HG23 H  N N 351 
THR HXT  H  N N 352 
TRP N    N  N N 353 
TRP CA   C  N S 354 
TRP C    C  N N 355 
TRP O    O  N N 356 
TRP CB   C  N N 357 
TRP CG   C  Y N 358 
TRP CD1  C  Y N 359 
TRP CD2  C  Y N 360 
TRP NE1  N  Y N 361 
TRP CE2  C  Y N 362 
TRP CE3  C  Y N 363 
TRP CZ2  C  Y N 364 
TRP CZ3  C  Y N 365 
TRP CH2  C  Y N 366 
TRP OXT  O  N N 367 
TRP H    H  N N 368 
TRP H2   H  N N 369 
TRP HA   H  N N 370 
TRP HB2  H  N N 371 
TRP HB3  H  N N 372 
TRP HD1  H  N N 373 
TRP HE1  H  N N 374 
TRP HE3  H  N N 375 
TRP HZ2  H  N N 376 
TRP HZ3  H  N N 377 
TRP HH2  H  N N 378 
TRP HXT  H  N N 379 
TYR N    N  N N 380 
TYR CA   C  N S 381 
TYR C    C  N N 382 
TYR O    O  N N 383 
TYR CB   C  N N 384 
TYR CG   C  Y N 385 
TYR CD1  C  Y N 386 
TYR CD2  C  Y N 387 
TYR CE1  C  Y N 388 
TYR CE2  C  Y N 389 
TYR CZ   C  Y N 390 
TYR OH   O  N N 391 
TYR OXT  O  N N 392 
TYR H    H  N N 393 
TYR H2   H  N N 394 
TYR HA   H  N N 395 
TYR HB2  H  N N 396 
TYR HB3  H  N N 397 
TYR HD1  H  N N 398 
TYR HD2  H  N N 399 
TYR HE1  H  N N 400 
TYR HE2  H  N N 401 
TYR HH   H  N N 402 
TYR HXT  H  N N 403 
VAL N    N  N N 404 
VAL CA   C  N S 405 
VAL C    C  N N 406 
VAL O    O  N N 407 
VAL CB   C  N N 408 
VAL CG1  C  N N 409 
VAL CG2  C  N N 410 
VAL OXT  O  N N 411 
VAL H    H  N N 412 
VAL H2   H  N N 413 
VAL HA   H  N N 414 
VAL HB   H  N N 415 
VAL HG11 H  N N 416 
VAL HG12 H  N N 417 
VAL HG13 H  N N 418 
VAL HG21 H  N N 419 
VAL HG22 H  N N 420 
VAL HG23 H  N N 421 
VAL HXT  H  N N 422 
# 
loop_
_chem_comp_bond.comp_id 
_chem_comp_bond.atom_id_1 
_chem_comp_bond.atom_id_2 
_chem_comp_bond.value_order 
_chem_comp_bond.pdbx_aromatic_flag 
_chem_comp_bond.pdbx_stereo_config 
_chem_comp_bond.pdbx_ordinal 
ALA N   CA   sing N N 1   
ALA N   H    sing N N 2   
ALA N   H2   sing N N 3   
ALA CA  C    sing N N 4   
ALA CA  CB   sing N N 5   
ALA CA  HA   sing N N 6   
ALA C   O    doub N N 7   
ALA C   OXT  sing N N 8   
ALA CB  HB1  sing N N 9   
ALA CB  HB2  sing N N 10  
ALA CB  HB3  sing N N 11  
ALA OXT HXT  sing N N 12  
ARG N   CA   sing N N 13  
ARG N   H    sing N N 14  
ARG N   H2   sing N N 15  
ARG CA  C    sing N N 16  
ARG CA  CB   sing N N 17  
ARG CA  HA   sing N N 18  
ARG C   O    doub N N 19  
ARG C   OXT  sing N N 20  
ARG CB  CG   sing N N 21  
ARG CB  HB2  sing N N 22  
ARG CB  HB3  sing N N 23  
ARG CG  CD   sing N N 24  
ARG CG  HG2  sing N N 25  
ARG CG  HG3  sing N N 26  
ARG CD  NE   sing N N 27  
ARG CD  HD2  sing N N 28  
ARG CD  HD3  sing N N 29  
ARG NE  CZ   sing N N 30  
ARG NE  HE   sing N N 31  
ARG CZ  NH1  sing N N 32  
ARG CZ  NH2  doub N N 33  
ARG NH1 HH11 sing N N 34  
ARG NH1 HH12 sing N N 35  
ARG NH2 HH21 sing N N 36  
ARG NH2 HH22 sing N N 37  
ARG OXT HXT  sing N N 38  
ASN N   CA   sing N N 39  
ASN N   H    sing N N 40  
ASN N   H2   sing N N 41  
ASN CA  C    sing N N 42  
ASN CA  CB   sing N N 43  
ASN CA  HA   sing N N 44  
ASN C   O    doub N N 45  
ASN C   OXT  sing N N 46  
ASN CB  CG   sing N N 47  
ASN CB  HB2  sing N N 48  
ASN CB  HB3  sing N N 49  
ASN CG  OD1  doub N N 50  
ASN CG  ND2  sing N N 51  
ASN ND2 HD21 sing N N 52  
ASN ND2 HD22 sing N N 53  
ASN OXT HXT  sing N N 54  
ASP N   CA   sing N N 55  
ASP N   H    sing N N 56  
ASP N   H2   sing N N 57  
ASP CA  C    sing N N 58  
ASP CA  CB   sing N N 59  
ASP CA  HA   sing N N 60  
ASP C   O    doub N N 61  
ASP C   OXT  sing N N 62  
ASP CB  CG   sing N N 63  
ASP CB  HB2  sing N N 64  
ASP CB  HB3  sing N N 65  
ASP CG  OD1  doub N N 66  
ASP CG  OD2  sing N N 67  
ASP OD2 HD2  sing N N 68  
ASP OXT HXT  sing N N 69  
CYS N   CA   sing N N 70  
CYS N   H    sing N N 71  
CYS N   H2   sing N N 72  
CYS CA  C    sing N N 73  
CYS CA  CB   sing N N 74  
CYS CA  HA   sing N N 75  
CYS C   O    doub N N 76  
CYS C   OXT  sing N N 77  
CYS CB  SG   sing N N 78  
CYS CB  HB2  sing N N 79  
CYS CB  HB3  sing N N 80  
CYS SG  HG   sing N N 81  
CYS OXT HXT  sing N N 82  
GLN N   CA   sing N N 83  
GLN N   H    sing N N 84  
GLN N   H2   sing N N 85  
GLN CA  C    sing N N 86  
GLN CA  CB   sing N N 87  
GLN CA  HA   sing N N 88  
GLN C   O    doub N N 89  
GLN C   OXT  sing N N 90  
GLN CB  CG   sing N N 91  
GLN CB  HB2  sing N N 92  
GLN CB  HB3  sing N N 93  
GLN CG  CD   sing N N 94  
GLN CG  HG2  sing N N 95  
GLN CG  HG3  sing N N 96  
GLN CD  OE1  doub N N 97  
GLN CD  NE2  sing N N 98  
GLN NE2 HE21 sing N N 99  
GLN NE2 HE22 sing N N 100 
GLN OXT HXT  sing N N 101 
GLU N   CA   sing N N 102 
GLU N   H    sing N N 103 
GLU N   H2   sing N N 104 
GLU CA  C    sing N N 105 
GLU CA  CB   sing N N 106 
GLU CA  HA   sing N N 107 
GLU C   O    doub N N 108 
GLU C   OXT  sing N N 109 
GLU CB  CG   sing N N 110 
GLU CB  HB2  sing N N 111 
GLU CB  HB3  sing N N 112 
GLU CG  CD   sing N N 113 
GLU CG  HG2  sing N N 114 
GLU CG  HG3  sing N N 115 
GLU CD  OE1  doub N N 116 
GLU CD  OE2  sing N N 117 
GLU OE2 HE2  sing N N 118 
GLU OXT HXT  sing N N 119 
GLY N   CA   sing N N 120 
GLY N   H    sing N N 121 
GLY N   H2   sing N N 122 
GLY CA  C    sing N N 123 
GLY CA  HA2  sing N N 124 
GLY CA  HA3  sing N N 125 
GLY C   O    doub N N 126 
GLY C   OXT  sing N N 127 
GLY OXT HXT  sing N N 128 
HIS N   CA   sing N N 129 
HIS N   H    sing N N 130 
HIS N   H2   sing N N 131 
HIS CA  C    sing N N 132 
HIS CA  CB   sing N N 133 
HIS CA  HA   sing N N 134 
HIS C   O    doub N N 135 
HIS C   OXT  sing N N 136 
HIS CB  CG   sing N N 137 
HIS CB  HB2  sing N N 138 
HIS CB  HB3  sing N N 139 
HIS CG  ND1  sing Y N 140 
HIS CG  CD2  doub Y N 141 
HIS ND1 CE1  doub Y N 142 
HIS ND1 HD1  sing N N 143 
HIS CD2 NE2  sing Y N 144 
HIS CD2 HD2  sing N N 145 
HIS CE1 NE2  sing Y N 146 
HIS CE1 HE1  sing N N 147 
HIS NE2 HE2  sing N N 148 
HIS OXT HXT  sing N N 149 
HOH O   H1   sing N N 150 
HOH O   H2   sing N N 151 
ILE N   CA   sing N N 152 
ILE N   H    sing N N 153 
ILE N   H2   sing N N 154 
ILE CA  C    sing N N 155 
ILE CA  CB   sing N N 156 
ILE CA  HA   sing N N 157 
ILE C   O    doub N N 158 
ILE C   OXT  sing N N 159 
ILE CB  CG1  sing N N 160 
ILE CB  CG2  sing N N 161 
ILE CB  HB   sing N N 162 
ILE CG1 CD1  sing N N 163 
ILE CG1 HG12 sing N N 164 
ILE CG1 HG13 sing N N 165 
ILE CG2 HG21 sing N N 166 
ILE CG2 HG22 sing N N 167 
ILE CG2 HG23 sing N N 168 
ILE CD1 HD11 sing N N 169 
ILE CD1 HD12 sing N N 170 
ILE CD1 HD13 sing N N 171 
ILE OXT HXT  sing N N 172 
LEU N   CA   sing N N 173 
LEU N   H    sing N N 174 
LEU N   H2   sing N N 175 
LEU CA  C    sing N N 176 
LEU CA  CB   sing N N 177 
LEU CA  HA   sing N N 178 
LEU C   O    doub N N 179 
LEU C   OXT  sing N N 180 
LEU CB  CG   sing N N 181 
LEU CB  HB2  sing N N 182 
LEU CB  HB3  sing N N 183 
LEU CG  CD1  sing N N 184 
LEU CG  CD2  sing N N 185 
LEU CG  HG   sing N N 186 
LEU CD1 HD11 sing N N 187 
LEU CD1 HD12 sing N N 188 
LEU CD1 HD13 sing N N 189 
LEU CD2 HD21 sing N N 190 
LEU CD2 HD22 sing N N 191 
LEU CD2 HD23 sing N N 192 
LEU OXT HXT  sing N N 193 
LYS N   CA   sing N N 194 
LYS N   H    sing N N 195 
LYS N   H2   sing N N 196 
LYS CA  C    sing N N 197 
LYS CA  CB   sing N N 198 
LYS CA  HA   sing N N 199 
LYS C   O    doub N N 200 
LYS C   OXT  sing N N 201 
LYS CB  CG   sing N N 202 
LYS CB  HB2  sing N N 203 
LYS CB  HB3  sing N N 204 
LYS CG  CD   sing N N 205 
LYS CG  HG2  sing N N 206 
LYS CG  HG3  sing N N 207 
LYS CD  CE   sing N N 208 
LYS CD  HD2  sing N N 209 
LYS CD  HD3  sing N N 210 
LYS CE  NZ   sing N N 211 
LYS CE  HE2  sing N N 212 
LYS CE  HE3  sing N N 213 
LYS NZ  HZ1  sing N N 214 
LYS NZ  HZ2  sing N N 215 
LYS NZ  HZ3  sing N N 216 
LYS OXT HXT  sing N N 217 
MET N   CA   sing N N 218 
MET N   H    sing N N 219 
MET N   H2   sing N N 220 
MET CA  C    sing N N 221 
MET CA  CB   sing N N 222 
MET CA  HA   sing N N 223 
MET C   O    doub N N 224 
MET C   OXT  sing N N 225 
MET CB  CG   sing N N 226 
MET CB  HB2  sing N N 227 
MET CB  HB3  sing N N 228 
MET CG  SD   sing N N 229 
MET CG  HG2  sing N N 230 
MET CG  HG3  sing N N 231 
MET SD  CE   sing N N 232 
MET CE  HE1  sing N N 233 
MET CE  HE2  sing N N 234 
MET CE  HE3  sing N N 235 
MET OXT HXT  sing N N 236 
PHE N   CA   sing N N 237 
PHE N   H    sing N N 238 
PHE N   H2   sing N N 239 
PHE CA  C    sing N N 240 
PHE CA  CB   sing N N 241 
PHE CA  HA   sing N N 242 
PHE C   O    doub N N 243 
PHE C   OXT  sing N N 244 
PHE CB  CG   sing N N 245 
PHE CB  HB2  sing N N 246 
PHE CB  HB3  sing N N 247 
PHE CG  CD1  doub Y N 248 
PHE CG  CD2  sing Y N 249 
PHE CD1 CE1  sing Y N 250 
PHE CD1 HD1  sing N N 251 
PHE CD2 CE2  doub Y N 252 
PHE CD2 HD2  sing N N 253 
PHE CE1 CZ   doub Y N 254 
PHE CE1 HE1  sing N N 255 
PHE CE2 CZ   sing Y N 256 
PHE CE2 HE2  sing N N 257 
PHE CZ  HZ   sing N N 258 
PHE OXT HXT  sing N N 259 
PRO N   CA   sing N N 260 
PRO N   CD   sing N N 261 
PRO N   H    sing N N 262 
PRO CA  C    sing N N 263 
PRO CA  CB   sing N N 264 
PRO CA  HA   sing N N 265 
PRO C   O    doub N N 266 
PRO C   OXT  sing N N 267 
PRO CB  CG   sing N N 268 
PRO CB  HB2  sing N N 269 
PRO CB  HB3  sing N N 270 
PRO CG  CD   sing N N 271 
PRO CG  HG2  sing N N 272 
PRO CG  HG3  sing N N 273 
PRO CD  HD2  sing N N 274 
PRO CD  HD3  sing N N 275 
PRO OXT HXT  sing N N 276 
SER N   CA   sing N N 277 
SER N   H    sing N N 278 
SER N   H2   sing N N 279 
SER CA  C    sing N N 280 
SER CA  CB   sing N N 281 
SER CA  HA   sing N N 282 
SER C   O    doub N N 283 
SER C   OXT  sing N N 284 
SER CB  OG   sing N N 285 
SER CB  HB2  sing N N 286 
SER CB  HB3  sing N N 287 
SER OG  HG   sing N N 288 
SER OXT HXT  sing N N 289 
TCE O16 C14  doub N N 290 
TCE C14 O15  sing N N 291 
TCE C14 C5   sing N N 292 
TCE O15 HO15 sing N N 293 
TCE C2  C5   sing N N 294 
TCE C5  H5   sing N N 295 
TCE C5  H5A  sing N N 296 
TCE C2  P    sing N N 297 
TCE C2  H2   sing N N 298 
TCE C2  H2A  sing N N 299 
TCE C1  P    sing N N 300 
TCE P   C3   sing N N 301 
TCE C3  C6   sing N N 302 
TCE C3  H3   sing N N 303 
TCE C3  H3A  sing N N 304 
TCE C6  C8   sing N N 305 
TCE C6  H6   sing N N 306 
TCE C6  H6A  sing N N 307 
TCE O10 C8   doub N N 308 
TCE C8  O9   sing N N 309 
TCE O9  HO9  sing N N 310 
TCE C4  C1   sing N N 311 
TCE C1  H1   sing N N 312 
TCE C1  H1A  sing N N 313 
TCE C11 C4   sing N N 314 
TCE C4  H4   sing N N 315 
TCE C4  H4A  sing N N 316 
TCE O13 C11  doub N N 317 
TCE O12 C11  sing N N 318 
TCE O12 HO12 sing N N 319 
THR N   CA   sing N N 320 
THR N   H    sing N N 321 
THR N   H2   sing N N 322 
THR CA  C    sing N N 323 
THR CA  CB   sing N N 324 
THR CA  HA   sing N N 325 
THR C   O    doub N N 326 
THR C   OXT  sing N N 327 
THR CB  OG1  sing N N 328 
THR CB  CG2  sing N N 329 
THR CB  HB   sing N N 330 
THR OG1 HG1  sing N N 331 
THR CG2 HG21 sing N N 332 
THR CG2 HG22 sing N N 333 
THR CG2 HG23 sing N N 334 
THR OXT HXT  sing N N 335 
TRP N   CA   sing N N 336 
TRP N   H    sing N N 337 
TRP N   H2   sing N N 338 
TRP CA  C    sing N N 339 
TRP CA  CB   sing N N 340 
TRP CA  HA   sing N N 341 
TRP C   O    doub N N 342 
TRP C   OXT  sing N N 343 
TRP CB  CG   sing N N 344 
TRP CB  HB2  sing N N 345 
TRP CB  HB3  sing N N 346 
TRP CG  CD1  doub Y N 347 
TRP CG  CD2  sing Y N 348 
TRP CD1 NE1  sing Y N 349 
TRP CD1 HD1  sing N N 350 
TRP CD2 CE2  doub Y N 351 
TRP CD2 CE3  sing Y N 352 
TRP NE1 CE2  sing Y N 353 
TRP NE1 HE1  sing N N 354 
TRP CE2 CZ2  sing Y N 355 
TRP CE3 CZ3  doub Y N 356 
TRP CE3 HE3  sing N N 357 
TRP CZ2 CH2  doub Y N 358 
TRP CZ2 HZ2  sing N N 359 
TRP CZ3 CH2  sing Y N 360 
TRP CZ3 HZ3  sing N N 361 
TRP CH2 HH2  sing N N 362 
TRP OXT HXT  sing N N 363 
TYR N   CA   sing N N 364 
TYR N   H    sing N N 365 
TYR N   H2   sing N N 366 
TYR CA  C    sing N N 367 
TYR CA  CB   sing N N 368 
TYR CA  HA   sing N N 369 
TYR C   O    doub N N 370 
TYR C   OXT  sing N N 371 
TYR CB  CG   sing N N 372 
TYR CB  HB2  sing N N 373 
TYR CB  HB3  sing N N 374 
TYR CG  CD1  doub Y N 375 
TYR CG  CD2  sing Y N 376 
TYR CD1 CE1  sing Y N 377 
TYR CD1 HD1  sing N N 378 
TYR CD2 CE2  doub Y N 379 
TYR CD2 HD2  sing N N 380 
TYR CE1 CZ   doub Y N 381 
TYR CE1 HE1  sing N N 382 
TYR CE2 CZ   sing Y N 383 
TYR CE2 HE2  sing N N 384 
TYR CZ  OH   sing N N 385 
TYR OH  HH   sing N N 386 
TYR OXT HXT  sing N N 387 
VAL N   CA   sing N N 388 
VAL N   H    sing N N 389 
VAL N   H2   sing N N 390 
VAL CA  C    sing N N 391 
VAL CA  CB   sing N N 392 
VAL CA  HA   sing N N 393 
VAL C   O    doub N N 394 
VAL C   OXT  sing N N 395 
VAL CB  CG1  sing N N 396 
VAL CB  CG2  sing N N 397 
VAL CB  HB   sing N N 398 
VAL CG1 HG11 sing N N 399 
VAL CG1 HG12 sing N N 400 
VAL CG1 HG13 sing N N 401 
VAL CG2 HG21 sing N N 402 
VAL CG2 HG22 sing N N 403 
VAL CG2 HG23 sing N N 404 
VAL OXT HXT  sing N N 405 
# 
_atom_sites.entry_id                    4U9R 
_atom_sites.fract_transf_matrix[1][1]   -0.01359067 
_atom_sites.fract_transf_matrix[1][2]   -0.00841215 
_atom_sites.fract_transf_matrix[1][3]   -0.00633744 
_atom_sites.fract_transf_matrix[2][1]   -0.00908792 
_atom_sites.fract_transf_matrix[2][2]   0.01459555 
_atom_sites.fract_transf_matrix[2][3]   0.00011532 
_atom_sites.fract_transf_matrix[3][1]   0.00429942 
_atom_sites.fract_transf_matrix[3][2]   0.00277903 
_atom_sites.fract_transf_matrix[3][3]   -0.01290894 
_atom_sites.fract_transf_vector[1]      -0.190966 
_atom_sites.fract_transf_vector[2]      0.421005 
_atom_sites.fract_transf_vector[3]      0.060932 
# 
loop_
_atom_type.symbol 
C  
CD 
N  
O  
P  
S  
# 
loop_
_atom_site.group_PDB 
_atom_site.id 
_atom_site.type_symbol 
_atom_site.label_atom_id 
_atom_site.label_alt_id 
_atom_site.label_comp_id 
_atom_site.label_asym_id 
_atom_site.label_entity_id 
_atom_site.label_seq_id 
_atom_site.pdbx_PDB_ins_code 
_atom_site.Cartn_x 
_atom_site.Cartn_y 
_atom_site.Cartn_z 
_atom_site.occupancy 
_atom_site.B_iso_or_equiv 
_atom_site.pdbx_formal_charge 
_atom_site.auth_seq_id 
_atom_site.auth_comp_id 
_atom_site.auth_asym_id 
_atom_site.auth_atom_id 
_atom_site.pdbx_PDB_model_num 
ATOM   1    N  N   . ASN A 1 21  ? 14.782  27.507  2.236   1.00 80.58  ? 21  ASN A N   1 
ATOM   2    C  CA  . ASN A 1 21  ? 16.191  27.859  2.359   1.00 83.61  ? 21  ASN A CA  1 
ATOM   3    C  C   . ASN A 1 21  ? 17.071  27.057  1.406   1.00 82.13  ? 21  ASN A C   1 
ATOM   4    O  O   . ASN A 1 21  ? 16.964  27.191  0.186   1.00 80.62  ? 21  ASN A O   1 
ATOM   5    C  CB  . ASN A 1 21  ? 16.669  27.669  3.800   1.00 87.37  ? 21  ASN A CB  1 
ATOM   6    C  CG  . ASN A 1 21  ? 16.549  26.232  4.269   1.00 86.74  ? 21  ASN A CG  1 
ATOM   7    O  OD1 . ASN A 1 21  ? 16.984  25.306  3.584   1.00 85.68  ? 21  ASN A OD1 1 
ATOM   8    N  ND2 . ASN A 1 21  ? 15.958  26.040  5.442   1.00 82.34  ? 21  ASN A ND2 1 
ATOM   9    N  N   . ALA A 1 22  ? 17.941  26.225  1.969   1.00 73.50  ? 22  ALA A N   1 
ATOM   10   C  CA  . ALA A 1 22  ? 18.848  25.393  1.164   1.00 70.64  ? 22  ALA A CA  1 
ATOM   11   C  C   . ALA A 1 22  ? 18.153  24.099  0.754   1.00 66.38  ? 22  ALA A C   1 
ATOM   12   O  O   . ALA A 1 22  ? 18.671  23.345  -0.076  1.00 73.89  ? 22  ALA A O   1 
ATOM   13   C  CB  . ALA A 1 22  ? 20.114  25.061  1.939   1.00 70.41  ? 22  ALA A CB  1 
ATOM   14   N  N   . THR A 1 23  ? 16.996  23.845  1.356   1.00 53.67  ? 23  THR A N   1 
ATOM   15   C  CA  . THR A 1 23  ? 16.176  22.671  1.074   1.00 49.91  ? 23  THR A CA  1 
ATOM   16   C  C   . THR A 1 23  ? 15.776  22.536  -0.398  1.00 45.93  ? 23  THR A C   1 
ATOM   17   O  O   . THR A 1 23  ? 15.355  23.508  -1.024  1.00 45.93  ? 23  THR A O   1 
ATOM   18   C  CB  . THR A 1 23  ? 14.900  22.747  1.918   1.00 49.84  ? 23  THR A CB  1 
ATOM   19   O  OG1 . THR A 1 23  ? 15.260  22.775  3.304   1.00 53.71  ? 23  THR A OG1 1 
ATOM   20   C  CG2 . THR A 1 23  ? 14.007  21.565  1.667   1.00 52.47  ? 23  THR A CG2 1 
ATOM   21   N  N   . GLU A 1 24  ? 15.923  21.335  -0.951  1.00 38.62  ? 24  GLU A N   1 
ATOM   22   C  CA  . GLU A 1 24  ? 15.451  21.054  -2.317  1.00 36.60  ? 24  GLU A CA  1 
ATOM   23   C  C   . GLU A 1 24  ? 14.394  19.992  -2.214  1.00 35.67  ? 24  GLU A C   1 
ATOM   24   O  O   . GLU A 1 24  ? 14.347  19.259  -1.215  1.00 30.46  ? 24  GLU A O   1 
ATOM   25   C  CB  . GLU A 1 24  ? 16.597  20.627  -3.254  1.00 39.82  ? 24  GLU A CB  1 
ATOM   26   C  CG  . GLU A 1 24  ? 17.586  21.771  -3.566  1.00 44.38  ? 24  GLU A CG  1 
ATOM   27   C  CD  . GLU A 1 24  ? 18.613  21.449  -4.659  1.00 52.67  ? 24  GLU A CD  1 
ATOM   28   O  OE1 . GLU A 1 24  ? 19.292  20.385  -4.607  1.00 64.34  ? 24  GLU A OE1 1 
ATOM   29   O  OE2 . GLU A 1 24  ? 18.770  22.280  -5.591  1.00 62.67  ? 24  GLU A OE2 1 
ATOM   30   N  N   . LYS A 1 25  ? 13.541  19.923  -3.232  1.00 32.39  ? 25  LYS A N   1 
ATOM   31   C  CA  . LYS A 1 25  ? 12.418  19.008  -3.260  1.00 33.18  ? 25  LYS A CA  1 
ATOM   32   C  C   . LYS A 1 25  ? 12.442  18.164  -4.509  1.00 32.21  ? 25  LYS A C   1 
ATOM   33   O  O   . LYS A 1 25  ? 12.760  18.670  -5.556  1.00 29.90  ? 25  LYS A O   1 
ATOM   34   C  CB  . LYS A 1 25  ? 11.127  19.811  -3.295  1.00 34.49  ? 25  LYS A CB  1 
ATOM   35   C  CG  . LYS A 1 25  ? 11.123  20.866  -2.220  1.00 38.85  ? 25  LYS A CG  1 
ATOM   36   C  CD  . LYS A 1 25  ? 9.821   21.588  -2.079  1.00 41.29  ? 25  LYS A CD  1 
ATOM   37   C  CE  . LYS A 1 25  ? 10.012  22.631  -0.964  1.00 46.91  ? 25  LYS A CE  1 
ATOM   38   N  NZ  . LYS A 1 25  ? 8.741   23.300  -0.623  1.00 47.14  ? 25  LYS A NZ  1 
ATOM   39   N  N   . LEU A 1 26  ? 12.035  16.910  -4.405  1.00 29.86  ? 26  LEU A N   1 
ATOM   40   C  CA  . LEU A 1 26  ? 11.746  16.104  -5.577  1.00 31.17  ? 26  LEU A CA  1 
ATOM   41   C  C   . LEU A 1 26  ? 10.414  15.407  -5.421  1.00 30.97  ? 26  LEU A C   1 
ATOM   42   O  O   . LEU A 1 26  ? 10.012  15.031  -4.297  1.00 28.27  ? 26  LEU A O   1 
ATOM   43   C  CB  . LEU A 1 26  ? 12.848  15.079  -5.855  1.00 35.40  ? 26  LEU A CB  1 
ATOM   44   C  CG  . LEU A 1 26  ? 13.185  13.973  -4.842  1.00 37.22  ? 26  LEU A CG  1 
ATOM   45   C  CD1 . LEU A 1 26  ? 12.218  12.834  -4.924  1.00 50.22  ? 26  LEU A CD1 1 
ATOM   46   C  CD2 . LEU A 1 26  ? 14.514  13.299  -5.137  1.00 39.49  ? 26  LEU A CD2 1 
ATOM   47   N  N   . ARG A 1 27  ? 9.733   15.208  -6.543  1.00 29.83  ? 27  ARG A N   1 
ATOM   48   C  CA  . ARG A 1 27  ? 8.439   14.548  -6.556  1.00 31.91  ? 27  ARG A CA  1 
ATOM   49   C  C   . ARG A 1 27  ? 8.394   13.445  -7.559  1.00 32.93  ? 27  ARG A C   1 
ATOM   50   O  O   . ARG A 1 27  ? 8.994   13.531  -8.608  1.00 33.64  ? 27  ARG A O   1 
ATOM   51   C  CB  . ARG A 1 27  ? 7.363   15.529  -6.965  1.00 36.44  ? 27  ARG A CB  1 
ATOM   52   C  CG  . ARG A 1 27  ? 6.927   16.397  -5.829  1.00 40.70  ? 27  ARG A CG  1 
ATOM   53   C  CD  . ARG A 1 27  ? 6.104   17.599  -6.262  1.00 39.29  ? 27  ARG A CD  1 
ATOM   54   N  NE  . ARG A 1 27  ? 6.267   18.612  -5.221  1.00 45.74  ? 27  ARG A NE  1 
ATOM   55   C  CZ  . ARG A 1 27  ? 5.846   19.866  -5.307  1.00 46.00  ? 27  ARG A CZ  1 
ATOM   56   N  NH1 . ARG A 1 27  ? 5.211   20.285  -6.385  1.00 45.72  ? 27  ARG A NH1 1 
ATOM   57   N  NH2 . ARG A 1 27  ? 6.057   20.694  -4.295  1.00 46.97  ? 27  ARG A NH2 1 
ATOM   58   N  N   . LEU A 1 28  ? 7.668   12.404  -7.225  1.00 33.17  ? 28  LEU A N   1 
ATOM   59   C  CA  . LEU A 1 28  ? 7.474   11.293  -8.088  1.00 37.20  ? 28  LEU A CA  1 
ATOM   60   C  C   . LEU A 1 28  ? 6.017   10.857  -7.929  1.00 41.56  ? 28  LEU A C   1 
ATOM   61   O  O   . LEU A 1 28  ? 5.388   11.096  -6.880  1.00 39.37  ? 28  LEU A O   1 
ATOM   62   C  CB  . LEU A 1 28  ? 8.372   10.163  -7.654  1.00 41.75  ? 28  LEU A CB  1 
ATOM   63   C  CG  . LEU A 1 28  ? 9.885   10.365  -7.845  1.00 43.64  ? 28  LEU A CG  1 
ATOM   64   C  CD1 . LEU A 1 28  ? 10.524  10.810  -6.552  1.00 47.01  ? 28  LEU A CD1 1 
ATOM   65   C  CD2 . LEU A 1 28  ? 10.518  9.066   -8.263  1.00 48.20  ? 28  LEU A CD2 1 
ATOM   66   N  N   . ASP A 1 29  ? 5.489   10.213  -8.956  1.00 40.71  ? 29  ASP A N   1 
ATOM   67   C  CA  . ASP A 1 29  ? 4.109   9.812   -8.958  1.00 45.88  ? 29  ASP A CA  1 
ATOM   68   C  C   . ASP A 1 29  ? 3.991   8.514   -8.192  1.00 43.11  ? 29  ASP A C   1 
ATOM   69   O  O   . ASP A 1 29  ? 4.834   7.635   -8.286  1.00 43.34  ? 29  ASP A O   1 
ATOM   70   C  CB  . ASP A 1 29  ? 3.602   9.681   -10.398 1.00 54.57  ? 29  ASP A CB  1 
ATOM   71   C  CG  . ASP A 1 29  ? 3.748   10.972  -11.165 1.00 56.69  ? 29  ASP A CG  1 
ATOM   72   O  OD1 . ASP A 1 29  ? 3.026   11.940  -10.847 1.00 62.54  ? 29  ASP A OD1 1 
ATOM   73   O  OD2 . ASP A 1 29  ? 4.618   11.039  -12.056 1.00 69.48  ? 29  ASP A OD2 1 
ATOM   74   N  N   . ILE A 1 30  ? 2.952   8.409   -7.382  1.00 45.42  ? 30  ILE A N   1 
ATOM   75   C  CA  . ILE A 1 30  ? 2.811   7.260   -6.493  1.00 45.36  ? 30  ILE A CA  1 
ATOM   76   C  C   . ILE A 1 30  ? 2.701   5.949   -7.259  1.00 46.53  ? 30  ILE A C   1 
ATOM   77   O  O   . ILE A 1 30  ? 3.362   4.973   -6.897  1.00 44.45  ? 30  ILE A O   1 
ATOM   78   C  CB  . ILE A 1 30  ? 1.626   7.465   -5.520  1.00 45.13  ? 30  ILE A CB  1 
ATOM   79   C  CG1 . ILE A 1 30  ? 2.070   8.408   -4.418  1.00 43.01  ? 30  ILE A CG1 1 
ATOM   80   C  CG2 . ILE A 1 30  ? 1.185   6.153   -4.888  1.00 46.03  ? 30  ILE A CG2 1 
ATOM   81   C  CD1 . ILE A 1 30  ? 0.937   8.983   -3.593  1.00 46.67  ? 30  ILE A CD1 1 
ATOM   82   N  N   . PRO A 1 31  ? 1.893   5.916   -8.341  1.00 47.41  ? 31  PRO A N   1 
ATOM   83   C  CA  . PRO A 1 31  ? 1.798   4.627   -9.008  1.00 48.42  ? 31  PRO A CA  1 
ATOM   84   C  C   . PRO A 1 31  ? 3.123   4.180   -9.607  1.00 49.21  ? 31  PRO A C   1 
ATOM   85   O  O   . PRO A 1 31  ? 3.310   2.992   -9.829  1.00 54.64  ? 31  PRO A O   1 
ATOM   86   C  CB  . PRO A 1 31  ? 0.733   4.861   -10.096 1.00 49.12  ? 31  PRO A CB  1 
ATOM   87   C  CG  . PRO A 1 31  ? -0.053  6.023   -9.609  1.00 49.96  ? 31  PRO A CG  1 
ATOM   88   C  CD  . PRO A 1 31  ? 0.972   6.905   -8.935  1.00 47.81  ? 31  PRO A CD  1 
ATOM   89   N  N   . VAL A 1 32  ? 4.048   5.114   -9.822  1.00 49.36  ? 32  VAL A N   1 
ATOM   90   C  CA  . VAL A 1 32  ? 5.366   4.775   -10.329 1.00 47.74  ? 32  VAL A CA  1 
ATOM   91   C  C   . VAL A 1 32  ? 6.188   4.064   -9.268  1.00 46.99  ? 32  VAL A C   1 
ATOM   92   O  O   . VAL A 1 32  ? 6.917   3.135   -9.595  1.00 45.06  ? 32  VAL A O   1 
ATOM   93   C  CB  . VAL A 1 32  ? 6.123   6.023   -10.839 1.00 56.93  ? 32  VAL A CB  1 
ATOM   94   C  CG1 . VAL A 1 32  ? 7.562   5.685   -11.219 1.00 56.59  ? 32  VAL A CG1 1 
ATOM   95   C  CG2 . VAL A 1 32  ? 5.392   6.623   -12.032 1.00 58.73  ? 32  VAL A CG2 1 
ATOM   96   N  N   . LEU A 1 33  ? 6.108   4.531   -8.016  1.00 40.98  ? 33  LEU A N   1 
ATOM   97   C  CA  . LEU A 1 33  ? 6.799   3.899   -6.936  1.00 38.09  ? 33  LEU A CA  1 
ATOM   98   C  C   . LEU A 1 33  ? 6.051   2.675   -6.456  1.00 41.23  ? 33  LEU A C   1 
ATOM   99   O  O   . LEU A 1 33  ? 6.664   1.677   -6.108  1.00 35.93  ? 33  LEU A O   1 
ATOM   100  C  CB  . LEU A 1 33  ? 6.923   4.848   -5.761  1.00 40.37  ? 33  LEU A CB  1 
ATOM   101  C  CG  . LEU A 1 33  ? 7.794   6.066   -6.036  1.00 39.35  ? 33  LEU A CG  1 
ATOM   102  C  CD1 . LEU A 1 33  ? 7.729   7.005   -4.879  1.00 37.99  ? 33  LEU A CD1 1 
ATOM   103  C  CD2 . LEU A 1 33  ? 9.218   5.613   -6.340  1.00 39.90  ? 33  LEU A CD2 1 
ATOM   104  N  N   . LEU A 1 34  ? 4.725   2.801   -6.370  1.00 42.32  ? 34  LEU A N   1 
ATOM   105  C  CA  . LEU A 1 34  ? 3.886   1.790   -5.743  1.00 43.43  ? 34  LEU A CA  1 
ATOM   106  C  C   . LEU A 1 34  ? 2.772   1.439   -6.739  1.00 47.58  ? 34  LEU A C   1 
ATOM   107  O  O   . LEU A 1 34  ? 1.655   1.933   -6.607  1.00 47.82  ? 34  LEU A O   1 
ATOM   108  C  CB  . LEU A 1 34  ? 3.319   2.330   -4.427  1.00 42.29  ? 34  LEU A CB  1 
ATOM   109  C  CG  . LEU A 1 34  ? 4.365   2.550   -3.315  1.00 38.32  ? 34  LEU A CG  1 
ATOM   110  C  CD1 . LEU A 1 34  ? 3.719   3.277   -2.140  1.00 36.64  ? 34  LEU A CD1 1 
ATOM   111  C  CD2 . LEU A 1 34  ? 5.016   1.241   -2.901  1.00 36.58  ? 34  LEU A CD2 1 
ATOM   112  N  N   . PRO A 1 35  ? 3.107   0.645   -7.773  1.00 48.80  ? 35  PRO A N   1 
ATOM   113  C  CA  . PRO A 1 35  ? 2.104   0.234   -8.764  1.00 57.64  ? 35  PRO A CA  1 
ATOM   114  C  C   . PRO A 1 35  ? 1.016   -0.659  -8.172  1.00 52.88  ? 35  PRO A C   1 
ATOM   115  O  O   . PRO A 1 35  ? 1.298   -1.520  -7.346  1.00 54.82  ? 35  PRO A O   1 
ATOM   116  C  CB  . PRO A 1 35  ? 2.926   -0.531  -9.812  1.00 52.94  ? 35  PRO A CB  1 
ATOM   117  C  CG  . PRO A 1 35  ? 4.148   -0.975  -9.095  1.00 56.02  ? 35  PRO A CG  1 
ATOM   118  C  CD  . PRO A 1 35  ? 4.442   0.095   -8.077  1.00 50.31  ? 35  PRO A CD  1 
ATOM   119  N  N   . GLY A 1 36  ? -0.228  -0.412  -8.555  1.00 61.98  ? 36  GLY A N   1 
ATOM   120  C  CA  . GLY A 1 36  ? -1.324  -1.351  -8.267  1.00 64.86  ? 36  GLY A CA  1 
ATOM   121  C  C   . GLY A 1 36  ? -1.920  -1.269  -6.876  1.00 67.60  ? 36  GLY A C   1 
ATOM   122  O  O   . GLY A 1 36  ? -2.418  -2.262  -6.351  1.00 69.78  ? 36  GLY A O   1 
ATOM   123  N  N   . LEU A 1 37  ? -1.866  -0.094  -6.263  1.00 67.64  ? 37  LEU A N   1 
ATOM   124  C  CA  . LEU A 1 37  ? -2.583  0.128   -5.023  1.00 65.67  ? 37  LEU A CA  1 
ATOM   125  C  C   . LEU A 1 37  ? -4.040  0.437   -5.357  1.00 73.22  ? 37  LEU A C   1 
ATOM   126  O  O   . LEU A 1 37  ? -4.316  1.042   -6.403  1.00 72.81  ? 37  LEU A O   1 
ATOM   127  C  CB  . LEU A 1 37  ? -1.997  1.308   -4.252  1.00 61.27  ? 37  LEU A CB  1 
ATOM   128  C  CG  . LEU A 1 37  ? -0.506  1.288   -3.885  1.00 56.54  ? 37  LEU A CG  1 
ATOM   129  C  CD1 . LEU A 1 37  ? -0.239  2.387   -2.869  1.00 53.94  ? 37  LEU A CD1 1 
ATOM   130  C  CD2 . LEU A 1 37  ? -0.080  -0.047  -3.321  1.00 50.65  ? 37  LEU A CD2 1 
ATOM   131  N  N   . PRO A 1 38  ? -4.978  0.032   -4.475  1.00 76.58  ? 38  PRO A N   1 
ATOM   132  C  CA  . PRO A 1 38  ? -6.378  0.443   -4.631  1.00 82.01  ? 38  PRO A CA  1 
ATOM   133  C  C   . PRO A 1 38  ? -6.536  1.957   -4.638  1.00 82.58  ? 38  PRO A C   1 
ATOM   134  O  O   . PRO A 1 38  ? -7.190  2.513   -5.522  1.00 84.84  ? 38  PRO A O   1 
ATOM   135  C  CB  . PRO A 1 38  ? -7.074  -0.160  -3.398  1.00 82.80  ? 38  PRO A CB  1 
ATOM   136  C  CG  . PRO A 1 38  ? -5.990  -0.607  -2.479  1.00 80.95  ? 38  PRO A CG  1 
ATOM   137  C  CD  . PRO A 1 38  ? -4.805  -0.897  -3.344  1.00 78.78  ? 38  PRO A CD  1 
ATOM   138  N  N   . ASP A 1 39  ? -5.936  2.610   -3.649  1.00 81.39  ? 39  ASP A N   1 
ATOM   139  C  CA  . ASP A 1 39  ? -5.914  4.066   -3.586  1.00 77.47  ? 39  ASP A CA  1 
ATOM   140  C  C   . ASP A 1 39  ? -4.657  4.525   -2.843  1.00 72.81  ? 39  ASP A C   1 
ATOM   141  O  O   . ASP A 1 39  ? -3.889  3.705   -2.329  1.00 67.76  ? 39  ASP A O   1 
ATOM   142  C  CB  . ASP A 1 39  ? -7.192  4.602   -2.921  1.00 74.45  ? 39  ASP A CB  1 
ATOM   143  C  CG  . ASP A 1 39  ? -7.465  3.976   -1.560  1.00 79.06  ? 39  ASP A CG  1 
ATOM   144  O  OD1 . ASP A 1 39  ? -6.512  3.622   -0.845  1.00 80.36  ? 39  ASP A OD1 1 
ATOM   145  O  OD2 . ASP A 1 39  ? -8.650  3.842   -1.187  1.00 84.58  ? 39  ASP A OD2 1 
ATOM   146  N  N   . SER A 1 40  ? -4.471  5.836   -2.780  1.00 69.85  ? 40  SER A N   1 
ATOM   147  C  CA  . SER A 1 40  ? -3.315  6.432   -2.127  1.00 67.81  ? 40  SER A CA  1 
ATOM   148  C  C   . SER A 1 40  ? -3.430  6.413   -0.602  1.00 66.65  ? 40  SER A C   1 
ATOM   149  O  O   . SER A 1 40  ? -2.529  6.890   0.108   1.00 65.98  ? 40  SER A O   1 
ATOM   150  C  CB  . SER A 1 40  ? -3.139  7.861   -2.615  1.00 66.61  ? 40  SER A CB  1 
ATOM   151  O  OG  . SER A 1 40  ? -4.213  8.654   -2.177  1.00 72.22  ? 40  SER A OG  1 
ATOM   152  N  N   . SER A 1 41  ? -4.533  5.872   -0.093  1.00 60.17  ? 41  SER A N   1 
ATOM   153  C  CA  . SER A 1 41  ? -4.688  5.686   1.332   1.00 56.28  ? 41  SER A CA  1 
ATOM   154  C  C   . SER A 1 41  ? -4.214  4.292   1.781   1.00 50.71  ? 41  SER A C   1 
ATOM   155  O  O   . SER A 1 41  ? -4.126  4.033   2.984   1.00 52.05  ? 41  SER A O   1 
ATOM   156  C  CB  . SER A 1 41  ? -6.157  5.897   1.703   1.00 65.38  ? 41  SER A CB  1 
ATOM   157  O  OG  . SER A 1 41  ? -6.661  7.067   1.072   1.00 73.20  ? 41  SER A OG  1 
ATOM   158  N  N   . ASP A 1 42  ? -3.904  3.402   0.830   1.00 49.56  ? 42  ASP A N   1 
ATOM   159  C  CA  . ASP A 1 42  ? -3.367  2.062   1.151   1.00 48.57  ? 42  ASP A CA  1 
ATOM   160  C  C   . ASP A 1 42  ? -2.121  2.276   2.019   1.00 49.40  ? 42  ASP A C   1 
ATOM   161  O  O   . ASP A 1 42  ? -1.370  3.220   1.792   1.00 52.27  ? 42  ASP A O   1 
ATOM   162  C  CB  . ASP A 1 42  ? -3.086  1.274   -0.144  1.00 49.03  ? 42  ASP A CB  1 
ATOM   163  C  CG  . ASP A 1 42  ? -2.408  -0.105  0.098   1.00 57.30  ? 42  ASP A CG  1 
ATOM   164  O  OD1 . ASP A 1 42  ? -1.227  -0.120  0.387   1.00 38.06  ? 42  ASP A OD1 1 
ATOM   165  O  OD2 . ASP A 1 42  ? -3.028  -1.180  -0.035  1.00 63.93  ? 42  ASP A OD2 1 
ATOM   166  N  N   . PRO A 1 43  ? -1.931  1.441   3.047   1.00 47.82  ? 43  PRO A N   1 
ATOM   167  C  CA  . PRO A 1 43  ? -0.863  1.639   4.008   1.00 48.16  ? 43  PRO A CA  1 
ATOM   168  C  C   . PRO A 1 43  ? 0.556   1.496   3.449   1.00 47.50  ? 43  PRO A C   1 
ATOM   169  O  O   . PRO A 1 43  ? 1.519   1.787   4.168   1.00 42.94  ? 43  PRO A O   1 
ATOM   170  C  CB  . PRO A 1 43  ? -1.127  0.556   5.060   1.00 48.72  ? 43  PRO A CB  1 
ATOM   171  C  CG  . PRO A 1 43  ? -1.955  -0.459  4.379   1.00 49.79  ? 43  PRO A CG  1 
ATOM   172  C  CD  . PRO A 1 43  ? -2.796  0.300   3.421   1.00 51.37  ? 43  PRO A CD  1 
ATOM   173  N  N   . CYS A 1 44  ? 0.671   1.030   2.208   1.00 40.09  ? 44  CYS A N   1 
ATOM   174  C  CA  . CYS A 1 44  ? 1.931   1.022   1.495   1.00 38.81  ? 44  CYS A CA  1 
ATOM   175  C  C   . CYS A 1 44  ? 2.508   2.461   1.369   1.00 34.25  ? 44  CYS A C   1 
ATOM   176  O  O   . CYS A 1 44  ? 3.691   2.666   1.536   1.00 35.47  ? 44  CYS A O   1 
ATOM   177  C  CB  . CYS A 1 44  ? 1.775   0.333   0.119   1.00 33.04  ? 44  CYS A CB  1 
ATOM   178  S  SG  . CYS A 1 44  ? 2.134   -1.421  0.253   1.00 36.69  ? 44  CYS A SG  1 
ATOM   179  N  N   . VAL A 1 45  ? 1.660   3.442   1.110   1.00 38.19  ? 45  VAL A N   1 
ATOM   180  C  CA  . VAL A 1 45  ? 2.080   4.836   1.027   1.00 38.04  ? 45  VAL A CA  1 
ATOM   181  C  C   . VAL A 1 45  ? 2.740   5.319   2.322   1.00 39.93  ? 45  VAL A C   1 
ATOM   182  O  O   . VAL A 1 45  ? 3.818   5.953   2.275   1.00 39.75  ? 45  VAL A O   1 
ATOM   183  C  CB  . VAL A 1 45  ? 0.906   5.761   0.650   1.00 39.94  ? 45  VAL A CB  1 
ATOM   184  C  CG1 . VAL A 1 45  ? 1.365   7.219   0.648   1.00 40.29  ? 45  VAL A CG1 1 
ATOM   185  C  CG2 . VAL A 1 45  ? 0.383   5.392   -0.726  1.00 38.09  ? 45  VAL A CG2 1 
ATOM   186  N  N   . GLU A 1 46  ? 2.112   4.994   3.455   1.00 40.26  ? 46  GLU A N   1 
ATOM   187  C  CA  . GLU A 1 46  ? 2.645   5.270   4.819   1.00 40.76  ? 46  GLU A CA  1 
ATOM   188  C  C   . GLU A 1 46  ? 3.895   4.470   5.124   1.00 35.80  ? 46  GLU A C   1 
ATOM   189  O  O   . GLU A 1 46  ? 4.821   4.975   5.785   1.00 32.50  ? 46  GLU A O   1 
ATOM   190  C  CB  . GLU A 1 46  ? 1.596   4.948   5.918   1.00 47.14  ? 46  GLU A CB  1 
ATOM   191  C  CG  . GLU A 1 46  ? 2.031   5.260   7.359   1.00 56.08  ? 46  GLU A CG  1 
ATOM   192  C  CD  . GLU A 1 46  ? 1.187   4.561   8.451   1.00 65.40  ? 46  GLU A CD  1 
ATOM   193  O  OE1 . GLU A 1 46  ? 0.483   5.253   9.228   1.00 52.86  ? 46  GLU A OE1 1 
ATOM   194  O  OE2 . GLU A 1 46  ? 1.237   3.312   8.553   1.00 73.64  ? 46  GLU A OE2 1 
ATOM   195  N  N   . ARG A 1 47  ? 3.924   3.209   4.712   1.00 34.52  ? 47  ARG A N   1 
ATOM   196  C  CA  . ARG A 1 47  ? 5.156   2.432   4.884   1.00 37.52  ? 47  ARG A CA  1 
ATOM   197  C  C   . ARG A 1 47  ? 6.333   3.156   4.206   1.00 35.39  ? 47  ARG A C   1 
ATOM   198  O  O   . ARG A 1 47  ? 7.397   3.330   4.800   1.00 35.35  ? 47  ARG A O   1 
ATOM   199  C  CB  . ARG A 1 47  ? 5.043   1.031   4.306   1.00 38.81  ? 47  ARG A CB  1 
ATOM   200  C  CG  . ARG A 1 47  ? 4.617   -0.020  5.303   1.00 45.79  ? 47  ARG A CG  1 
ATOM   201  C  CD  . ARG A 1 47  ? 4.575   -1.439  4.699   1.00 47.55  ? 47  ARG A CD  1 
ATOM   202  N  NE  . ARG A 1 47  ? 3.599   -2.256  5.425   1.00 50.07  ? 47  ARG A NE  1 
ATOM   203  C  CZ  . ARG A 1 47  ? 2.353   -2.536  5.027   1.00 50.20  ? 47  ARG A CZ  1 
ATOM   204  N  NH1 . ARG A 1 47  ? 1.890   -2.171  3.836   1.00 44.04  ? 47  ARG A NH1 1 
ATOM   205  N  NH2 . ARG A 1 47  ? 1.571   -3.245  5.826   1.00 55.91  ? 47  ARG A NH2 1 
ATOM   206  N  N   . LEU A 1 48  ? 6.116   3.566   2.963   1.00 32.11  ? 48  LEU A N   1 
ATOM   207  C  CA  . LEU A 1 48  ? 7.132   4.253   2.172   1.00 31.93  ? 48  LEU A CA  1 
ATOM   208  C  C   . LEU A 1 48  ? 7.544   5.546   2.848   1.00 31.33  ? 48  LEU A C   1 
ATOM   209  O  O   . LEU A 1 48  ? 8.718   5.774   3.083   1.00 28.21  ? 48  LEU A O   1 
ATOM   210  C  CB  . LEU A 1 48  ? 6.615   4.531   0.768   1.00 32.72  ? 48  LEU A CB  1 
ATOM   211  C  CG  . LEU A 1 48  ? 7.481   5.347   -0.196  1.00 36.46  ? 48  LEU A CG  1 
ATOM   212  C  CD1 . LEU A 1 48  ? 8.865   4.781   -0.287  1.00 37.54  ? 48  LEU A CD1 1 
ATOM   213  C  CD2 . LEU A 1 48  ? 6.856   5.314   -1.581  1.00 38.80  ? 48  LEU A CD2 1 
ATOM   214  N  N   . LEU A 1 49  ? 6.577   6.382   3.186   1.00 30.99  ? 49  LEU A N   1 
ATOM   215  C  CA  . LEU A 1 49  ? 6.885   7.670   3.799   1.00 31.67  ? 49  LEU A CA  1 
ATOM   216  C  C   . LEU A 1 49  ? 7.573   7.524   5.142   1.00 30.87  ? 49  LEU A C   1 
ATOM   217  O  O   . LEU A 1 49  ? 8.561   8.190   5.377   1.00 28.93  ? 49  LEU A O   1 
ATOM   218  C  CB  . LEU A 1 49  ? 5.647   8.540   3.966   1.00 33.12  ? 49  LEU A CB  1 
ATOM   219  C  CG  . LEU A 1 49  ? 4.948   9.044   2.701   1.00 36.39  ? 49  LEU A CG  1 
ATOM   220  C  CD1 . LEU A 1 49  ? 3.644   9.748   3.073   1.00 40.44  ? 49  LEU A CD1 1 
ATOM   221  C  CD2 . LEU A 1 49  ? 5.822   9.974   1.952   1.00 37.79  ? 49  LEU A CD2 1 
ATOM   222  N  N   . SER A 1 50  ? 7.098   6.640   6.005   1.00 30.50  ? 50  SER A N   1 
ATOM   223  C  CA  . SER A 1 50  ? 7.715   6.512   7.353   1.00 32.43  ? 50  SER A CA  1 
ATOM   224  C  C   . SER A 1 50  ? 9.138   5.926   7.297   1.00 31.72  ? 50  SER A C   1 
ATOM   225  O  O   . SER A 1 50  ? 10.048  6.328   8.069   1.00 31.30  ? 50  SER A O   1 
ATOM   226  C  CB  . SER A 1 50  ? 6.804   5.718   8.317   1.00 29.69  ? 50  SER A CB  1 
ATOM   227  O  OG  . SER A 1 50  ? 6.649   4.368   7.899   1.00 32.13  ? 50  SER A OG  1 
ATOM   228  N  N   . GLU A 1 51  ? 9.360   5.030   6.368   1.00 31.51  ? 51  GLU A N   1 
ATOM   229  C  CA  . GLU A 1 51  ? 10.722  4.534   6.127   1.00 33.79  ? 51  GLU A CA  1 
ATOM   230  C  C   . GLU A 1 51  ? 11.617  5.621   5.591   1.00 34.09  ? 51  GLU A C   1 
ATOM   231  O  O   . GLU A 1 51  ? 12.737  5.761   6.062   1.00 33.23  ? 51  GLU A O   1 
ATOM   232  C  CB  . GLU A 1 51  ? 10.726  3.321   5.208   1.00 36.11  ? 51  GLU A CB  1 
ATOM   233  C  CG  . GLU A 1 51  ? 10.153  2.107   5.926   1.00 46.99  ? 51  GLU A CG  1 
ATOM   234  C  CD  . GLU A 1 51  ? 10.221  0.815   5.127   1.00 52.47  ? 51  GLU A CD  1 
ATOM   235  O  OE1 . GLU A 1 51  ? 11.083  0.692   4.223   1.00 55.35  ? 51  GLU A OE1 1 
ATOM   236  O  OE2 . GLU A 1 51  ? 9.398   -0.081  5.426   1.00 58.75  ? 51  GLU A OE2 1 
ATOM   237  N  N   . LEU A 1 52  ? 11.122  6.446   4.667   1.00 31.73  ? 52  LEU A N   1 
ATOM   238  C  CA  . LEU A 1 52  ? 11.956  7.556   4.181   1.00 31.32  ? 52  LEU A CA  1 
ATOM   239  C  C   . LEU A 1 52  ? 12.286  8.553   5.254   1.00 31.63  ? 52  LEU A C   1 
ATOM   240  O  O   . LEU A 1 52  ? 13.389  9.088   5.249   1.00 27.64  ? 52  LEU A O   1 
ATOM   241  C  CB  . LEU A 1 52  ? 11.322  8.281   3.032   1.00 33.03  ? 52  LEU A CB  1 
ATOM   242  C  CG  . LEU A 1 52  ? 11.310  7.476   1.731   1.00 36.75  ? 52  LEU A CG  1 
ATOM   243  C  CD1 . LEU A 1 52  ? 10.583  8.286   0.676   1.00 38.10  ? 52  LEU A CD1 1 
ATOM   244  C  CD2 . LEU A 1 52  ? 12.733  7.154   1.281   1.00 36.44  ? 52  LEU A CD2 1 
ATOM   245  N  N   . ARG A 1 53  ? 11.341  8.821   6.173   1.00 28.22  ? 53  ARG A N   1 
ATOM   246  C  CA  . ARG A 1 53  ? 11.570  9.815   7.203   1.00 28.25  ? 53  ARG A CA  1 
ATOM   247  C  C   . ARG A 1 53  ? 12.681  9.436   8.190   1.00 28.13  ? 53  ARG A C   1 
ATOM   248  O  O   . ARG A 1 53  ? 13.364  10.296  8.791   1.00 29.82  ? 53  ARG A O   1 
ATOM   249  C  CB  . ARG A 1 53  ? 10.274  10.109  7.956   1.00 27.26  ? 53  ARG A CB  1 
ATOM   250  C  CG  . ARG A 1 53  ? 9.262   10.873  7.119   1.00 29.73  ? 53  ARG A CG  1 
ATOM   251  C  CD  . ARG A 1 53  ? 8.129   11.420  7.981   1.00 30.34  ? 53  ARG A CD  1 
ATOM   252  N  NE  . ARG A 1 53  ? 6.965   11.775  7.185   1.00 30.36  ? 53  ARG A NE  1 
ATOM   253  C  CZ  . ARG A 1 53  ? 5.856   11.041  7.081   1.00 31.45  ? 53  ARG A CZ  1 
ATOM   254  N  NH1 . ARG A 1 53  ? 5.723   9.882   7.706   1.00 31.23  ? 53  ARG A NH1 1 
ATOM   255  N  NH2 . ARG A 1 53  ? 4.878   11.468  6.321   1.00 31.08  ? 53  ARG A NH2 1 
ATOM   256  N  N   . GLY A 1 54  ? 12.865  8.142   8.329   1.00 28.97  ? 54  GLY A N   1 
ATOM   257  C  CA  . GLY A 1 54  ? 13.938  7.591   9.093   1.00 31.05  ? 54  GLY A CA  1 
ATOM   258  C  C   . GLY A 1 54  ? 15.334  7.692   8.529   1.00 33.18  ? 54  GLY A C   1 
ATOM   259  O  O   . GLY A 1 54  ? 16.263  7.365   9.268   1.00 33.89  ? 54  GLY A O   1 
ATOM   260  N  N   . LYS A 1 55  ? 15.504  8.147   7.276   1.00 32.08  ? 55  LYS A N   1 
ATOM   261  C  CA  . LYS A 1 55  ? 16.830  8.181   6.622   1.00 37.29  ? 55  LYS A CA  1 
ATOM   262  C  C   . LYS A 1 55  ? 17.497  9.528   6.758   1.00 36.35  ? 55  LYS A C   1 
ATOM   263  O  O   . LYS A 1 55  ? 16.854  10.556  6.562   1.00 32.58  ? 55  LYS A O   1 
ATOM   264  C  CB  . LYS A 1 55  ? 16.728  7.934   5.112   1.00 39.02  ? 55  LYS A CB  1 
ATOM   265  C  CG  . LYS A 1 55  ? 15.960  6.698   4.705   1.00 42.55  ? 55  LYS A CG  1 
ATOM   266  C  CD  . LYS A 1 55  ? 16.729  5.476   5.100   1.00 45.18  ? 55  LYS A CD  1 
ATOM   267  C  CE  . LYS A 1 55  ? 16.026  4.215   4.653   1.00 52.19  ? 55  LYS A CE  1 
ATOM   268  N  NZ  . LYS A 1 55  ? 16.807  3.075   5.193   1.00 55.11  ? 55  LYS A NZ  1 
ATOM   269  N  N   . GLU A 1 56  ? 18.801  9.531   7.012   1.00 36.81  ? 56  GLU A N   1 
ATOM   270  C  CA  . GLU A 1 56  ? 19.531  10.789  7.124   1.00 40.22  ? 56  GLU A CA  1 
ATOM   271  C  C   . GLU A 1 56  ? 19.410  11.672  5.849   1.00 39.94  ? 56  GLU A C   1 
ATOM   272  O  O   . GLU A 1 56  ? 19.374  11.183  4.747   1.00 41.73  ? 56  GLU A O   1 
ATOM   273  C  CB  . GLU A 1 56  ? 20.994  10.510  7.480   1.00 46.42  ? 56  GLU A CB  1 
ATOM   274  C  CG  . GLU A 1 56  ? 21.185  9.894   8.886   1.00 48.92  ? 56  GLU A CG  1 
ATOM   275  C  CD  . GLU A 1 56  ? 20.523  10.715  9.990   1.00 49.05  ? 56  GLU A CD  1 
ATOM   276  O  OE1 . GLU A 1 56  ? 20.678  11.949  9.969   1.00 55.06  ? 56  GLU A OE1 1 
ATOM   277  O  OE2 . GLU A 1 56  ? 19.827  10.141  10.864  1.00 53.02  ? 56  GLU A OE2 1 
ATOM   278  N  N   . GLY A 1 57  ? 19.298  12.977  6.030   1.00 41.54  ? 57  GLY A N   1 
ATOM   279  C  CA  . GLY A 1 57  ? 19.166  13.883  4.921   1.00 43.63  ? 57  GLY A CA  1 
ATOM   280  C  C   . GLY A 1 57  ? 17.747  14.235  4.513   1.00 40.81  ? 57  GLY A C   1 
ATOM   281  O  O   . GLY A 1 57  ? 17.555  15.234  3.840   1.00 38.58  ? 57  GLY A O   1 
ATOM   282  N  N   . VAL A 1 58  ? 16.759  13.421  4.891   1.00 37.53  ? 58  VAL A N   1 
ATOM   283  C  CA  . VAL A 1 58  ? 15.374  13.728  4.606   1.00 33.91  ? 58  VAL A CA  1 
ATOM   284  C  C   . VAL A 1 58  ? 14.884  14.758  5.590   1.00 30.50  ? 58  VAL A C   1 
ATOM   285  O  O   . VAL A 1 58  ? 14.881  14.539  6.822   1.00 31.46  ? 58  VAL A O   1 
ATOM   286  C  CB  . VAL A 1 58  ? 14.501  12.472  4.649   1.00 34.57  ? 58  VAL A CB  1 
ATOM   287  C  CG1 . VAL A 1 58  ? 13.026  12.791  4.453   1.00 33.03  ? 58  VAL A CG1 1 
ATOM   288  C  CG2 . VAL A 1 58  ? 14.966  11.505  3.596   1.00 35.75  ? 58  VAL A CG2 1 
ATOM   289  N  N   . GLU A 1 59  ? 14.422  15.870  5.051   1.00 30.15  ? 59  GLU A N   1 
ATOM   290  C  CA  . GLU A 1 59  ? 13.856  16.943  5.847   1.00 33.34  ? 59  GLU A CA  1 
ATOM   291  C  C   . GLU A 1 59  ? 12.349  16.838  5.952   1.00 33.16  ? 59  GLU A C   1 
ATOM   292  O  O   . GLU A 1 59  ? 11.730  17.324  6.907   1.00 36.40  ? 59  GLU A O   1 
ATOM   293  C  CB  . GLU A 1 59  ? 14.251  18.301  5.237   1.00 40.14  ? 59  GLU A CB  1 
ATOM   294  C  CG  . GLU A 1 59  ? 15.737  18.595  5.341   1.00 44.33  ? 59  GLU A CG  1 
ATOM   295  C  CD  . GLU A 1 59  ? 16.171  18.904  6.773   1.00 54.24  ? 59  GLU A CD  1 
ATOM   296  O  OE1 . GLU A 1 59  ? 15.439  19.650  7.461   1.00 62.33  ? 59  GLU A OE1 1 
ATOM   297  O  OE2 . GLU A 1 59  ? 17.238  18.395  7.216   1.00 59.07  ? 59  GLU A OE2 1 
ATOM   298  N  N   . ALA A 1 60  ? 11.746  16.208  4.965   1.00 32.46  ? 60  ALA A N   1 
ATOM   299  C  CA  . ALA A 1 60  ? 10.337  15.900  5.022   1.00 29.82  ? 60  ALA A CA  1 
ATOM   300  C  C   . ALA A 1 60  ? 9.961   14.976  3.905   1.00 29.72  ? 60  ALA A C   1 
ATOM   301  O  O   . ALA A 1 60  ? 10.667  14.834  2.879   1.00 30.55  ? 60  ALA A O   1 
ATOM   302  C  CB  . ALA A 1 60  ? 9.502   17.173  4.916   1.00 33.65  ? 60  ALA A CB  1 
ATOM   303  N  N   . ALA A 1 61  ? 8.831   14.348  4.101   1.00 28.76  ? 61  ALA A N   1 
ATOM   304  C  CA  . ALA A 1 61  ? 8.246   13.525  3.103   1.00 30.84  ? 61  ALA A CA  1 
ATOM   305  C  C   . ALA A 1 61  ? 6.740   13.498  3.337   1.00 35.18  ? 61  ALA A C   1 
ATOM   306  O  O   . ALA A 1 61  ? 6.277   13.353  4.486   1.00 37.73  ? 61  ALA A O   1 
ATOM   307  C  CB  . ALA A 1 61  ? 8.849   12.127  3.180   1.00 32.33  ? 61  ALA A CB  1 
ATOM   308  N  N   . HIS A 1 62  ? 5.972   13.648  2.259   1.00 33.98  ? 62  HIS A N   1 
ATOM   309  C  CA  . HIS A 1 62  ? 4.519   13.716  2.381   1.00 35.14  ? 62  HIS A CA  1 
ATOM   310  C  C   . HIS A 1 62  ? 3.868   13.508  1.020   1.00 34.23  ? 62  HIS A C   1 
ATOM   311  O  O   . HIS A 1 62  ? 4.538   13.549  -0.057  1.00 28.74  ? 62  HIS A O   1 
ATOM   312  C  CB  . HIS A 1 62  ? 4.082   15.061  3.020   1.00 37.22  ? 62  HIS A CB  1 
ATOM   313  C  CG  . HIS A 1 62  ? 4.452   16.268  2.212   1.00 38.99  ? 62  HIS A CG  1 
ATOM   314  N  ND1 . HIS A 1 62  ? 3.531   16.988  1.485   1.00 41.12  ? 62  HIS A ND1 1 
ATOM   315  C  CD2 . HIS A 1 62  ? 5.650   16.859  1.987   1.00 42.80  ? 62  HIS A CD2 1 
ATOM   316  C  CE1 . HIS A 1 62  ? 4.143   17.981  0.864   1.00 45.82  ? 62  HIS A CE1 1 
ATOM   317  N  NE2 . HIS A 1 62  ? 5.428   17.929  1.156   1.00 38.99  ? 62  HIS A NE2 1 
ATOM   318  N  N   . ILE A 1 63  ? 2.582   13.226  1.065   1.00 32.58  ? 63  ILE A N   1 
ATOM   319  C  CA  . ILE A 1 63  ? 1.775   13.026  -0.125  1.00 38.79  ? 63  ILE A CA  1 
ATOM   320  C  C   . ILE A 1 63  ? 1.234   14.355  -0.593  1.00 39.39  ? 63  ILE A C   1 
ATOM   321  O  O   . ILE A 1 63  ? 0.914   15.211  0.227   1.00 40.28  ? 63  ILE A O   1 
ATOM   322  C  CB  . ILE A 1 63  ? 0.582   12.103  0.167   1.00 46.54  ? 63  ILE A CB  1 
ATOM   323  C  CG1 . ILE A 1 63  ? 1.067   10.774  0.708   1.00 52.72  ? 63  ILE A CG1 1 
ATOM   324  C  CG2 . ILE A 1 63  ? -0.259  11.837  -1.077  1.00 51.34  ? 63  ILE A CG2 1 
ATOM   325  C  CD1 . ILE A 1 63  ? 0.591   10.541  2.130   1.00 67.25  ? 63  ILE A CD1 1 
ATOM   326  N  N   . LYS A 1 64  ? 1.175   14.527  -1.914  1.00 44.98  ? 64  LYS A N   1 
ATOM   327  C  CA  . LYS A 1 64  ? 0.488   15.645  -2.594  1.00 49.01  ? 64  LYS A CA  1 
ATOM   328  C  C   . LYS A 1 64  ? -0.687  15.048  -3.344  1.00 51.40  ? 64  LYS A C   1 
ATOM   329  O  O   . LYS A 1 64  ? -0.509  14.302  -4.322  1.00 54.35  ? 64  LYS A O   1 
ATOM   330  C  CB  . LYS A 1 64  ? 1.389   16.298  -3.624  1.00 54.10  ? 64  LYS A CB  1 
ATOM   331  C  CG  . LYS A 1 64  ? 2.765   16.652  -3.096  1.00 59.49  ? 64  LYS A CG  1 
ATOM   332  C  CD  . LYS A 1 64  ? 2.782   18.045  -2.548  1.00 61.58  ? 64  LYS A CD  1 
ATOM   333  C  CE  . LYS A 1 64  ? 2.743   19.043  -3.687  1.00 65.04  ? 64  LYS A CE  1 
ATOM   334  N  NZ  . LYS A 1 64  ? 1.715   20.056  -3.373  1.00 72.26  ? 64  LYS A NZ  1 
ATOM   335  N  N   . THR A 1 65  ? -1.881  15.362  -2.881  1.00 55.14  ? 65  THR A N   1 
ATOM   336  C  CA  . THR A 1 65  ? -3.085  14.678  -3.327  1.00 63.62  ? 65  THR A CA  1 
ATOM   337  C  C   . THR A 1 65  ? -3.599  15.217  -4.651  1.00 67.99  ? 65  THR A C   1 
ATOM   338  O  O   . THR A 1 65  ? -3.734  16.428  -4.822  1.00 64.69  ? 65  THR A O   1 
ATOM   339  C  CB  . THR A 1 65  ? -4.202  14.810  -2.279  1.00 65.17  ? 65  THR A CB  1 
ATOM   340  O  OG1 . THR A 1 65  ? -3.778  14.208  -1.046  1.00 73.78  ? 65  THR A OG1 1 
ATOM   341  C  CG2 . THR A 1 65  ? -5.451  14.129  -2.774  1.00 70.06  ? 65  THR A CG2 1 
ATOM   342  N  N   . ALA A 1 66  ? -3.878  14.312  -5.586  1.00 76.97  ? 66  ALA A N   1 
ATOM   343  C  CA  . ALA A 1 66  ? -4.534  14.682  -6.842  1.00 91.78  ? 66  ALA A CA  1 
ATOM   344  C  C   . ALA A 1 66  ? -6.019  14.315  -6.804  1.00 100.24 ? 66  ALA A C   1 
ATOM   345  O  O   . ALA A 1 66  ? -6.406  13.301  -6.205  1.00 103.14 ? 66  ALA A O   1 
ATOM   346  C  CB  . ALA A 1 66  ? -3.855  14.004  -8.017  1.00 89.61  ? 66  ALA A CB  1 
ATOM   347  N  N   . ASN A 1 67  ? -6.837  15.151  -7.445  1.00 112.61 ? 67  ASN A N   1 
ATOM   348  C  CA  . ASN A 1 67  ? -8.279  14.906  -7.577  1.00 113.77 ? 67  ASN A CA  1 
ATOM   349  C  C   . ASN A 1 67  ? -8.536  13.590  -8.306  1.00 110.47 ? 67  ASN A C   1 
ATOM   350  O  O   . ASN A 1 67  ? -9.385  12.794  -7.895  1.00 106.12 ? 67  ASN A O   1 
ATOM   351  C  CB  . ASN A 1 67  ? -8.950  16.059  -8.322  1.00 121.29 ? 67  ASN A CB  1 
ATOM   352  C  CG  . ASN A 1 67  ? -8.859  17.371  -7.564  1.00 127.11 ? 67  ASN A CG  1 
ATOM   353  O  OD1 . ASN A 1 67  ? -9.503  17.546  -6.528  1.00 135.67 ? 67  ASN A OD1 1 
ATOM   354  N  ND2 . ASN A 1 67  ? -8.062  18.302  -8.079  1.00 125.50 ? 67  ASN A ND2 1 
ATOM   355  N  N   . VAL A 1 68  ? -7.790  13.379  -9.390  1.00 106.73 ? 68  VAL A N   1 
ATOM   356  C  CA  . VAL A 1 68  ? -7.642  12.055  -9.985  1.00 108.30 ? 68  VAL A CA  1 
ATOM   357  C  C   . VAL A 1 68  ? -6.548  11.342  -9.181  1.00 108.62 ? 68  VAL A C   1 
ATOM   358  O  O   . VAL A 1 68  ? -5.365  11.670  -9.311  1.00 108.81 ? 68  VAL A O   1 
ATOM   359  C  CB  . VAL A 1 68  ? -7.247  12.135  -11.475 1.00 107.84 ? 68  VAL A CB  1 
ATOM   360  C  CG1 . VAL A 1 68  ? -7.187  10.736  -12.086 1.00 108.39 ? 68  VAL A CG1 1 
ATOM   361  C  CG2 . VAL A 1 68  ? -8.218  13.028  -12.240 1.00 105.81 ? 68  VAL A CG2 1 
ATOM   362  N  N   . ASP A 1 69  ? -6.940  10.376  -8.352  1.00 102.84 ? 69  ASP A N   1 
ATOM   363  C  CA  . ASP A 1 69  ? -6.048  9.834   -7.316  1.00 97.11  ? 69  ASP A CA  1 
ATOM   364  C  C   . ASP A 1 69  ? -4.690  9.332   -7.830  1.00 97.62  ? 69  ASP A C   1 
ATOM   365  O  O   . ASP A 1 69  ? -3.676  9.486   -7.144  1.00 95.77  ? 69  ASP A O   1 
ATOM   366  C  CB  . ASP A 1 69  ? -6.736  8.715   -6.524  1.00 91.05  ? 69  ASP A CB  1 
ATOM   367  C  CG  . ASP A 1 69  ? -6.042  8.430   -5.201  1.00 87.84  ? 69  ASP A CG  1 
ATOM   368  O  OD1 . ASP A 1 69  ? -5.884  9.386   -4.410  1.00 85.64  ? 69  ASP A OD1 1 
ATOM   369  O  OD2 . ASP A 1 69  ? -5.655  7.260   -4.953  1.00 75.58  ? 69  ASP A OD2 1 
ATOM   370  N  N   . SER A 1 70  ? -4.665  8.753   -9.031  1.00 95.16  ? 70  SER A N   1 
ATOM   371  C  CA  . SER A 1 70  ? -3.425  8.191   -9.599  1.00 92.66  ? 70  SER A CA  1 
ATOM   372  C  C   . SER A 1 70  ? -2.440  9.233   -10.185 1.00 83.41  ? 70  SER A C   1 
ATOM   373  O  O   . SER A 1 70  ? -1.438  8.862   -10.822 1.00 72.99  ? 70  SER A O   1 
ATOM   374  C  CB  . SER A 1 70  ? -3.769  7.135   -10.654 1.00 94.92  ? 70  SER A CB  1 
ATOM   375  O  OG  . SER A 1 70  ? -4.522  7.717   -11.698 1.00 100.33 ? 70  SER A OG  1 
ATOM   376  N  N   . ASP A 1 71  ? -2.748  10.521  -9.995  1.00 74.41  ? 71  ASP A N   1 
ATOM   377  C  CA  . ASP A 1 71  ? -1.802  11.610  -10.230 1.00 72.23  ? 71  ASP A CA  1 
ATOM   378  C  C   . ASP A 1 71  ? -1.304  12.193  -8.898  1.00 65.08  ? 71  ASP A C   1 
ATOM   379  O  O   . ASP A 1 71  ? -0.688  13.268  -8.872  1.00 55.79  ? 71  ASP A O   1 
ATOM   380  C  CB  . ASP A 1 71  ? -2.455  12.724  -11.058 1.00 78.24  ? 71  ASP A CB  1 
ATOM   381  C  CG  . ASP A 1 71  ? -2.772  12.292  -12.483 1.00 88.89  ? 71  ASP A CG  1 
ATOM   382  O  OD1 . ASP A 1 71  ? -2.957  11.074  -12.736 1.00 89.27  ? 71  ASP A OD1 1 
ATOM   383  O  OD2 . ASP A 1 71  ? -2.842  13.185  -13.353 1.00 94.23  ? 71  ASP A OD2 1 
ATOM   384  N  N   . SER A 1 72  ? -1.603  11.512  -7.793  1.00 53.31  ? 72  SER A N   1 
ATOM   385  C  CA  . SER A 1 72  ? -1.056  11.896  -6.495  1.00 52.20  ? 72  SER A CA  1 
ATOM   386  C  C   . SER A 1 72  ? 0.448   11.656  -6.505  1.00 46.50  ? 72  SER A C   1 
ATOM   387  O  O   . SER A 1 72  ? 0.920   10.681  -7.056  1.00 43.24  ? 72  SER A O   1 
ATOM   388  C  CB  . SER A 1 72  ? -1.689  11.073  -5.379  1.00 54.65  ? 72  SER A CB  1 
ATOM   389  O  OG  . SER A 1 72  ? -3.053  11.417  -5.245  1.00 67.33  ? 72  SER A OG  1 
ATOM   390  N  N   . GLN A 1 73  ? 1.188   12.531  -5.856  1.00 40.87  ? 73  GLN A N   1 
ATOM   391  C  CA  . GLN A 1 73  ? 2.619   12.380  -5.789  1.00 42.23  ? 73  GLN A CA  1 
ATOM   392  C  C   . GLN A 1 73  ? 3.117   12.220  -4.363  1.00 41.09  ? 73  GLN A C   1 
ATOM   393  O  O   . GLN A 1 73  ? 2.374   12.459  -3.385  1.00 39.31  ? 73  GLN A O   1 
ATOM   394  C  CB  . GLN A 1 73  ? 3.269   13.631  -6.386  1.00 43.65  ? 73  GLN A CB  1 
ATOM   395  C  CG  . GLN A 1 73  ? 2.948   13.847  -7.858  1.00 45.17  ? 73  GLN A CG  1 
ATOM   396  C  CD  . GLN A 1 73  ? 3.566   15.128  -8.380  1.00 45.01  ? 73  GLN A CD  1 
ATOM   397  O  OE1 . GLN A 1 73  ? 3.313   16.214  -7.860  1.00 45.15  ? 73  GLN A OE1 1 
ATOM   398  N  NE2 . GLN A 1 73  ? 4.401   14.998  -9.379  1.00 49.62  ? 73  GLN A NE2 1 
ATOM   399  N  N   . ILE A 1 74  ? 4.378   11.807  -4.244  1.00 38.49  ? 74  ILE A N   1 
ATOM   400  C  CA  . ILE A 1 74  ? 5.105   12.049  -3.004  1.00 37.63  ? 74  ILE A CA  1 
ATOM   401  C  C   . ILE A 1 74  ? 6.089   13.125  -3.267  1.00 35.09  ? 74  ILE A C   1 
ATOM   402  O  O   . ILE A 1 74  ? 6.693   13.179  -4.344  1.00 31.80  ? 74  ILE A O   1 
ATOM   403  C  CB  . ILE A 1 74  ? 5.789   10.822  -2.387  1.00 40.29  ? 74  ILE A CB  1 
ATOM   404  C  CG1 . ILE A 1 74  ? 6.805   10.207  -3.300  1.00 46.36  ? 74  ILE A CG1 1 
ATOM   405  C  CG2 . ILE A 1 74  ? 4.745   9.756   -2.042  1.00 47.09  ? 74  ILE A CG2 1 
ATOM   406  C  CD1 . ILE A 1 74  ? 7.809   9.428   -2.485  1.00 53.75  ? 74  ILE A CD1 1 
ATOM   407  N  N   . CYS A 1 75  ? 6.241   13.969  -2.265  1.00 31.03  ? 75  CYS A N   1 
ATOM   408  C  CA  . CYS A 1 75  ? 7.146   15.036  -2.293  1.00 33.29  ? 75  CYS A CA  1 
ATOM   409  C  C   . CYS A 1 75  ? 8.108   14.811  -1.139  1.00 31.18  ? 75  CYS A C   1 
ATOM   410  O  O   . CYS A 1 75  ? 7.702   14.587  0.003   1.00 28.72  ? 75  CYS A O   1 
ATOM   411  C  CB  . CYS A 1 75  ? 6.366   16.348  -2.197  1.00 31.08  ? 75  CYS A CB  1 
ATOM   412  S  SG  . CYS A 1 75  ? 7.405   17.822  -2.270  1.00 33.14  ? 75  CYS A SG  1 
ATOM   413  N  N   . VAL A 1 76  ? 9.404   14.873  -1.446  1.00 28.53  ? 76  VAL A N   1 
ATOM   414  C  CA  . VAL A 1 76  ? 10.433  14.657  -0.482  1.00 27.31  ? 76  VAL A CA  1 
ATOM   415  C  C   . VAL A 1 76  ? 11.322  15.878  -0.475  1.00 29.93  ? 76  VAL A C   1 
ATOM   416  O  O   . VAL A 1 76  ? 11.788  16.300  -1.510  1.00 29.20  ? 76  VAL A O   1 
ATOM   417  C  CB  . VAL A 1 76  ? 11.274  13.424  -0.857  1.00 29.64  ? 76  VAL A CB  1 
ATOM   418  C  CG1 . VAL A 1 76  ? 12.425  13.206  0.117   1.00 30.77  ? 76  VAL A CG1 1 
ATOM   419  C  CG2 . VAL A 1 76  ? 10.429  12.168  -0.848  1.00 31.31  ? 76  VAL A CG2 1 
ATOM   420  N  N   . HIS A 1 77  ? 11.542  16.438  0.708   1.00 26.73  ? 77  HIS A N   1 
ATOM   421  C  CA  . HIS A 1 77  ? 12.414  17.536  0.895   1.00 28.90  ? 77  HIS A CA  1 
ATOM   422  C  C   . HIS A 1 77  ? 13.723  17.003  1.480   1.00 32.95  ? 77  HIS A C   1 
ATOM   423  O  O   . HIS A 1 77  ? 13.737  16.192  2.408   1.00 34.51  ? 77  HIS A O   1 
ATOM   424  C  CB  . HIS A 1 77  ? 11.822  18.535  1.890   1.00 31.08  ? 77  HIS A CB  1 
ATOM   425  C  CG  . HIS A 1 77  ? 10.437  19.026  1.551   1.00 31.01  ? 77  HIS A CG  1 
ATOM   426  N  ND1 . HIS A 1 77  ? 9.885   20.112  2.201   1.00 35.05  ? 77  HIS A ND1 1 
ATOM   427  C  CD2 . HIS A 1 77  ? 9.470   18.570  0.710   1.00 31.05  ? 77  HIS A CD2 1 
ATOM   428  C  CE1 . HIS A 1 77  ? 8.665   20.336  1.741   1.00 34.32  ? 77  HIS A CE1 1 
ATOM   429  N  NE2 . HIS A 1 77  ? 8.390   19.432  0.820   1.00 27.24  ? 77  HIS A NE2 1 
ATOM   430  N  N   . TYR A 1 78  ? 14.828  17.456  0.922   1.00 33.24  ? 78  TYR A N   1 
ATOM   431  C  CA  . TYR A 1 78  ? 16.110  17.044  1.379   1.00 35.68  ? 78  TYR A CA  1 
ATOM   432  C  C   . TYR A 1 78  ? 17.069  18.247  1.483   1.00 36.89  ? 78  TYR A C   1 
ATOM   433  O  O   . TYR A 1 78  ? 16.860  19.327  0.877   1.00 38.31  ? 78  TYR A O   1 
ATOM   434  C  CB  . TYR A 1 78  ? 16.656  15.948  0.468   1.00 35.64  ? 78  TYR A CB  1 
ATOM   435  C  CG  . TYR A 1 78  ? 16.984  16.420  -0.921  1.00 37.11  ? 78  TYR A CG  1 
ATOM   436  C  CD1 . TYR A 1 78  ? 15.976  16.554  -1.879  1.00 33.31  ? 78  TYR A CD1 1 
ATOM   437  C  CD2 . TYR A 1 78  ? 18.303  16.748  -1.279  1.00 33.85  ? 78  TYR A CD2 1 
ATOM   438  C  CE1 . TYR A 1 78  ? 16.265  16.998  -3.151  1.00 37.09  ? 78  TYR A CE1 1 
ATOM   439  C  CE2 . TYR A 1 78  ? 18.601  17.193  -2.561  1.00 35.38  ? 78  TYR A CE2 1 
ATOM   440  C  CZ  . TYR A 1 78  ? 17.555  17.317  -3.483  1.00 37.31  ? 78  TYR A CZ  1 
ATOM   441  O  OH  . TYR A 1 78  ? 17.778  17.748  -4.736  1.00 38.45  ? 78  TYR A OH  1 
ATOM   442  N  N   . ASP A 1 79  ? 18.102  18.030  2.280   1.00 39.23  ? 79  ASP A N   1 
ATOM   443  C  CA  . ASP A 1 79  ? 19.227  18.943  2.464   1.00 41.54  ? 79  ASP A CA  1 
ATOM   444  C  C   . ASP A 1 79  ? 20.344  18.530  1.512   1.00 40.92  ? 79  ASP A C   1 
ATOM   445  O  O   . ASP A 1 79  ? 21.025  17.525  1.747   1.00 44.97  ? 79  ASP A O   1 
ATOM   446  C  CB  . ASP A 1 79  ? 19.711  18.792  3.916   1.00 45.47  ? 79  ASP A CB  1 
ATOM   447  C  CG  . ASP A 1 79  ? 20.893  19.683  4.249   1.00 49.26  ? 79  ASP A CG  1 
ATOM   448  O  OD1 . ASP A 1 79  ? 21.387  20.416  3.359   1.00 50.48  ? 79  ASP A OD1 1 
ATOM   449  O  OD2 . ASP A 1 79  ? 21.314  19.644  5.425   1.00 53.66  ? 79  ASP A OD2 1 
ATOM   450  N  N   . PRO A 1 80  ? 20.557  19.290  0.435   1.00 40.55  ? 80  PRO A N   1 
ATOM   451  C  CA  . PRO A 1 80  ? 21.590  18.862  -0.476  1.00 46.92  ? 80  PRO A CA  1 
ATOM   452  C  C   . PRO A 1 80  ? 23.043  18.916  0.072   1.00 50.72  ? 80  PRO A C   1 
ATOM   453  O  O   . PRO A 1 80  ? 23.955  18.554  -0.658  1.00 54.33  ? 80  PRO A O   1 
ATOM   454  C  CB  . PRO A 1 80  ? 21.424  19.816  -1.670  1.00 44.54  ? 80  PRO A CB  1 
ATOM   455  C  CG  . PRO A 1 80  ? 20.820  21.038  -1.099  1.00 42.05  ? 80  PRO A CG  1 
ATOM   456  C  CD  . PRO A 1 80  ? 19.999  20.607  0.069   1.00 42.87  ? 80  PRO A CD  1 
ATOM   457  N  N   . ALA A 1 81  ? 23.268  19.356  1.310   1.00 48.92  ? 81  ALA A N   1 
ATOM   458  C  CA  . ALA A 1 81  ? 24.612  19.285  1.891   1.00 52.21  ? 81  ALA A CA  1 
ATOM   459  C  C   . ALA A 1 81  ? 24.837  17.919  2.509   1.00 54.25  ? 81  ALA A C   1 
ATOM   460  O  O   . ALA A 1 81  ? 25.961  17.462  2.613   1.00 59.52  ? 81  ALA A O   1 
ATOM   461  C  CB  . ALA A 1 81  ? 24.816  20.380  2.934   1.00 54.93  ? 81  ALA A CB  1 
ATOM   462  N  N   . ALA A 1 82  ? 23.744  17.267  2.896   1.00 55.95  ? 82  ALA A N   1 
ATOM   463  C  CA  . ALA A 1 82  ? 23.771  15.959  3.524   1.00 49.70  ? 82  ALA A CA  1 
ATOM   464  C  C   . ALA A 1 82  ? 23.612  14.810  2.539   1.00 48.73  ? 82  ALA A C   1 
ATOM   465  O  O   . ALA A 1 82  ? 24.002  13.677  2.843   1.00 46.56  ? 82  ALA A O   1 
ATOM   466  C  CB  . ALA A 1 82  ? 22.675  15.895  4.577   1.00 52.42  ? 82  ALA A CB  1 
ATOM   467  N  N   . ILE A 1 83  ? 23.003  15.058  1.378   1.00 45.50  ? 83  ILE A N   1 
ATOM   468  C  CA  . ILE A 1 83  ? 22.736  13.963  0.433   1.00 39.35  ? 83  ILE A CA  1 
ATOM   469  C  C   . ILE A 1 83  ? 22.551  14.505  -0.959  1.00 37.35  ? 83  ILE A C   1 
ATOM   470  O  O   . ILE A 1 83  ? 21.972  15.579  -1.135  1.00 40.15  ? 83  ILE A O   1 
ATOM   471  C  CB  . ILE A 1 83  ? 21.499  13.165  0.893   1.00 42.00  ? 83  ILE A CB  1 
ATOM   472  C  CG1 . ILE A 1 83  ? 21.327  11.878  0.092   1.00 40.36  ? 83  ILE A CG1 1 
ATOM   473  C  CG2 . ILE A 1 83  ? 20.230  14.020  0.847   1.00 42.01  ? 83  ILE A CG2 1 
ATOM   474  C  CD1 . ILE A 1 83  ? 20.475  10.873  0.832   1.00 43.13  ? 83  ILE A CD1 1 
ATOM   475  N  N   . SER A 1 84  ? 23.077  13.804  -1.956  1.00 35.51  ? 84  SER A N   1 
ATOM   476  C  CA  . SER A 1 84  ? 22.970  14.264  -3.318  1.00 34.19  ? 84  SER A CA  1 
ATOM   477  C  C   . SER A 1 84  ? 21.564  13.969  -3.850  1.00 34.60  ? 84  SER A C   1 
ATOM   478  O  O   . SER A 1 84  ? 20.855  13.130  -3.294  1.00 35.19  ? 84  SER A O   1 
ATOM   479  C  CB  . SER A 1 84  ? 24.017  13.586  -4.172  1.00 35.95  ? 84  SER A CB  1 
ATOM   480  O  OG  . SER A 1 84  ? 23.775  12.202  -4.311  1.00 35.38  ? 84  SER A OG  1 
ATOM   481  N  N   . LEU A 1 85  ? 21.165  14.637  -4.919  1.00 33.81  ? 85  LEU A N   1 
ATOM   482  C  CA  . LEU A 1 85  ? 19.887  14.335  -5.533  1.00 33.03  ? 85  LEU A CA  1 
ATOM   483  C  C   . LEU A 1 85  ? 19.827  12.879  -6.011  1.00 33.68  ? 85  LEU A C   1 
ATOM   484  O  O   . LEU A 1 85  ? 18.855  12.167  -5.763  1.00 33.74  ? 85  LEU A O   1 
ATOM   485  C  CB  . LEU A 1 85  ? 19.610  15.278  -6.684  1.00 31.14  ? 85  LEU A CB  1 
ATOM   486  C  CG  . LEU A 1 85  ? 18.376  14.929  -7.520  1.00 31.06  ? 85  LEU A CG  1 
ATOM   487  C  CD1 . LEU A 1 85  ? 17.101  14.725  -6.709  1.00 31.80  ? 85  LEU A CD1 1 
ATOM   488  C  CD2 . LEU A 1 85  ? 18.185  16.035  -8.538  1.00 31.35  ? 85  LEU A CD2 1 
ATOM   489  N  N   . ALA A 1 86  ? 20.865  12.445  -6.703  1.00 31.26  ? 86  ALA A N   1 
ATOM   490  C  CA  . ALA A 1 86  ? 20.973  11.053  -7.166  1.00 33.94  ? 86  ALA A CA  1 
ATOM   491  C  C   . ALA A 1 86  ? 20.705  10.022  -6.085  1.00 31.81  ? 86  ALA A C   1 
ATOM   492  O  O   . ALA A 1 86  ? 20.001  9.049   -6.292  1.00 32.11  ? 86  ALA A O   1 
ATOM   493  C  CB  . ALA A 1 86  ? 22.382  10.814  -7.713  1.00 35.66  ? 86  ALA A CB  1 
ATOM   494  N  N   . ARG A 1 87  ? 21.284  10.268  -4.929  1.00 32.94  ? 87  ARG A N   1 
ATOM   495  C  CA  . ARG A 1 87  ? 21.205  9.394   -3.778  1.00 35.57  ? 87  ARG A CA  1 
ATOM   496  C  C   . ARG A 1 87  ? 19.828  9.470   -3.066  1.00 33.81  ? 87  ARG A C   1 
ATOM   497  O  O   . ARG A 1 87  ? 19.268  8.438   -2.704  1.00 30.67  ? 87  ARG A O   1 
ATOM   498  C  CB  . ARG A 1 87  ? 22.364  9.755   -2.820  1.00 40.66  ? 87  ARG A CB  1 
ATOM   499  C  CG  . ARG A 1 87  ? 22.384  9.007   -1.491  1.00 52.48  ? 87  ARG A CG  1 
ATOM   500  C  CD  . ARG A 1 87  ? 22.560  7.506   -1.657  1.00 60.32  ? 87  ARG A CD  1 
ATOM   501  N  NE  . ARG A 1 87  ? 22.175  6.777   -0.451  1.00 69.81  ? 87  ARG A NE  1 
ATOM   502  C  CZ  . ARG A 1 87  ? 22.988  6.496   0.569   1.00 83.09  ? 87  ARG A CZ  1 
ATOM   503  N  NH1 . ARG A 1 87  ? 24.269  6.878   0.563   1.00 86.26  ? 87  ARG A NH1 1 
ATOM   504  N  NH2 . ARG A 1 87  ? 22.510  5.822   1.614   1.00 84.76  ? 87  ARG A NH2 1 
ATOM   505  N  N   . ILE A 1 88  ? 19.243  10.661  -2.903  1.00 31.68  ? 88  ILE A N   1 
ATOM   506  C  CA  . ILE A 1 88  ? 17.904  10.711  -2.318  1.00 29.42  ? 88  ILE A CA  1 
ATOM   507  C  C   . ILE A 1 88  ? 16.900  10.018  -3.257  1.00 26.64  ? 88  ILE A C   1 
ATOM   508  O  O   . ILE A 1 88  ? 16.099  9.188   -2.816  1.00 27.29  ? 88  ILE A O   1 
ATOM   509  C  CB  . ILE A 1 88  ? 17.479  12.113  -1.819  1.00 30.44  ? 88  ILE A CB  1 
ATOM   510  C  CG1 . ILE A 1 88  ? 16.175  12.037  -1.040  1.00 34.84  ? 88  ILE A CG1 1 
ATOM   511  C  CG2 . ILE A 1 88  ? 17.258  13.073  -2.946  1.00 32.11  ? 88  ILE A CG2 1 
ATOM   512  C  CD1 . ILE A 1 88  ? 16.168  11.075  0.117   1.00 35.44  ? 88  ILE A CD1 1 
ATOM   513  N  N   . ARG A 1 89  ? 17.000  10.250  -4.551  1.00 26.00  ? 89  ARG A N   1 
ATOM   514  C  CA  . ARG A 1 89  ? 16.036  9.648   -5.483  1.00 26.89  ? 89  ARG A CA  1 
ATOM   515  C  C   . ARG A 1 89  ? 16.161  8.095   -5.509  1.00 30.93  ? 89  ARG A C   1 
ATOM   516  O  O   . ARG A 1 89  ? 15.165  7.368   -5.601  1.00 30.96  ? 89  ARG A O   1 
ATOM   517  C  CB  . ARG A 1 89  ? 16.192  10.256  -6.875  1.00 25.72  ? 89  ARG A CB  1 
ATOM   518  C  CG  . ARG A 1 89  ? 15.276  9.649   -7.921  1.00 27.72  ? 89  ARG A CG  1 
ATOM   519  C  CD  . ARG A 1 89  ? 15.422  10.307  -9.286  1.00 30.04  ? 89  ARG A CD  1 
ATOM   520  N  NE  . ARG A 1 89  ? 16.778  10.155  -9.806  1.00 30.54  ? 89  ARG A NE  1 
ATOM   521  C  CZ  . ARG A 1 89  ? 17.598  11.131  -10.162 1.00 32.14  ? 89  ARG A CZ  1 
ATOM   522  N  NH1 . ARG A 1 89  ? 17.264  12.422  -10.070 1.00 32.78  ? 89  ARG A NH1 1 
ATOM   523  N  NH2 . ARG A 1 89  ? 18.794  10.808  -10.608 1.00 32.05  ? 89  ARG A NH2 1 
ATOM   524  N  N   . GLU A 1 90  ? 17.386  7.599   -5.399  1.00 33.82  ? 90  GLU A N   1 
ATOM   525  C  CA  . GLU A 1 90  ? 17.650  6.155   -5.348  1.00 36.11  ? 90  GLU A CA  1 
ATOM   526  C  C   . GLU A 1 90  ? 17.039  5.531   -4.111  1.00 32.47  ? 90  GLU A C   1 
ATOM   527  O  O   . GLU A 1 90  ? 16.426  4.458   -4.171  1.00 33.88  ? 90  GLU A O   1 
ATOM   528  C  CB  . GLU A 1 90  ? 19.179  5.899   -5.413  1.00 40.00  ? 90  GLU A CB  1 
ATOM   529  C  CG  . GLU A 1 90  ? 19.648  4.457   -5.223  1.00 48.28  ? 90  GLU A CG  1 
ATOM   530  C  CD  . GLU A 1 90  ? 21.142  4.293   -5.531  1.00 59.72  ? 90  GLU A CD  1 
ATOM   531  O  OE1 . GLU A 1 90  ? 21.980  4.466   -4.605  1.00 61.03  ? 90  GLU A OE1 1 
ATOM   532  O  OE2 . GLU A 1 90  ? 21.480  4.043   -6.712  1.00 66.61  ? 90  GLU A OE2 1 
ATOM   533  N  N   . LEU A 1 91  ? 17.221  6.201   -2.993  1.00 31.66  ? 91  LEU A N   1 
ATOM   534  C  CA  . LEU A 1 91  ? 16.579  5.828   -1.755  1.00 36.21  ? 91  LEU A CA  1 
ATOM   535  C  C   . LEU A 1 91  ? 15.062  5.798   -1.926  1.00 33.69  ? 91  LEU A C   1 
ATOM   536  O  O   . LEU A 1 91  ? 14.426  4.834   -1.550  1.00 32.65  ? 91  LEU A O   1 
ATOM   537  C  CB  . LEU A 1 91  ? 16.967  6.796   -0.672  1.00 43.17  ? 91  LEU A CB  1 
ATOM   538  C  CG  . LEU A 1 91  ? 17.039  6.348   0.767   1.00 53.97  ? 91  LEU A CG  1 
ATOM   539  C  CD1 . LEU A 1 91  ? 17.647  4.958   0.935   1.00 58.28  ? 91  LEU A CD1 1 
ATOM   540  C  CD2 . LEU A 1 91  ? 17.905  7.370   1.489   1.00 56.77  ? 91  LEU A CD2 1 
ATOM   541  N  N   . VAL A 1 92  ? 14.481  6.824   -2.533  1.00 33.31  ? 92  VAL A N   1 
ATOM   542  C  CA  . VAL A 1 92  ? 13.029  6.800   -2.768  1.00 31.56  ? 92  VAL A CA  1 
ATOM   543  C  C   . VAL A 1 92  ? 12.606  5.661   -3.687  1.00 30.18  ? 92  VAL A C   1 
ATOM   544  O  O   . VAL A 1 92  ? 11.745  4.886   -3.332  1.00 31.32  ? 92  VAL A O   1 
ATOM   545  C  CB  . VAL A 1 92  ? 12.473  8.119   -3.315  1.00 30.27  ? 92  VAL A CB  1 
ATOM   546  C  CG1 . VAL A 1 92  ? 10.998  7.975   -3.617  1.00 32.06  ? 92  VAL A CG1 1 
ATOM   547  C  CG2 . VAL A 1 92  ? 12.700  9.264   -2.337  1.00 30.41  ? 92  VAL A CG2 1 
ATOM   548  N  N   . THR A 1 93  ? 13.174  5.577   -4.884  1.00 31.11  ? 93  THR A N   1 
ATOM   549  C  CA  . THR A 1 93  ? 12.767  4.561   -5.855  1.00 31.84  ? 93  THR A CA  1 
ATOM   550  C  C   . THR A 1 93  ? 13.070  3.139   -5.375  1.00 34.06  ? 93  THR A C   1 
ATOM   551  O  O   . THR A 1 93  ? 12.292  2.226   -5.649  1.00 33.11  ? 93  THR A O   1 
ATOM   552  C  CB  . THR A 1 93  ? 13.475  4.727   -7.218  1.00 33.96  ? 93  THR A CB  1 
ATOM   553  O  OG1 . THR A 1 93  ? 14.884  4.855   -6.992  1.00 34.73  ? 93  THR A OG1 1 
ATOM   554  C  CG2 . THR A 1 93  ? 12.961  5.969   -7.951  1.00 35.40  ? 93  THR A CG2 1 
ATOM   555  N  N   . SER A 1 94  ? 14.180  2.924   -4.676  1.00 33.14  ? 94  SER A N   1 
ATOM   556  C  CA  . SER A 1 94  ? 14.477  1.555   -4.222  1.00 36.51  ? 94  SER A CA  1 
ATOM   557  C  C   . SER A 1 94  ? 13.664  1.144   -2.970  1.00 39.21  ? 94  SER A C   1 
ATOM   558  O  O   . SER A 1 94  ? 13.337  -0.031  -2.801  1.00 39.97  ? 94  SER A O   1 
ATOM   559  C  CB  . SER A 1 94  ? 15.953  1.354   -3.949  1.00 33.60  ? 94  SER A CB  1 
ATOM   560  O  OG  . SER A 1 94  ? 16.340  1.970   -2.734  1.00 38.67  ? 94  SER A OG  1 
ATOM   561  N  N   . THR A 1 95  ? 13.361  2.084   -2.084  1.00 36.75  ? 95  THR A N   1 
ATOM   562  C  CA  . THR A 1 95  ? 12.534  1.752   -0.928  1.00 35.97  ? 95  THR A CA  1 
ATOM   563  C  C   . THR A 1 95  ? 11.139  1.378   -1.435  1.00 36.37  ? 95  THR A C   1 
ATOM   564  O  O   . THR A 1 95  ? 10.527  0.426   -0.956  1.00 38.81  ? 95  THR A O   1 
ATOM   565  C  CB  . THR A 1 95  ? 12.459  2.882   0.071   1.00 35.51  ? 95  THR A CB  1 
ATOM   566  O  OG1 . THR A 1 95  ? 13.779  3.206   0.501   1.00 38.01  ? 95  THR A OG1 1 
ATOM   567  C  CG2 . THR A 1 95  ? 11.598  2.482   1.284   1.00 40.81  ? 95  THR A CG2 1 
ATOM   568  N  N   . GLY A 1 96  ? 10.669  2.112   -2.424  1.00 34.98  ? 96  GLY A N   1 
ATOM   569  C  CA  . GLY A 1 96  ? 9.413   1.815   -3.110  1.00 38.23  ? 96  GLY A CA  1 
ATOM   570  C  C   . GLY A 1 96  ? 9.388   0.466   -3.784  1.00 43.14  ? 96  GLY A C   1 
ATOM   571  O  O   . GLY A 1 96  ? 8.366   -0.251  -3.727  1.00 39.07  ? 96  GLY A O   1 
ATOM   572  N  N   . ALA A 1 97  ? 10.503  0.098   -4.423  1.00 44.69  ? 97  ALA A N   1 
ATOM   573  C  CA  . ALA A 1 97  ? 10.600  -1.188  -5.114  1.00 43.06  ? 97  ALA A CA  1 
ATOM   574  C  C   . ALA A 1 97  ? 10.436  -2.339  -4.137  1.00 40.83  ? 97  ALA A C   1 
ATOM   575  O  O   . ALA A 1 97  ? 9.716   -3.262  -4.424  1.00 46.95  ? 97  ALA A O   1 
ATOM   576  C  CB  . ALA A 1 97  ? 11.912  -1.322  -5.872  1.00 46.69  ? 97  ALA A CB  1 
ATOM   577  N  N   . VAL A 1 98  ? 11.075  -2.260  -2.986  1.00 39.02  ? 98  VAL A N   1 
ATOM   578  C  CA  . VAL A 1 98  ? 10.992  -3.306  -1.983  1.00 44.04  ? 98  VAL A CA  1 
ATOM   579  C  C   . VAL A 1 98  ? 9.600   -3.424  -1.350  1.00 45.65  ? 98  VAL A C   1 
ATOM   580  O  O   . VAL A 1 98  ? 9.115   -4.535  -1.139  1.00 45.42  ? 98  VAL A O   1 
ATOM   581  C  CB  . VAL A 1 98  ? 11.989  -3.091  -0.847  1.00 46.16  ? 98  VAL A CB  1 
ATOM   582  C  CG1 . VAL A 1 98  ? 11.799  -4.146  0.222   1.00 47.78  ? 98  VAL A CG1 1 
ATOM   583  C  CG2 . VAL A 1 98  ? 13.413  -3.120  -1.371  1.00 50.25  ? 98  VAL A CG2 1 
ATOM   584  N  N   . ILE A 1 99  ? 8.969   -2.294  -1.038  1.00 43.68  ? 99  ILE A N   1 
ATOM   585  C  CA  . ILE A 1 99  ? 7.605   -2.312  -0.508  1.00 39.42  ? 99  ILE A CA  1 
ATOM   586  C  C   . ILE A 1 99  ? 6.629   -2.914  -1.525  1.00 42.03  ? 99  ILE A C   1 
ATOM   587  O  O   . ILE A 1 99  ? 5.828   -3.783  -1.196  1.00 45.48  ? 99  ILE A O   1 
ATOM   588  C  CB  . ILE A 1 99  ? 7.169   -0.912  -0.064  1.00 36.52  ? 99  ILE A CB  1 
ATOM   589  C  CG1 . ILE A 1 99  ? 7.942   -0.533  1.193   1.00 35.92  ? 99  ILE A CG1 1 
ATOM   590  C  CG2 . ILE A 1 99  ? 5.667   -0.861  0.205   1.00 36.99  ? 99  ILE A CG2 1 
ATOM   591  C  CD1 . ILE A 1 99  ? 7.837   0.917   1.565   1.00 38.24  ? 99  ILE A CD1 1 
ATOM   592  N  N   . SER A 1 100 ? 6.721   -2.442  -2.754  1.00 42.27  ? 100 SER A N   1 
ATOM   593  C  CA  . SER A 1 100 ? 5.895   -2.883  -3.844  1.00 43.70  ? 100 SER A CA  1 
ATOM   594  C  C   . SER A 1 100 ? 5.994   -4.391  -4.140  1.00 51.07  ? 100 SER A C   1 
ATOM   595  O  O   . SER A 1 100 ? 4.992   -5.018  -4.500  1.00 50.69  ? 100 SER A O   1 
ATOM   596  C  CB  . SER A 1 100 ? 6.288   -2.126  -5.098  1.00 45.36  ? 100 SER A CB  1 
ATOM   597  O  OG  . SER A 1 100 ? 5.442   -2.460  -6.170  1.00 47.27  ? 100 SER A OG  1 
ATOM   598  N  N   . SER A 1 101 ? 7.188   -4.964  -4.012  1.00 46.74  ? 101 SER A N   1 
ATOM   599  C  CA  . SER A 1 101 ? 7.381   -6.380  -4.308  1.00 53.12  ? 101 SER A CA  1 
ATOM   600  C  C   . SER A 1 101 ? 6.915   -7.255  -3.151  1.00 59.32  ? 101 SER A C   1 
ATOM   601  O  O   . SER A 1 101 ? 6.543   -8.411  -3.339  1.00 56.97  ? 101 SER A O   1 
ATOM   602  C  CB  . SER A 1 101 ? 8.843   -6.656  -4.556  1.00 52.79  ? 101 SER A CB  1 
ATOM   603  O  OG  . SER A 1 101 ? 9.569   -6.690  -3.340  1.00 53.16  ? 101 SER A OG  1 
ATOM   604  N  N   . ARG A 1 102 ? 6.962   -6.682  -1.952  1.00 58.38  ? 102 ARG A N   1 
ATOM   605  C  CA  . ARG A 1 102 ? 6.727   -7.416  -0.740  1.00 59.69  ? 102 ARG A CA  1 
ATOM   606  C  C   . ARG A 1 102 ? 5.251   -7.524  -0.394  1.00 55.98  ? 102 ARG A C   1 
ATOM   607  O  O   . ARG A 1 102 ? 4.845   -8.560  0.111   1.00 57.11  ? 102 ARG A O   1 
ATOM   608  C  CB  . ARG A 1 102 ? 7.505   -6.795  0.422   1.00 63.30  ? 102 ARG A CB  1 
ATOM   609  C  CG  . ARG A 1 102 ? 7.252   -7.484  1.749   1.00 71.59  ? 102 ARG A CG  1 
ATOM   610  C  CD  . ARG A 1 102 ? 8.459   -7.413  2.666   1.00 77.74  ? 102 ARG A CD  1 
ATOM   611  N  NE  . ARG A 1 102 ? 8.173   -8.013  3.966   1.00 82.55  ? 102 ARG A NE  1 
ATOM   612  C  CZ  . ARG A 1 102 ? 8.051   -9.321  4.186   1.00 84.01  ? 102 ARG A CZ  1 
ATOM   613  N  NH1 . ARG A 1 102 ? 8.190   -10.199 3.192   1.00 86.23  ? 102 ARG A NH1 1 
ATOM   614  N  NH2 . ARG A 1 102 ? 7.785   -9.755  5.412   1.00 84.50  ? 102 ARG A NH2 1 
ATOM   615  N  N   . PHE A 1 103 ? 4.464   -6.476  -0.661  1.00 53.12  ? 103 PHE A N   1 
ATOM   616  C  CA  . PHE A 1 103 ? 3.049   -6.438  -0.267  1.00 53.90  ? 103 PHE A CA  1 
ATOM   617  C  C   . PHE A 1 103 ? 2.084   -6.494  -1.413  1.00 54.23  ? 103 PHE A C   1 
ATOM   618  O  O   . PHE A 1 103 ? 2.094   -5.617  -2.278  1.00 53.21  ? 103 PHE A O   1 
ATOM   619  C  CB  . PHE A 1 103 ? 2.732   -5.192  0.554   1.00 47.81  ? 103 PHE A CB  1 
ATOM   620  C  CG  . PHE A 1 103 ? 3.535   -5.105  1.798   1.00 50.78  ? 103 PHE A CG  1 
ATOM   621  C  CD1 . PHE A 1 103 ? 3.148   -5.789  2.930   1.00 51.53  ? 103 PHE A CD1 1 
ATOM   622  C  CD2 . PHE A 1 103 ? 4.712   -4.367  1.826   1.00 46.84  ? 103 PHE A CD2 1 
ATOM   623  C  CE1 . PHE A 1 103 ? 3.916   -5.737  4.083   1.00 53.33  ? 103 PHE A CE1 1 
ATOM   624  C  CE2 . PHE A 1 103 ? 5.469   -4.301  2.971   1.00 48.00  ? 103 PHE A CE2 1 
ATOM   625  C  CZ  . PHE A 1 103 ? 5.078   -4.990  4.101   1.00 52.96  ? 103 PHE A CZ  1 
ATOM   626  N  N   . GLY A 1 104 ? 1.213   -7.508  -1.370  1.00 58.39  ? 104 GLY A N   1 
ATOM   627  C  CA  . GLY A 1 104 ? 0.195   -7.725  -2.383  1.00 55.42  ? 104 GLY A CA  1 
ATOM   628  C  C   . GLY A 1 104 ? -1.128  -7.139  -1.959  1.00 57.89  ? 104 GLY A C   1 
ATOM   629  O  O   . GLY A 1 104 ? -1.346  -6.857  -0.780  1.00 57.21  ? 104 GLY A O   1 
ATOM   630  N  N   . HIS A 1 105 ? -1.997  -6.926  -2.941  1.00 63.37  ? 105 HIS A N   1 
ATOM   631  C  CA  . HIS A 1 105 ? -3.370  -6.492  -2.707  1.00 71.46  ? 105 HIS A CA  1 
ATOM   632  C  C   . HIS A 1 105 ? -4.308  -7.151  -3.717  1.00 76.42  ? 105 HIS A C   1 
ATOM   633  O  O   . HIS A 1 105 ? -3.984  -7.263  -4.899  1.00 70.70  ? 105 HIS A O   1 
ATOM   634  C  CB  . HIS A 1 105 ? -3.505  -4.985  -2.853  1.00 72.69  ? 105 HIS A CB  1 
ATOM   635  C  CG  . HIS A 1 105 ? -2.261  -4.241  -2.505  1.00 75.02  ? 105 HIS A CG  1 
ATOM   636  N  ND1 . HIS A 1 105 ? -1.262  -4.006  -3.424  1.00 71.32  ? 105 HIS A ND1 1 
ATOM   637  C  CD2 . HIS A 1 105 ? -1.839  -3.709  -1.337  1.00 68.74  ? 105 HIS A CD2 1 
ATOM   638  C  CE1 . HIS A 1 105 ? -0.279  -3.355  -2.838  1.00 72.43  ? 105 HIS A CE1 1 
ATOM   639  N  NE2 . HIS A 1 105 ? -0.605  -3.163  -1.572  1.00 63.23  ? 105 HIS A NE2 1 
ATOM   640  N  N   . VAL A 1 106 ? -5.458  -7.600  -3.227  1.00 79.21  ? 106 VAL A N   1 
ATOM   641  C  CA  . VAL A 1 106 ? -6.603  -7.879  -4.082  1.00 79.16  ? 106 VAL A CA  1 
ATOM   642  C  C   . VAL A 1 106 ? -7.798  -7.116  -3.533  1.00 75.69  ? 106 VAL A C   1 
ATOM   643  O  O   . VAL A 1 106 ? -7.929  -6.917  -2.329  1.00 69.09  ? 106 VAL A O   1 
ATOM   644  C  CB  . VAL A 1 106 ? -6.944  -9.384  -4.201  1.00 81.02  ? 106 VAL A CB  1 
ATOM   645  C  CG1 . VAL A 1 106 ? -5.882  -10.112 -5.003  1.00 78.41  ? 106 VAL A CG1 1 
ATOM   646  C  CG2 . VAL A 1 106 ? -7.131  -10.028 -2.837  1.00 84.76  ? 106 VAL A CG2 1 
ATOM   647  N  N   . LEU A 1 107 ? -8.634  -6.649  -4.446  1.00 79.68  ? 107 LEU A N   1 
ATOM   648  C  CA  . LEU A 1 107 ? -9.902  -6.027  -4.105  1.00 87.28  ? 107 LEU A CA  1 
ATOM   649  C  C   . LEU A 1 107 ? -10.976 -6.813  -4.878  1.00 87.57  ? 107 LEU A C   1 
ATOM   650  O  O   . LEU A 1 107 ? -11.191 -6.588  -6.082  1.00 80.62  ? 107 LEU A O   1 
ATOM   651  C  CB  . LEU A 1 107 ? -9.897  -4.538  -4.476  1.00 85.96  ? 107 LEU A CB  1 
ATOM   652  C  CG  . LEU A 1 107 ? -11.113 -3.726  -4.027  1.00 85.89  ? 107 LEU A CG  1 
ATOM   653  C  CD1 . LEU A 1 107 ? -11.119 -3.545  -2.522  1.00 82.85  ? 107 LEU A CD1 1 
ATOM   654  C  CD2 . LEU A 1 107 ? -11.137 -2.375  -4.735  1.00 89.96  ? 107 LEU A CD2 1 
ATOM   655  N  N   . TRP A 1 108 ? -11.607 -7.763  -4.189  1.00 82.46  ? 108 TRP A N   1 
ATOM   656  C  CA  . TRP A 1 108 ? -12.549 -8.674  -4.825  1.00 76.92  ? 108 TRP A CA  1 
ATOM   657  C  C   . TRP A 1 108 ? -13.973 -8.405  -4.403  1.00 74.48  ? 108 TRP A C   1 
ATOM   658  O  O   . TRP A 1 108 ? -14.229 -8.069  -3.238  1.00 63.25  ? 108 TRP A O   1 
ATOM   659  C  CB  . TRP A 1 108 ? -12.209 -10.122 -4.498  1.00 73.13  ? 108 TRP A CB  1 
ATOM   660  C  CG  . TRP A 1 108 ? -11.052 -10.628 -5.241  1.00 75.27  ? 108 TRP A CG  1 
ATOM   661  C  CD1 . TRP A 1 108 ? -10.664 -10.273 -6.507  1.00 80.23  ? 108 TRP A CD1 1 
ATOM   662  C  CD2 . TRP A 1 108 ? -10.119 -11.602 -4.794  1.00 71.03  ? 108 TRP A CD2 1 
ATOM   663  N  NE1 . TRP A 1 108 ? -9.535  -10.965 -6.865  1.00 80.55  ? 108 TRP A NE1 1 
ATOM   664  C  CE2 . TRP A 1 108 ? -9.182  -11.794 -5.833  1.00 76.78  ? 108 TRP A CE2 1 
ATOM   665  C  CE3 . TRP A 1 108 ? -9.976  -12.332 -3.615  1.00 73.11  ? 108 TRP A CE3 1 
ATOM   666  C  CZ2 . TRP A 1 108 ? -8.117  -12.695 -5.728  1.00 72.69  ? 108 TRP A CZ2 1 
ATOM   667  C  CZ3 . TRP A 1 108 ? -8.907  -13.222 -3.512  1.00 70.71  ? 108 TRP A CZ3 1 
ATOM   668  C  CH2 . TRP A 1 108 ? -7.995  -13.391 -4.562  1.00 64.25  ? 108 TRP A CH2 1 
ATOM   669  N  N   . GLN A 1 109 ? -14.869 -8.552  -5.387  1.00 77.50  ? 109 GLN A N   1 
ATOM   670  C  CA  . GLN A 1 109 ? -16.323 -8.580  -5.199  1.00 76.75  ? 109 GLN A CA  1 
ATOM   671  C  C   . GLN A 1 109 ? -16.739 -10.032 -4.933  1.00 71.19  ? 109 GLN A C   1 
ATOM   672  O  O   . GLN A 1 109 ? -16.781 -10.859 -5.854  1.00 63.90  ? 109 GLN A O   1 
ATOM   673  C  CB  . GLN A 1 109 ? -17.028 -8.027  -6.452  1.00 76.93  ? 109 GLN A CB  1 
ATOM   674  C  CG  . GLN A 1 109 ? -18.553 -8.138  -6.463  1.00 77.60  ? 109 GLN A CG  1 
ATOM   675  C  CD  . GLN A 1 109 ? -19.217 -7.310  -5.376  1.00 76.89  ? 109 GLN A CD  1 
ATOM   676  O  OE1 . GLN A 1 109 ? -19.463 -6.116  -5.551  1.00 77.83  ? 109 GLN A OE1 1 
ATOM   677  N  NE2 . GLN A 1 109 ? -19.524 -7.946  -4.248  1.00 76.99  ? 109 GLN A NE2 1 
ATOM   678  N  N   . LEU A 1 110 ? -16.999 -10.350 -3.663  1.00 71.55  ? 110 LEU A N   1 
ATOM   679  C  CA  . LEU A 1 110 ? -17.424 -11.702 -3.296  1.00 71.40  ? 110 LEU A CA  1 
ATOM   680  C  C   . LEU A 1 110 ? -18.888 -11.940 -3.661  1.00 68.29  ? 110 LEU A C   1 
ATOM   681  O  O   . LEU A 1 110 ? -19.699 -11.016 -3.713  1.00 65.93  ? 110 LEU A O   1 
ATOM   682  C  CB  . LEU A 1 110 ? -17.205 -11.957 -1.801  1.00 74.82  ? 110 LEU A CB  1 
ATOM   683  C  CG  . LEU A 1 110 ? -15.761 -11.859 -1.285  1.00 75.13  ? 110 LEU A CG  1 
ATOM   684  C  CD1 . LEU A 1 110 ? -15.711 -12.188 0.203   1.00 74.57  ? 110 LEU A CD1 1 
ATOM   685  C  CD2 . LEU A 1 110 ? -14.817 -12.768 -2.061  1.00 75.81  ? 110 LEU A CD2 1 
ATOM   686  N  N   . LYS A 1 111 ? -19.223 -13.189 -3.930  1.00 70.64  ? 111 LYS A N   1 
ATOM   687  C  CA  . LYS A 1 111 ? -20.607 -13.549 -4.192  1.00 74.63  ? 111 LYS A CA  1 
ATOM   688  C  C   . LYS A 1 111 ? -21.366 -13.575 -2.874  1.00 70.84  ? 111 LYS A C   1 
ATOM   689  O  O   . LYS A 1 111 ? -20.751 -13.566 -1.796  1.00 70.63  ? 111 LYS A O   1 
ATOM   690  C  CB  . LYS A 1 111 ? -20.685 -14.898 -4.918  1.00 81.07  ? 111 LYS A CB  1 
ATOM   691  C  CG  . LYS A 1 111 ? -20.049 -14.878 -6.309  1.00 86.16  ? 111 LYS A CG  1 
ATOM   692  C  CD  . LYS A 1 111 ? -19.792 -16.278 -6.841  1.00 90.38  ? 111 LYS A CD  1 
ATOM   693  C  CE  . LYS A 1 111 ? -19.120 -16.242 -8.205  1.00 92.23  ? 111 LYS A CE  1 
ATOM   694  N  NZ  . LYS A 1 111 ? -18.585 -17.580 -8.588  1.00 94.45  ? 111 LYS A NZ  1 
ATOM   695  N  N   . GLY A 1 112 ? -22.701 -13.551 -2.977  1.00 73.78  ? 112 GLY A N   1 
ATOM   696  C  CA  . GLY A 1 112 ? -23.614 -13.679 -1.825  1.00 68.53  ? 112 GLY A CA  1 
ATOM   697  C  C   . GLY A 1 112 ? -24.075 -12.357 -1.249  1.00 73.22  ? 112 GLY A C   1 
ATOM   698  O  O   . GLY A 1 112 ? -23.666 -11.296 -1.720  1.00 74.35  ? 112 GLY A O   1 
ATOM   699  N  N   . VAL A 1 113 ? -24.919 -12.423 -0.217  1.00 80.19  ? 113 VAL A N   1 
ATOM   700  C  CA  . VAL A 1 113 ? -25.477 -11.216 0.395   1.00 84.14  ? 113 VAL A CA  1 
ATOM   701  C  C   . VAL A 1 113 ? -24.911 -10.970 1.791   1.00 89.98  ? 113 VAL A C   1 
ATOM   702  O  O   . VAL A 1 113 ? -24.895 -11.859 2.660   1.00 87.30  ? 113 VAL A O   1 
ATOM   703  C  CB  . VAL A 1 113 ? -27.025 -11.218 0.453   1.00 86.12  ? 113 VAL A CB  1 
ATOM   704  C  CG1 . VAL A 1 113 ? -27.611 -11.653 -0.887  1.00 86.59  ? 113 VAL A CG1 1 
ATOM   705  C  CG2 . VAL A 1 113 ? -27.544 -12.078 1.600   1.00 88.39  ? 113 VAL A CG2 1 
ATOM   706  N  N   . TRP A 1 114 ? -24.490 -9.725  1.992   1.00 89.15  ? 114 TRP A N   1 
ATOM   707  C  CA  . TRP A 1 114 ? -23.741 -9.328  3.154   1.00 83.07  ? 114 TRP A CA  1 
ATOM   708  C  C   . TRP A 1 114 ? -24.516 -8.287  3.939   1.00 83.75  ? 114 TRP A C   1 
ATOM   709  O  O   . TRP A 1 114 ? -25.410 -7.626  3.416   1.00 88.34  ? 114 TRP A O   1 
ATOM   710  C  CB  . TRP A 1 114 ? -22.375 -8.796  2.701   1.00 90.38  ? 114 TRP A CB  1 
ATOM   711  C  CG  . TRP A 1 114 ? -21.677 -9.799  1.825   1.00 91.60  ? 114 TRP A CG  1 
ATOM   712  C  CD1 . TRP A 1 114 ? -21.914 -10.030 0.497   1.00 93.03  ? 114 TRP A CD1 1 
ATOM   713  C  CD2 . TRP A 1 114 ? -20.681 -10.752 2.227   1.00 85.93  ? 114 TRP A CD2 1 
ATOM   714  N  NE1 . TRP A 1 114 ? -21.115 -11.053 0.046   1.00 95.60  ? 114 TRP A NE1 1 
ATOM   715  C  CE2 . TRP A 1 114 ? -20.347 -11.513 1.087   1.00 89.39  ? 114 TRP A CE2 1 
ATOM   716  C  CE3 . TRP A 1 114 ? -20.031 -11.029 3.436   1.00 88.33  ? 114 TRP A CE3 1 
ATOM   717  C  CZ2 . TRP A 1 114 ? -19.388 -12.535 1.122   1.00 81.25  ? 114 TRP A CZ2 1 
ATOM   718  C  CZ3 . TRP A 1 114 ? -19.075 -12.044 3.469   1.00 83.50  ? 114 TRP A CZ3 1 
ATOM   719  C  CH2 . TRP A 1 114 ? -18.764 -12.778 2.321   1.00 82.64  ? 114 TRP A CH2 1 
ATOM   720  N  N   . HIS A 1 115 ? -24.167 -8.174  5.211   1.00 92.63  ? 115 HIS A N   1 
ATOM   721  C  CA  . HIS A 1 115 ? -24.751 -7.210  6.129   1.00 97.20  ? 115 HIS A CA  1 
ATOM   722  C  C   . HIS A 1 115 ? -23.607 -6.828  7.046   1.00 94.43  ? 115 HIS A C   1 
ATOM   723  O  O   . HIS A 1 115 ? -22.703 -7.637  7.254   1.00 90.06  ? 115 HIS A O   1 
ATOM   724  C  CB  . HIS A 1 115 ? -25.881 -7.842  6.957   1.00 103.91 ? 115 HIS A CB  1 
ATOM   725  C  CG  . HIS A 1 115 ? -26.555 -9.005  6.294   1.00 112.86 ? 115 HIS A CG  1 
ATOM   726  N  ND1 . HIS A 1 115 ? -27.590 -8.856  5.395   1.00 120.21 ? 115 HIS A ND1 1 
ATOM   727  C  CD2 . HIS A 1 115 ? -26.342 -10.339 6.403   1.00 119.73 ? 115 HIS A CD2 1 
ATOM   728  C  CE1 . HIS A 1 115 ? -27.986 -10.047 4.978   1.00 123.32 ? 115 HIS A CE1 1 
ATOM   729  N  NE2 . HIS A 1 115 ? -27.243 -10.964 5.574   1.00 124.21 ? 115 HIS A NE2 1 
ATOM   730  N  N   . GLU A 1 116 ? -23.633 -5.616  7.592   1.00 99.45  ? 116 GLU A N   1 
ATOM   731  C  CA  . GLU A 1 116 ? -22.627 -5.191  8.568   1.00 101.48 ? 116 GLU A CA  1 
ATOM   732  C  C   . GLU A 1 116 ? -22.077 -6.306  9.455   1.00 94.66  ? 116 GLU A C   1 
ATOM   733  O  O   . GLU A 1 116 ? -20.868 -6.423  9.661   1.00 83.15  ? 116 GLU A O   1 
ATOM   734  C  CB  . GLU A 1 116 ? -23.246 -4.181  9.549   1.00 112.55 ? 116 GLU A CB  1 
ATOM   735  C  CG  . GLU A 1 116 ? -22.556 -4.028  10.906  1.00 121.00 ? 116 GLU A CG  1 
ATOM   736  C  CD  . GLU A 1 116 ? -21.194 -3.354  10.831  1.00 125.64 ? 116 GLU A CD  1 
ATOM   737  O  OE1 . GLU A 1 116 ? -20.334 -3.805  10.043  1.00 134.95 ? 116 GLU A OE1 1 
ATOM   738  O  OE2 . GLU A 1 116 ? -20.978 -2.376  11.581  1.00 124.10 ? 116 GLU A OE2 1 
ATOM   739  N  N   . ARG A 1 117 ? -22.994 -7.135  9.941   1.00 92.59  ? 117 ARG A N   1 
ATOM   740  C  CA  . ARG A 1 117 ? -22.684 -8.331  10.716  1.00 95.02  ? 117 ARG A CA  1 
ATOM   741  C  C   . ARG A 1 117 ? -21.887 -9.394  9.924   1.00 91.15  ? 117 ARG A C   1 
ATOM   742  O  O   . ARG A 1 117 ? -20.782 -9.771  10.329  1.00 92.67  ? 117 ARG A O   1 
ATOM   743  C  CB  . ARG A 1 117 ? -24.003 -8.912  11.259  1.00 97.89  ? 117 ARG A CB  1 
ATOM   744  C  CG  . ARG A 1 117 ? -23.894 -10.200 12.056  1.00 101.83 ? 117 ARG A CG  1 
ATOM   745  C  CD  . ARG A 1 117 ? -23.298 -9.998  13.439  1.00 102.66 ? 117 ARG A CD  1 
ATOM   746  N  NE  . ARG A 1 117 ? -22.889 -11.283 14.004  1.00 104.10 ? 117 ARG A NE  1 
ATOM   747  C  CZ  . ARG A 1 117 ? -21.787 -11.947 13.654  1.00 104.21 ? 117 ARG A CZ  1 
ATOM   748  N  NH1 . ARG A 1 117 ? -20.953 -11.456 12.738  1.00 107.42 ? 117 ARG A NH1 1 
ATOM   749  N  NH2 . ARG A 1 117 ? -21.513 -13.117 14.219  1.00 100.91 ? 117 ARG A NH2 1 
ATOM   750  N  N   . ARG A 1 118 ? -22.446 -9.870  8.810   1.00 82.68  ? 118 ARG A N   1 
ATOM   751  C  CA  . ARG A 1 118 ? -21.857 -10.989 8.051   1.00 86.77  ? 118 ARG A CA  1 
ATOM   752  C  C   . ARG A 1 118 ? -20.441 -10.669 7.535   1.00 95.42  ? 118 ARG A C   1 
ATOM   753  O  O   . ARG A 1 118 ? -19.516 -11.480 7.673   1.00 94.36  ? 118 ARG A O   1 
ATOM   754  C  CB  . ARG A 1 118 ? -22.801 -11.403 6.904   1.00 88.68  ? 118 ARG A CB  1 
ATOM   755  C  CG  . ARG A 1 118 ? -22.185 -12.186 5.747   1.00 88.87  ? 118 ARG A CG  1 
ATOM   756  C  CD  . ARG A 1 118 ? -22.081 -13.684 5.993   1.00 92.57  ? 118 ARG A CD  1 
ATOM   757  N  NE  . ARG A 1 118 ? -21.686 -14.389 4.766   1.00 96.45  ? 118 ARG A NE  1 
ATOM   758  C  CZ  . ARG A 1 118 ? -21.245 -15.648 4.709   1.00 94.60  ? 118 ARG A CZ  1 
ATOM   759  N  NH1 . ARG A 1 118 ? -21.133 -16.376 5.819   1.00 92.63  ? 118 ARG A NH1 1 
ATOM   760  N  NH2 . ARG A 1 118 ? -20.907 -16.181 3.529   1.00 84.39  ? 118 ARG A NH2 1 
ATOM   761  N  N   . ALA A 1 119 ? -20.276 -9.487  6.948   1.00 99.76  ? 119 ALA A N   1 
ATOM   762  C  CA  . ALA A 1 119 ? -18.960 -9.026  6.503   1.00 100.18 ? 119 ALA A CA  1 
ATOM   763  C  C   . ALA A 1 119 ? -17.941 -9.107  7.651   1.00 102.56 ? 119 ALA A C   1 
ATOM   764  O  O   . ALA A 1 119 ? -16.832 -9.635  7.482   1.00 97.09  ? 119 ALA A O   1 
ATOM   765  C  CB  . ALA A 1 119 ? -19.057 -7.601  5.964   1.00 96.25  ? 119 ALA A CB  1 
ATOM   766  N  N   . ARG A 1 120 ? -18.352 -8.624  8.822   1.00 99.72  ? 120 ARG A N   1 
ATOM   767  C  CA  . ARG A 1 120 ? -17.469 -8.509  9.979   1.00 104.10 ? 120 ARG A CA  1 
ATOM   768  C  C   . ARG A 1 120 ? -16.932 -9.861  10.481  1.00 100.34 ? 120 ARG A C   1 
ATOM   769  O  O   . ARG A 1 120 ? -15.902 -9.909  11.141  1.00 107.44 ? 120 ARG A O   1 
ATOM   770  C  CB  . ARG A 1 120 ? -18.197 -7.772  11.106  1.00 109.36 ? 120 ARG A CB  1 
ATOM   771  C  CG  . ARG A 1 120 ? -17.280 -7.092  12.106  1.00 117.50 ? 120 ARG A CG  1 
ATOM   772  C  CD  . ARG A 1 120 ? -18.044 -6.576  13.318  1.00 124.10 ? 120 ARG A CD  1 
ATOM   773  N  NE  . ARG A 1 120 ? -19.030 -7.545  13.799  1.00 134.03 ? 120 ARG A NE  1 
ATOM   774  C  CZ  . ARG A 1 120 ? -18.747 -8.687  14.432  1.00 137.88 ? 120 ARG A CZ  1 
ATOM   775  N  NH1 . ARG A 1 120 ? -17.487 -9.040  14.686  1.00 139.57 ? 120 ARG A NH1 1 
ATOM   776  N  NH2 . ARG A 1 120 ? -19.735 -9.490  14.814  1.00 135.48 ? 120 ARG A NH2 1 
ATOM   777  N  N   . THR A 1 121 ? -17.629 -10.948 10.173  1.00 97.52  ? 121 THR A N   1 
ATOM   778  C  CA  . THR A 1 121 ? -17.184 -12.289 10.553  1.00 97.46  ? 121 THR A CA  1 
ATOM   779  C  C   . THR A 1 121 ? -16.115 -12.797 9.591   1.00 93.87  ? 121 THR A C   1 
ATOM   780  O  O   . THR A 1 121 ? -15.081 -13.323 10.022  1.00 96.86  ? 121 THR A O   1 
ATOM   781  C  CB  . THR A 1 121 ? -18.363 -13.289 10.566  1.00 96.87  ? 121 THR A CB  1 
ATOM   782  O  OG1 . THR A 1 121 ? -19.329 -12.871 11.538  1.00 95.04  ? 121 THR A OG1 1 
ATOM   783  C  CG2 . THR A 1 121 ? -17.887 -14.709 10.891  1.00 95.13  ? 121 THR A CG2 1 
ATOM   784  N  N   . VAL A 1 122 ? -16.389 -12.659 8.294   1.00 81.22  ? 122 VAL A N   1 
ATOM   785  C  CA  . VAL A 1 122 ? -15.435 -13.014 7.232   1.00 82.83  ? 122 VAL A CA  1 
ATOM   786  C  C   . VAL A 1 122 ? -14.187 -12.105 7.242   1.00 78.10  ? 122 VAL A C   1 
ATOM   787  O  O   . VAL A 1 122 ? -13.105 -12.531 6.845   1.00 68.59  ? 122 VAL A O   1 
ATOM   788  C  CB  . VAL A 1 122 ? -16.117 -12.984 5.841   1.00 78.52  ? 122 VAL A CB  1 
ATOM   789  C  CG1 . VAL A 1 122 ? -15.103 -13.113 4.709   1.00 75.11  ? 122 VAL A CG1 1 
ATOM   790  C  CG2 . VAL A 1 122 ? -17.167 -14.088 5.755   1.00 83.85  ? 122 VAL A CG2 1 
ATOM   791  N  N   . ALA A 1 123 ? -14.347 -10.864 7.696   1.00 76.78  ? 123 ALA A N   1 
ATOM   792  C  CA  . ALA A 1 123 ? -13.209 -9.992  7.938   1.00 81.31  ? 123 ALA A CA  1 
ATOM   793  C  C   . ALA A 1 123 ? -12.180 -10.689 8.844   1.00 85.39  ? 123 ALA A C   1 
ATOM   794  O  O   . ALA A 1 123 ? -10.987 -10.728 8.524   1.00 81.74  ? 123 ALA A O   1 
ATOM   795  C  CB  . ALA A 1 123 ? -13.671 -8.680  8.557   1.00 82.98  ? 123 ALA A CB  1 
ATOM   796  N  N   . SER A 1 124 ? -12.654 -11.252 9.957   1.00 82.08  ? 124 SER A N   1 
ATOM   797  C  CA  . SER A 1 124 ? -11.785 -11.949 10.911  1.00 80.47  ? 124 SER A CA  1 
ATOM   798  C  C   . SER A 1 124 ? -11.205 -13.242 10.352  1.00 74.75  ? 124 SER A C   1 
ATOM   799  O  O   . SER A 1 124 ? -10.107 -13.642 10.737  1.00 68.96  ? 124 SER A O   1 
ATOM   800  C  CB  . SER A 1 124 ? -12.530 -12.250 12.222  1.00 85.01  ? 124 SER A CB  1 
ATOM   801  O  OG  . SER A 1 124 ? -12.769 -11.064 12.964  1.00 85.34  ? 124 SER A OG  1 
ATOM   802  N  N   . GLN A 1 125 ? -11.946 -13.910 9.472   1.00 77.54  ? 125 GLN A N   1 
ATOM   803  C  CA  . GLN A 1 125 ? -11.445 -15.143 8.854   1.00 80.84  ? 125 GLN A CA  1 
ATOM   804  C  C   . GLN A 1 125 ? -10.259 -14.847 7.946   1.00 79.91  ? 125 GLN A C   1 
ATOM   805  O  O   . GLN A 1 125 ? -9.322  -15.646 7.866   1.00 86.95  ? 125 GLN A O   1 
ATOM   806  C  CB  . GLN A 1 125 ? -12.542 -15.871 8.060   1.00 82.12  ? 125 GLN A CB  1 
ATOM   807  C  CG  . GLN A 1 125 ? -13.388 -16.823 8.904   1.00 85.76  ? 125 GLN A CG  1 
ATOM   808  C  CD  . GLN A 1 125 ? -14.712 -17.201 8.251   1.00 78.21  ? 125 GLN A CD  1 
ATOM   809  O  OE1 . GLN A 1 125 ? -14.791 -17.400 7.039   1.00 74.82  ? 125 GLN A OE1 1 
ATOM   810  N  NE2 . GLN A 1 125 ? -15.762 -17.301 9.062   1.00 81.56  ? 125 GLN A NE2 1 
ATOM   811  N  N   . LEU A 1 126 ? -10.319 -13.711 7.250   1.00 75.90  ? 126 LEU A N   1 
ATOM   812  C  CA  . LEU A 1 126 ? -9.217  -13.272 6.383   1.00 66.77  ? 126 LEU A CA  1 
ATOM   813  C  C   . LEU A 1 126 ? -7.980  -12.936 7.227   1.00 63.40  ? 126 LEU A C   1 
ATOM   814  O  O   . LEU A 1 126 ? -6.909  -13.497 6.988   1.00 67.33  ? 126 LEU A O   1 
ATOM   815  C  CB  . LEU A 1 126 ? -9.650  -12.090 5.512   1.00 57.98  ? 126 LEU A CB  1 
ATOM   816  C  CG  . LEU A 1 126 ? -10.539 -12.492 4.326   1.00 58.95  ? 126 LEU A CG  1 
ATOM   817  C  CD1 . LEU A 1 126 ? -11.198 -11.280 3.680   1.00 54.85  ? 126 LEU A CD1 1 
ATOM   818  C  CD2 . LEU A 1 126 ? -9.770  -13.309 3.289   1.00 55.53  ? 126 LEU A CD2 1 
ATOM   819  N  N   . ARG A 1 127 ? -8.149  -12.089 8.244   1.00 64.55  ? 127 ARG A N   1 
ATOM   820  C  CA  . ARG A 1 127 ? -7.051  -11.742 9.161   1.00 75.74  ? 127 ARG A CA  1 
ATOM   821  C  C   . ARG A 1 127 ? -6.291  -12.964 9.677   1.00 81.67  ? 127 ARG A C   1 
ATOM   822  O  O   . ARG A 1 127 ? -5.062  -12.941 9.750   1.00 90.44  ? 127 ARG A O   1 
ATOM   823  C  CB  . ARG A 1 127 ? -7.554  -10.908 10.343  1.00 79.08  ? 127 ARG A CB  1 
ATOM   824  C  CG  . ARG A 1 127 ? -7.841  -9.455  9.996   1.00 83.59  ? 127 ARG A CG  1 
ATOM   825  C  CD  . ARG A 1 127 ? -8.176  -8.619  11.226  1.00 87.30  ? 127 ARG A CD  1 
ATOM   826  N  NE  . ARG A 1 127 ? -9.611  -8.380  11.364  1.00 94.73  ? 127 ARG A NE  1 
ATOM   827  C  CZ  . ARG A 1 127 ? -10.304 -7.461  10.690  1.00 101.81 ? 127 ARG A CZ  1 
ATOM   828  N  NH1 . ARG A 1 127 ? -9.708  -6.672  9.801   1.00 104.52 ? 127 ARG A NH1 1 
ATOM   829  N  NH2 . ARG A 1 127 ? -11.612 -7.331  10.896  1.00 104.43 ? 127 ARG A NH2 1 
ATOM   830  N  N   . ALA A 1 128 ? -7.020  -14.031 10.003  1.00 83.31  ? 128 ALA A N   1 
ATOM   831  C  CA  . ALA A 1 128 ? -6.437  -15.227 10.619  1.00 82.28  ? 128 ALA A CA  1 
ATOM   832  C  C   . ALA A 1 128 ? -5.647  -16.123 9.658   1.00 87.02  ? 128 ALA A C   1 
ATOM   833  O  O   . ALA A 1 128 ? -4.936  -17.028 10.106  1.00 86.28  ? 128 ALA A O   1 
ATOM   834  C  CB  . ALA A 1 128 ? -7.523  -16.037 11.308  1.00 82.93  ? 128 ALA A CB  1 
ATOM   835  N  N   . LEU A 1 129 ? -5.764  -15.883 8.352   1.00 88.38  ? 129 LEU A N   1 
ATOM   836  C  CA  . LEU A 1 129 ? -4.977  -16.632 7.364   1.00 87.60  ? 129 LEU A CA  1 
ATOM   837  C  C   . LEU A 1 129 ? -3.483  -16.296 7.499   1.00 91.56  ? 129 LEU A C   1 
ATOM   838  O  O   . LEU A 1 129 ? -3.135  -15.191 7.918   1.00 80.67  ? 129 LEU A O   1 
ATOM   839  C  CB  . LEU A 1 129 ? -5.455  -16.319 5.948   1.00 87.77  ? 129 LEU A CB  1 
ATOM   840  C  CG  . LEU A 1 129 ? -6.898  -16.705 5.629   1.00 89.45  ? 129 LEU A CG  1 
ATOM   841  C  CD1 . LEU A 1 129 ? -7.418  -15.940 4.422   1.00 89.22  ? 129 LEU A CD1 1 
ATOM   842  C  CD2 . LEU A 1 129 ? -7.009  -18.204 5.412   1.00 92.13  ? 129 LEU A CD2 1 
ATOM   843  N  N   . PRO A 1 130 ? -2.596  -17.238 7.117   1.00 101.01 ? 130 PRO A N   1 
ATOM   844  C  CA  . PRO A 1 130 ? -1.173  -17.149 7.479   1.00 103.51 ? 130 PRO A CA  1 
ATOM   845  C  C   . PRO A 1 130 ? -0.384  -15.918 6.980   1.00 104.69 ? 130 PRO A C   1 
ATOM   846  O  O   . PRO A 1 130 ? 0.668   -15.621 7.553   1.00 106.97 ? 130 PRO A O   1 
ATOM   847  C  CB  . PRO A 1 130 ? -0.571  -18.436 6.881   1.00 105.31 ? 130 PRO A CB  1 
ATOM   848  C  CG  . PRO A 1 130 ? -1.727  -19.327 6.581   1.00 103.37 ? 130 PRO A CG  1 
ATOM   849  C  CD  . PRO A 1 130 ? -2.855  -18.405 6.249   1.00 104.47 ? 130 PRO A CD  1 
ATOM   850  N  N   . GLY A 1 131 ? -0.865  -15.213 5.950   1.00 97.06  ? 131 GLY A N   1 
ATOM   851  C  CA  . GLY A 1 131 ? -0.093  -14.107 5.344   1.00 87.61  ? 131 GLY A CA  1 
ATOM   852  C  C   . GLY A 1 131 ? -0.782  -12.753 5.228   1.00 76.55  ? 131 GLY A C   1 
ATOM   853  O  O   . GLY A 1 131 ? -0.279  -11.848 4.562   1.00 67.45  ? 131 GLY A O   1 
ATOM   854  N  N   . VAL A 1 132 ? -1.919  -12.601 5.886   1.00 69.12  ? 132 VAL A N   1 
ATOM   855  C  CA  . VAL A 1 132 ? -2.717  -11.393 5.756   1.00 69.25  ? 132 VAL A CA  1 
ATOM   856  C  C   . VAL A 1 132 ? -2.314  -10.359 6.805   1.00 72.12  ? 132 VAL A C   1 
ATOM   857  O  O   . VAL A 1 132 ? -2.001  -10.715 7.942   1.00 68.74  ? 132 VAL A O   1 
ATOM   858  C  CB  . VAL A 1 132 ? -4.219  -11.725 5.877   1.00 67.41  ? 132 VAL A CB  1 
ATOM   859  C  CG1 . VAL A 1 132 ? -5.062  -10.465 5.991   1.00 68.15  ? 132 VAL A CG1 1 
ATOM   860  C  CG2 . VAL A 1 132 ? -4.661  -12.559 4.685   1.00 68.61  ? 132 VAL A CG2 1 
ATOM   861  N  N   . ILE A 1 133 ? -2.348  -9.082  6.411   1.00 69.92  ? 133 ILE A N   1 
ATOM   862  C  CA  . ILE A 1 133 ? -1.955  -7.968  7.271   1.00 69.67  ? 133 ILE A CA  1 
ATOM   863  C  C   . ILE A 1 133 ? -3.145  -7.109  7.663   1.00 68.74  ? 133 ILE A C   1 
ATOM   864  O  O   . ILE A 1 133 ? -3.404  -6.908  8.842   1.00 79.04  ? 133 ILE A O   1 
ATOM   865  C  CB  . ILE A 1 133 ? -0.913  -7.074  6.555   1.00 75.27  ? 133 ILE A CB  1 
ATOM   866  C  CG1 . ILE A 1 133 ? 0.379   -7.861  6.320   1.00 79.32  ? 133 ILE A CG1 1 
ATOM   867  C  CG2 . ILE A 1 133 ? -0.614  -5.814  7.367   1.00 78.19  ? 133 ILE A CG2 1 
ATOM   868  C  CD1 . ILE A 1 133 ? 1.173   -7.365  5.134   1.00 81.81  ? 133 ILE A CD1 1 
ATOM   869  N  N   . GLU A 1 134 ? -3.838  -6.584  6.660   1.00 71.59  ? 134 GLU A N   1 
ATOM   870  C  CA  . GLU A 1 134 ? -5.002  -5.716  6.838   1.00 78.67  ? 134 GLU A CA  1 
ATOM   871  C  C   . GLU A 1 134 ? -6.138  -6.322  6.015   1.00 75.18  ? 134 GLU A C   1 
ATOM   872  O  O   . GLU A 1 134 ? -5.884  -6.908  4.963   1.00 68.17  ? 134 GLU A O   1 
ATOM   873  C  CB  . GLU A 1 134 ? -4.675  -4.287  6.352   1.00 86.13  ? 134 GLU A CB  1 
ATOM   874  C  CG  . GLU A 1 134 ? -5.815  -3.272  6.450   1.00 93.59  ? 134 GLU A CG  1 
ATOM   875  C  CD  . GLU A 1 134 ? -5.513  -1.959  5.731   1.00 97.51  ? 134 GLU A CD  1 
ATOM   876  O  OE1 . GLU A 1 134 ? -5.242  -0.948  6.424   1.00 96.01  ? 134 GLU A OE1 1 
ATOM   877  O  OE2 . GLU A 1 134 ? -5.546  -1.936  4.474   1.00 93.85  ? 134 GLU A OE2 1 
ATOM   878  N  N   . ALA A 1 135 ? -7.372  -6.200  6.506   1.00 78.15  ? 135 ALA A N   1 
ATOM   879  C  CA  . ALA A 1 135 ? -8.549  -6.755  5.827   1.00 75.02  ? 135 ALA A CA  1 
ATOM   880  C  C   . ALA A 1 135 ? -9.804  -5.999  6.225   1.00 80.93  ? 135 ALA A C   1 
ATOM   881  O  O   . ALA A 1 135 ? -10.037 -5.779  7.408   1.00 82.44  ? 135 ALA A O   1 
ATOM   882  C  CB  . ALA A 1 135 ? -8.701  -8.225  6.156   1.00 78.72  ? 135 ALA A CB  1 
ATOM   883  N  N   . GLU A 1 136 ? -10.602 -5.610  5.229   1.00 88.42  ? 136 GLU A N   1 
ATOM   884  C  CA  . GLU A 1 136 ? -11.759 -4.729  5.419   1.00 98.33  ? 136 GLU A CA  1 
ATOM   885  C  C   . GLU A 1 136 ? -12.889 -5.123  4.465   1.00 106.38 ? 136 GLU A C   1 
ATOM   886  O  O   . GLU A 1 136 ? -12.903 -4.708  3.298   1.00 111.75 ? 136 GLU A O   1 
ATOM   887  C  CB  . GLU A 1 136 ? -11.372 -3.267  5.138   1.00 105.86 ? 136 GLU A CB  1 
ATOM   888  C  CG  . GLU A 1 136 ? -10.447 -2.611  6.161   1.00 105.52 ? 136 GLU A CG  1 
ATOM   889  C  CD  . GLU A 1 136 ? -11.175 -1.853  7.258   1.00 109.50 ? 136 GLU A CD  1 
ATOM   890  O  OE1 . GLU A 1 136 ? -12.405 -1.653  7.154   1.00 111.00 ? 136 GLU A OE1 1 
ATOM   891  O  OE2 . GLU A 1 136 ? -10.502 -1.444  8.230   1.00 108.31 ? 136 GLU A OE2 1 
ATOM   892  N  N   . VAL A 1 137 ? -13.831 -5.926  4.957   1.00 106.20 ? 137 VAL A N   1 
ATOM   893  C  CA  . VAL A 1 137 ? -14.995 -6.312  4.163   1.00 98.23  ? 137 VAL A CA  1 
ATOM   894  C  C   . VAL A 1 137 ? -16.137 -5.349  4.469   1.00 89.98  ? 137 VAL A C   1 
ATOM   895  O  O   . VAL A 1 137 ? -16.518 -5.175  5.624   1.00 78.66  ? 137 VAL A O   1 
ATOM   896  C  CB  . VAL A 1 137 ? -15.439 -7.766  4.440   1.00 98.03  ? 137 VAL A CB  1 
ATOM   897  C  CG1 . VAL A 1 137 ? -16.515 -8.199  3.442   1.00 98.93  ? 137 VAL A CG1 1 
ATOM   898  C  CG2 . VAL A 1 137 ? -14.245 -8.713  4.376   1.00 97.31  ? 137 VAL A CG2 1 
ATOM   899  N  N   . SER A 1 138 ? -16.653 -4.715  3.421   1.00 91.63  ? 138 SER A N   1 
ATOM   900  C  CA  . SER A 1 138 ? -17.769 -3.787  3.541   1.00 96.47  ? 138 SER A CA  1 
ATOM   901  C  C   . SER A 1 138 ? -19.099 -4.535  3.409   1.00 102.29 ? 138 SER A C   1 
ATOM   902  O  O   . SER A 1 138 ? -19.129 -5.739  3.129   1.00 97.56  ? 138 SER A O   1 
ATOM   903  C  CB  . SER A 1 138 ? -17.675 -2.716  2.450   1.00 93.55  ? 138 SER A CB  1 
ATOM   904  O  OG  . SER A 1 138 ? -18.070 -3.228  1.182   1.00 87.21  ? 138 SER A OG  1 
ATOM   905  N  N   . ALA A 1 139 ? -20.192 -3.792  3.540   1.00 102.49 ? 139 ALA A N   1 
ATOM   906  C  CA  . ALA A 1 139 ? -21.497 -4.274  3.127   1.00 105.87 ? 139 ALA A CA  1 
ATOM   907  C  C   . ALA A 1 139 ? -21.466 -4.393  1.606   1.00 102.51 ? 139 ALA A C   1 
ATOM   908  O  O   . ALA A 1 139 ? -20.794 -3.608  0.937   1.00 104.55 ? 139 ALA A O   1 
ATOM   909  C  CB  . ALA A 1 139 ? -22.587 -3.312  3.568   1.00 108.63 ? 139 ALA A CB  1 
ATOM   910  N  N   . SER A 1 140 ? -22.174 -5.384  1.073   1.00 92.54  ? 140 SER A N   1 
ATOM   911  C  CA  . SER A 1 140 ? -22.192 -5.675  -0.363  1.00 87.38  ? 140 SER A CA  1 
ATOM   912  C  C   . SER A 1 140 ? -20.998 -6.539  -0.768  1.00 86.62  ? 140 SER A C   1 
ATOM   913  O  O   . SER A 1 140 ? -20.825 -6.875  -1.940  1.00 86.34  ? 140 SER A O   1 
ATOM   914  C  CB  . SER A 1 140 ? -22.246 -4.394  -1.201  1.00 81.37  ? 140 SER A CB  1 
ATOM   915  O  OG  . SER A 1 140 ? -21.775 -4.624  -2.516  1.00 71.87  ? 140 SER A OG  1 
ATOM   916  N  N   . GLY A 1 141 ? -20.190 -6.904  0.221   1.00 80.00  ? 141 GLY A N   1 
ATOM   917  C  CA  . GLY A 1 141 ? -19.163 -7.916  0.071   1.00 76.58  ? 141 GLY A CA  1 
ATOM   918  C  C   . GLY A 1 141 ? -17.983 -7.582  -0.823  1.00 81.87  ? 141 GLY A C   1 
ATOM   919  O  O   . GLY A 1 141 ? -17.522 -8.436  -1.600  1.00 78.45  ? 141 GLY A O   1 
ATOM   920  N  N   . ILE A 1 142 ? -17.508 -6.335  -0.731  1.00 82.35  ? 142 ILE A N   1 
ATOM   921  C  CA  . ILE A 1 142 ? -16.231 -5.938  -1.345  1.00 81.00  ? 142 ILE A CA  1 
ATOM   922  C  C   . ILE A 1 142 ? -15.119 -6.130  -0.316  1.00 75.21  ? 142 ILE A C   1 
ATOM   923  O  O   . ILE A 1 142 ? -15.099 -5.462  0.723   1.00 72.83  ? 142 ILE A O   1 
ATOM   924  C  CB  . ILE A 1 142 ? -16.236 -4.481  -1.845  1.00 85.68  ? 142 ILE A CB  1 
ATOM   925  C  CG1 . ILE A 1 142 ? -17.138 -4.339  -3.076  1.00 84.13  ? 142 ILE A CG1 1 
ATOM   926  C  CG2 . ILE A 1 142 ? -14.817 -4.020  -2.176  1.00 87.25  ? 142 ILE A CG2 1 
ATOM   927  C  CD1 . ILE A 1 142 ? -16.509 -4.835  -4.365  1.00 87.96  ? 142 ILE A CD1 1 
ATOM   928  N  N   . ALA A 1 143 ? -14.208 -7.057  -0.615  1.00 71.87  ? 143 ALA A N   1 
ATOM   929  C  CA  . ALA A 1 143 ? -13.103 -7.393  0.287   1.00 73.57  ? 143 ALA A CA  1 
ATOM   930  C  C   . ALA A 1 143 ? -11.833 -6.622  -0.100  1.00 71.89  ? 143 ALA A C   1 
ATOM   931  O  O   . ALA A 1 143 ? -11.328 -6.784  -1.210  1.00 64.84  ? 143 ALA A O   1 
ATOM   932  C  CB  . ALA A 1 143 ? -12.839 -8.898  0.263   1.00 69.04  ? 143 ALA A CB  1 
ATOM   933  N  N   . ARG A 1 144 ? -11.336 -5.805  0.835   1.00 79.54  ? 144 ARG A N   1 
ATOM   934  C  CA  . ARG A 1 144 ? -10.098 -5.016  0.687   1.00 78.14  ? 144 ARG A CA  1 
ATOM   935  C  C   . ARG A 1 144 ? -9.009  -5.624  1.574   1.00 71.40  ? 144 ARG A C   1 
ATOM   936  O  O   . ARG A 1 144 ? -8.988  -5.380  2.776   1.00 64.92  ? 144 ARG A O   1 
ATOM   937  C  CB  . ARG A 1 144 ? -10.360 -3.564  1.116   1.00 84.63  ? 144 ARG A CB  1 
ATOM   938  C  CG  . ARG A 1 144 ? -9.120  -2.678  1.266   1.00 94.02  ? 144 ARG A CG  1 
ATOM   939  C  CD  . ARG A 1 144 ? -9.404  -1.428  2.096   1.00 94.23  ? 144 ARG A CD  1 
ATOM   940  N  NE  . ARG A 1 144 ? -8.387  -0.407  1.872   1.00 94.31  ? 144 ARG A NE  1 
ATOM   941  C  CZ  . ARG A 1 144 ? -8.297  0.342   0.772   1.00 102.29 ? 144 ARG A CZ  1 
ATOM   942  N  NH1 . ARG A 1 144 ? -9.166  0.199   -0.222  1.00 104.25 ? 144 ARG A NH1 1 
ATOM   943  N  NH2 . ARG A 1 144 ? -7.329  1.242   0.655   1.00 106.65 ? 144 ARG A NH2 1 
ATOM   944  N  N   . VAL A 1 145 ? -8.103  -6.394  0.984   1.00 69.33  ? 145 VAL A N   1 
ATOM   945  C  CA  . VAL A 1 145 ? -7.074  -7.107  1.755   1.00 70.50  ? 145 VAL A CA  1 
ATOM   946  C  C   . VAL A 1 145 ? -5.655  -6.638  1.366   1.00 70.57  ? 145 VAL A C   1 
ATOM   947  O  O   . VAL A 1 145 ? -5.436  -6.069  0.284   1.00 69.69  ? 145 VAL A O   1 
ATOM   948  C  CB  . VAL A 1 145 ? -7.234  -8.649  1.608   1.00 70.05  ? 145 VAL A CB  1 
ATOM   949  C  CG1 . VAL A 1 145 ? -7.014  -9.097  0.176   1.00 75.15  ? 145 VAL A CG1 1 
ATOM   950  C  CG2 . VAL A 1 145 ? -6.304  -9.418  2.529   1.00 67.08  ? 145 VAL A CG2 1 
ATOM   951  N  N   . GLU A 1 146 ? -4.711  -6.838  2.279   1.00 64.82  ? 146 GLU A N   1 
ATOM   952  C  CA  . GLU A 1 146 ? -3.304  -6.578  2.020   1.00 62.15  ? 146 GLU A CA  1 
ATOM   953  C  C   . GLU A 1 146 ? -2.518  -7.720  2.607   1.00 59.33  ? 146 GLU A C   1 
ATOM   954  O  O   . GLU A 1 146 ? -2.808  -8.141  3.727   1.00 64.10  ? 146 GLU A O   1 
ATOM   955  C  CB  . GLU A 1 146 ? -2.892  -5.259  2.659   1.00 69.46  ? 146 GLU A CB  1 
ATOM   956  C  CG  . GLU A 1 146 ? -1.390  -4.967  2.600   1.00 69.10  ? 146 GLU A CG  1 
ATOM   957  C  CD  . GLU A 1 146 ? -1.095  -3.515  2.301   1.00 68.93  ? 146 GLU A CD  1 
ATOM   958  O  OE1 . GLU A 1 146 ? -2.034  -2.701  2.293   1.00 73.60  ? 146 GLU A OE1 1 
ATOM   959  O  OE2 . GLU A 1 146 ? 0.079   -3.200  2.048   1.00 62.24  ? 146 GLU A OE2 1 
ATOM   960  N  N   . PHE A 1 147 ? -1.537  -8.229  1.868   1.00 54.49  ? 147 PHE A N   1 
ATOM   961  C  CA  . PHE A 1 147 ? -0.845  -9.438  2.289   1.00 56.53  ? 147 PHE A CA  1 
ATOM   962  C  C   . PHE A 1 147 ? 0.649   -9.513  1.983   1.00 62.39  ? 147 PHE A C   1 
ATOM   963  O  O   . PHE A 1 147 ? 1.149   -8.868  1.068   1.00 64.74  ? 147 PHE A O   1 
ATOM   964  C  CB  . PHE A 1 147 ? -1.543  -10.672 1.699   1.00 54.16  ? 147 PHE A CB  1 
ATOM   965  C  CG  . PHE A 1 147 ? -1.718  -10.631 0.210   1.00 49.86  ? 147 PHE A CG  1 
ATOM   966  C  CD1 . PHE A 1 147 ? -2.768  -9.933  -0.350  1.00 49.91  ? 147 PHE A CD1 1 
ATOM   967  C  CD2 . PHE A 1 147 ? -0.860  -11.323 -0.628  1.00 53.44  ? 147 PHE A CD2 1 
ATOM   968  C  CE1 . PHE A 1 147 ? -2.948  -9.908  -1.718  1.00 50.01  ? 147 PHE A CE1 1 
ATOM   969  C  CE2 . PHE A 1 147 ? -1.022  -11.300 -2.004  1.00 50.31  ? 147 PHE A CE2 1 
ATOM   970  C  CZ  . PHE A 1 147 ? -2.071  -10.590 -2.551  1.00 52.09  ? 147 PHE A CZ  1 
ATOM   971  N  N   . ASP A 1 148 ? 1.328   -10.357 2.762   1.00 63.25  ? 148 ASP A N   1 
ATOM   972  C  CA  . ASP A 1 148 ? 2.759   -10.583 2.676   1.00 66.49  ? 148 ASP A CA  1 
ATOM   973  C  C   . ASP A 1 148 ? 3.058   -11.672 1.635   1.00 70.01  ? 148 ASP A C   1 
ATOM   974  O  O   . ASP A 1 148 ? 2.855   -12.860 1.884   1.00 68.08  ? 148 ASP A O   1 
ATOM   975  C  CB  . ASP A 1 148 ? 3.299   -10.965 4.068   1.00 69.70  ? 148 ASP A CB  1 
ATOM   976  C  CG  . ASP A 1 148 ? 4.787   -11.316 4.068   1.00 72.64  ? 148 ASP A CG  1 
ATOM   977  O  OD1 . ASP A 1 148 ? 5.408   -11.397 2.987   1.00 70.60  ? 148 ASP A OD1 1 
ATOM   978  O  OD2 . ASP A 1 148 ? 5.330   -11.528 5.171   1.00 80.21  ? 148 ASP A OD2 1 
ATOM   979  N  N   . ASN A 1 149 ? 3.560   -11.238 0.479   1.00 73.18  ? 149 ASN A N   1 
ATOM   980  C  CA  . ASN A 1 149 ? 3.846   -12.104 -0.667  1.00 73.68  ? 149 ASN A CA  1 
ATOM   981  C  C   . ASN A 1 149 ? 4.848   -13.233 -0.433  1.00 77.04  ? 149 ASN A C   1 
ATOM   982  O  O   . ASN A 1 149 ? 4.973   -14.120 -1.278  1.00 75.69  ? 149 ASN A O   1 
ATOM   983  C  CB  . ASN A 1 149 ? 4.362   -11.261 -1.839  1.00 73.70  ? 149 ASN A CB  1 
ATOM   984  C  CG  . ASN A 1 149 ? 3.262   -10.507 -2.553  1.00 74.10  ? 149 ASN A CG  1 
ATOM   985  O  OD1 . ASN A 1 149 ? 2.097   -10.889 -2.506  1.00 75.01  ? 149 ASN A OD1 1 
ATOM   986  N  ND2 . ASN A 1 149 ? 3.637   -9.434  -3.244  1.00 72.81  ? 149 ASN A ND2 1 
ATOM   987  N  N   . ASP A 1 150 ? 5.600   -13.176 0.663   1.00 80.95  ? 150 ASP A N   1 
ATOM   988  C  CA  . ASP A 1 150 ? 6.550   -14.237 0.985   1.00 88.66  ? 150 ASP A CA  1 
ATOM   989  C  C   . ASP A 1 150 ? 5.884   -15.337 1.813   1.00 93.42  ? 150 ASP A C   1 
ATOM   990  O  O   . ASP A 1 150 ? 6.397   -16.456 1.884   1.00 90.48  ? 150 ASP A O   1 
ATOM   991  C  CB  . ASP A 1 150 ? 7.787   -13.678 1.715   1.00 92.59  ? 150 ASP A CB  1 
ATOM   992  C  CG  . ASP A 1 150 ? 8.683   -12.825 0.808   1.00 94.09  ? 150 ASP A CG  1 
ATOM   993  O  OD1 . ASP A 1 150 ? 8.906   -13.202 -0.366  1.00 99.64  ? 150 ASP A OD1 1 
ATOM   994  O  OD2 . ASP A 1 150 ? 9.175   -11.778 1.277   1.00 90.24  ? 150 ASP A OD2 1 
ATOM   995  N  N   . ARG A 1 151 ? 4.747   -15.019 2.434   1.00 98.03  ? 151 ARG A N   1 
ATOM   996  C  CA  . ARG A 1 151 ? 3.985   -16.005 3.206   1.00 100.15 ? 151 ARG A CA  1 
ATOM   997  C  C   . ARG A 1 151 ? 2.802   -16.573 2.422   1.00 98.18  ? 151 ARG A C   1 
ATOM   998  O  O   . ARG A 1 151 ? 2.520   -17.767 2.520   1.00 109.23 ? 151 ARG A O   1 
ATOM   999  C  CB  . ARG A 1 151 ? 3.506   -15.406 4.535   1.00 101.47 ? 151 ARG A CB  1 
ATOM   1000 C  CG  . ARG A 1 151 ? 4.504   -15.559 5.677   1.00 102.97 ? 151 ARG A CG  1 
ATOM   1001 C  CD  . ARG A 1 151 ? 4.298   -14.486 6.737   1.00 106.70 ? 151 ARG A CD  1 
ATOM   1002 N  NE  . ARG A 1 151 ? 4.871   -14.852 8.036   1.00 109.19 ? 151 ARG A NE  1 
ATOM   1003 C  CZ  . ARG A 1 151 ? 4.179   -15.248 9.108   1.00 112.55 ? 151 ARG A CZ  1 
ATOM   1004 N  NH1 . ARG A 1 151 ? 2.852   -15.345 9.083   1.00 108.70 ? 151 ARG A NH1 1 
ATOM   1005 N  NH2 . ARG A 1 151 ? 4.827   -15.551 10.231  1.00 114.05 ? 151 ARG A NH2 1 
ATOM   1006 N  N   . ILE A 1 152 ? 2.117   -15.729 1.654   1.00 90.79  ? 152 ILE A N   1 
ATOM   1007 C  CA  . ILE A 1 152 ? 0.884   -16.124 0.961   1.00 88.67  ? 152 ILE A CA  1 
ATOM   1008 C  C   . ILE A 1 152 ? 0.786   -15.390 -0.378  1.00 83.91  ? 152 ILE A C   1 
ATOM   1009 O  O   . ILE A 1 152 ? 1.437   -14.365 -0.573  1.00 88.98  ? 152 ILE A O   1 
ATOM   1010 C  CB  . ILE A 1 152 ? -0.352  -15.808 1.852   1.00 94.04  ? 152 ILE A CB  1 
ATOM   1011 C  CG1 . ILE A 1 152 ? -0.390  -16.709 3.100   1.00 103.47 ? 152 ILE A CG1 1 
ATOM   1012 C  CG2 . ILE A 1 152 ? -1.670  -15.962 1.105   1.00 95.73  ? 152 ILE A CG2 1 
ATOM   1013 C  CD1 . ILE A 1 152 ? -0.586  -18.193 2.837   1.00 105.54 ? 152 ILE A CD1 1 
ATOM   1014 N  N   . SER A 1 153 ? 0.008   -15.941 -1.308  1.00 76.17  ? 153 SER A N   1 
ATOM   1015 C  CA  . SER A 1 153 ? -0.344  -15.253 -2.553  1.00 75.72  ? 153 SER A CA  1 
ATOM   1016 C  C   . SER A 1 153 ? -1.858  -15.017 -2.620  1.00 74.29  ? 153 SER A C   1 
ATOM   1017 O  O   . SER A 1 153 ? -2.595  -15.434 -1.735  1.00 74.20  ? 153 SER A O   1 
ATOM   1018 C  CB  . SER A 1 153 ? 0.121   -16.064 -3.770  1.00 76.43  ? 153 SER A CB  1 
ATOM   1019 O  OG  . SER A 1 153 ? -0.604  -17.279 -3.893  1.00 78.91  ? 153 SER A OG  1 
ATOM   1020 N  N   . ALA A 1 154 ? -2.308  -14.354 -3.680  1.00 73.42  ? 154 ALA A N   1 
ATOM   1021 C  CA  . ALA A 1 154 ? -3.732  -14.111 -3.904  1.00 78.48  ? 154 ALA A CA  1 
ATOM   1022 C  C   . ALA A 1 154 ? -4.487  -15.389 -4.315  1.00 82.23  ? 154 ALA A C   1 
ATOM   1023 O  O   . ALA A 1 154 ? -5.671  -15.543 -3.995  1.00 87.55  ? 154 ALA A O   1 
ATOM   1024 C  CB  . ALA A 1 154 ? -3.921  -13.026 -4.953  1.00 80.17  ? 154 ALA A CB  1 
ATOM   1025 N  N   . ALA A 1 155 ? -3.811  -16.295 -5.022  1.00 77.83  ? 155 ALA A N   1 
ATOM   1026 C  CA  . ALA A 1 155 ? -4.403  -17.583 -5.381  1.00 72.22  ? 155 ALA A CA  1 
ATOM   1027 C  C   . ALA A 1 155 ? -4.745  -18.342 -4.109  1.00 71.78  ? 155 ALA A C   1 
ATOM   1028 O  O   . ALA A 1 155 ? -5.843  -18.861 -3.976  1.00 73.26  ? 155 ALA A O   1 
ATOM   1029 C  CB  . ALA A 1 155 ? -3.458  -18.391 -6.258  1.00 72.09  ? 155 ALA A CB  1 
ATOM   1030 N  N   . GLY A 1 156 ? -3.806  -18.368 -3.168  1.00 71.84  ? 156 GLY A N   1 
ATOM   1031 C  CA  . GLY A 1 156 ? -4.030  -18.929 -1.844  1.00 73.60  ? 156 GLY A CA  1 
ATOM   1032 C  C   . GLY A 1 156 ? -5.108  -18.246 -1.003  1.00 80.29  ? 156 GLY A C   1 
ATOM   1033 O  O   . GLY A 1 156 ? -5.703  -18.898 -0.130  1.00 80.49  ? 156 GLY A O   1 
ATOM   1034 N  N   . ILE A 1 157 ? -5.332  -16.942 -1.233  1.00 75.03  ? 157 ILE A N   1 
ATOM   1035 C  CA  . ILE A 1 157 ? -6.453  -16.203 -0.632  1.00 74.09  ? 157 ILE A CA  1 
ATOM   1036 C  C   . ILE A 1 157 ? -7.778  -16.666 -1.216  1.00 69.60  ? 157 ILE A C   1 
ATOM   1037 O  O   . ILE A 1 157 ? -8.732  -16.890 -0.469  1.00 55.81  ? 157 ILE A O   1 
ATOM   1038 C  CB  . ILE A 1 157 ? -6.388  -14.659 -0.861  1.00 78.13  ? 157 ILE A CB  1 
ATOM   1039 C  CG1 . ILE A 1 157 ? -5.091  -14.046 -0.303  1.00 77.76  ? 157 ILE A CG1 1 
ATOM   1040 C  CG2 . ILE A 1 157 ? -7.609  -13.969 -0.248  1.00 72.85  ? 157 ILE A CG2 1 
ATOM   1041 C  CD1 . ILE A 1 157 ? -4.705  -14.517 1.084   1.00 79.77  ? 157 ILE A CD1 1 
ATOM   1042 N  N   . GLU A 1 158 ? -7.834  -16.777 -2.545  1.00 73.25  ? 158 GLU A N   1 
ATOM   1043 C  CA  . GLU A 1 158 ? -9.042  -17.230 -3.227  1.00 82.08  ? 158 GLU A CA  1 
ATOM   1044 C  C   . GLU A 1 158 ? -9.416  -18.660 -2.815  1.00 85.32  ? 158 GLU A C   1 
ATOM   1045 O  O   . GLU A 1 158 ? -10.584 -18.938 -2.535  1.00 82.54  ? 158 GLU A O   1 
ATOM   1046 C  CB  . GLU A 1 158 ? -8.900  -17.122 -4.753  1.00 86.85  ? 158 GLU A CB  1 
ATOM   1047 C  CG  . GLU A 1 158 ? -10.105 -17.686 -5.517  1.00 93.89  ? 158 GLU A CG  1 
ATOM   1048 C  CD  . GLU A 1 158 ? -10.365 -17.025 -6.862  1.00 97.06  ? 158 GLU A CD  1 
ATOM   1049 O  OE1 . GLU A 1 158 ? -9.626  -16.093 -7.243  1.00 105.30 ? 158 GLU A OE1 1 
ATOM   1050 O  OE2 . GLU A 1 158 ? -11.330 -17.439 -7.541  1.00 100.86 ? 158 GLU A OE2 1 
ATOM   1051 N  N   . GLN A 1 159 ? -8.419  -19.547 -2.769  1.00 90.79  ? 159 GLN A N   1 
ATOM   1052 C  CA  . GLN A 1 159 ? -8.622  -20.948 -2.380  1.00 92.17  ? 159 GLN A CA  1 
ATOM   1053 C  C   . GLN A 1 159 ? -9.124  -21.065 -0.939  1.00 85.78  ? 159 GLN A C   1 
ATOM   1054 O  O   . GLN A 1 159 ? -9.933  -21.934 -0.644  1.00 80.02  ? 159 GLN A O   1 
ATOM   1055 C  CB  . GLN A 1 159 ? -7.334  -21.776 -2.553  1.00 99.92  ? 159 GLN A CB  1 
ATOM   1056 C  CG  . GLN A 1 159 ? -6.798  -21.873 -3.983  1.00 106.87 ? 159 GLN A CG  1 
ATOM   1057 C  CD  . GLN A 1 159 ? -7.677  -22.690 -4.914  1.00 114.72 ? 159 GLN A CD  1 
ATOM   1058 O  OE1 . GLN A 1 159 ? -8.206  -22.167 -5.898  1.00 116.25 ? 159 GLN A OE1 1 
ATOM   1059 N  NE2 . GLN A 1 159 ? -7.835  -23.979 -4.612  1.00 115.80 ? 159 GLN A NE2 1 
ATOM   1060 N  N   . ALA A 1 160 ? -8.658  -20.185 -0.053  1.00 82.31  ? 160 ALA A N   1 
ATOM   1061 C  CA  . ALA A 1 160 ? -9.119  -20.159 1.348   1.00 83.44  ? 160 ALA A CA  1 
ATOM   1062 C  C   . ALA A 1 160 ? -10.534 -19.556 1.559   1.00 83.34  ? 160 ALA A C   1 
ATOM   1063 O  O   . ALA A 1 160 ? -11.280 -20.004 2.453   1.00 71.61  ? 160 ALA A O   1 
ATOM   1064 C  CB  . ALA A 1 160 ? -8.107  -19.419 2.209   1.00 82.86  ? 160 ALA A CB  1 
ATOM   1065 N  N   . LEU A 1 161 ? -10.872 -18.525 0.776   1.00 81.55  ? 161 LEU A N   1 
ATOM   1066 C  CA  . LEU A 1 161 ? -12.228 -17.976 0.747   1.00 82.59  ? 161 LEU A CA  1 
ATOM   1067 C  C   . LEU A 1 161 ? -13.093 -18.679 -0.297  1.00 84.69  ? 161 LEU A C   1 
ATOM   1068 O  O   . LEU A 1 161 ? -14.248 -18.311 -0.475  1.00 82.84  ? 161 LEU A O   1 
ATOM   1069 C  CB  . LEU A 1 161 ? -12.226 -16.460 0.502   1.00 80.95  ? 161 LEU A CB  1 
ATOM   1070 C  CG  . LEU A 1 161 ? -11.809 -15.921 -0.877  1.00 83.77  ? 161 LEU A CG  1 
ATOM   1071 C  CD1 . LEU A 1 161 ? -12.939 -15.926 -1.914  1.00 82.71  ? 161 LEU A CD1 1 
ATOM   1072 C  CD2 . LEU A 1 161 ? -11.227 -14.513 -0.730  1.00 78.25  ? 161 LEU A CD2 1 
ATOM   1073 N  N   . SER A 1 162 ? -12.538 -19.675 -0.988  1.00 91.42  ? 162 SER A N   1 
ATOM   1074 C  CA  . SER A 1 162 ? -13.313 -20.511 -1.912  1.00 99.30  ? 162 SER A CA  1 
ATOM   1075 C  C   . SER A 1 162 ? -14.451 -21.205 -1.166  1.00 107.62 ? 162 SER A C   1 
ATOM   1076 O  O   . SER A 1 162 ? -15.602 -21.156 -1.611  1.00 113.27 ? 162 SER A O   1 
ATOM   1077 C  CB  . SER A 1 162 ? -12.428 -21.559 -2.598  1.00 98.30  ? 162 SER A CB  1 
ATOM   1078 O  OG  . SER A 1 162 ? -13.124 -22.229 -3.635  1.00 98.60  ? 162 SER A OG  1 
ATOM   1079 N  N   . LYS A 1 163 ? -14.122 -21.831 -0.029  1.00 108.33 ? 163 LYS A N   1 
ATOM   1080 C  CA  . LYS A 1 163 ? -15.119 -22.489 0.819   1.00 109.17 ? 163 LYS A CA  1 
ATOM   1081 C  C   . LYS A 1 163 ? -16.460 -21.718 0.798   1.00 113.14 ? 163 LYS A C   1 
ATOM   1082 O  O   . LYS A 1 163 ? -17.479 -22.254 0.355   1.00 122.13 ? 163 LYS A O   1 
ATOM   1083 C  CB  . LYS A 1 163 ? -14.579 -22.721 2.254   1.00 106.94 ? 163 LYS A CB  1 
ATOM   1084 C  CG  . LYS A 1 163 ? -14.634 -21.534 3.208   1.00 107.71 ? 163 LYS A CG  1 
ATOM   1085 C  CD  . LYS A 1 163 ? -14.179 -21.906 4.608   1.00 110.53 ? 163 LYS A CD  1 
ATOM   1086 C  CE  . LYS A 1 163 ? -14.015 -20.670 5.483   1.00 110.83 ? 163 LYS A CE  1 
ATOM   1087 N  NZ  . LYS A 1 163 ? -14.118 -20.975 6.938   1.00 110.39 ? 163 LYS A NZ  1 
ATOM   1088 N  N   . ARG A 1 164 ? -16.444 -20.446 1.188   1.00 108.58 ? 164 ARG A N   1 
ATOM   1089 C  CA  . ARG A 1 164 ? -17.660 -19.640 1.218   1.00 105.63 ? 164 ARG A CA  1 
ATOM   1090 C  C   . ARG A 1 164 ? -17.835 -18.860 -0.085  1.00 97.40  ? 164 ARG A C   1 
ATOM   1091 O  O   . ARG A 1 164 ? -18.626 -19.269 -0.943  1.00 81.72  ? 164 ARG A O   1 
ATOM   1092 C  CB  . ARG A 1 164 ? -17.659 -18.710 2.437   1.00 112.57 ? 164 ARG A CB  1 
ATOM   1093 C  CG  . ARG A 1 164 ? -18.106 -19.431 3.698   1.00 119.04 ? 164 ARG A CG  1 
ATOM   1094 C  CD  . ARG A 1 164 ? -17.371 -18.989 4.951   1.00 125.35 ? 164 ARG A CD  1 
ATOM   1095 N  NE  . ARG A 1 164 ? -17.503 -20.017 5.985   1.00 131.17 ? 164 ARG A NE  1 
ATOM   1096 C  CZ  . ARG A 1 164 ? -18.565 -20.171 6.780   1.00 127.64 ? 164 ARG A CZ  1 
ATOM   1097 N  NH1 . ARG A 1 164 ? -19.610 -19.352 6.691   1.00 127.43 ? 164 ARG A NH1 1 
ATOM   1098 N  NH2 . ARG A 1 164 ? -18.585 -21.152 7.676   1.00 118.93 ? 164 ARG A NH2 1 
ATOM   1099 N  N   . GLY A 1 165 ? -17.097 -17.756 -0.228  1.00 92.08  ? 165 GLY A N   1 
ATOM   1100 C  CA  . GLY A 1 165 ? -17.251 -16.851 -1.371  1.00 90.65  ? 165 GLY A CA  1 
ATOM   1101 C  C   . GLY A 1 165 ? -16.369 -17.232 -2.538  1.00 89.24  ? 165 GLY A C   1 
ATOM   1102 O  O   . GLY A 1 165 ? -15.740 -18.284 -2.519  1.00 89.74  ? 165 GLY A O   1 
ATOM   1103 N  N   . LEU A 1 166 ? -16.337 -16.380 -3.561  1.00 96.83  ? 166 LEU A N   1 
ATOM   1104 C  CA  . LEU A 1 166 ? -15.392 -16.527 -4.673  1.00 103.10 ? 166 LEU A CA  1 
ATOM   1105 C  C   . LEU A 1 166 ? -15.350 -15.270 -5.546  1.00 109.04 ? 166 LEU A C   1 
ATOM   1106 O  O   . LEU A 1 166 ? -16.400 -14.765 -5.953  1.00 119.98 ? 166 LEU A O   1 
ATOM   1107 C  CB  . LEU A 1 166 ? -15.741 -17.748 -5.541  1.00 107.36 ? 166 LEU A CB  1 
ATOM   1108 C  CG  . LEU A 1 166 ? -14.658 -18.197 -6.541  1.00 110.12 ? 166 LEU A CG  1 
ATOM   1109 C  CD1 . LEU A 1 166 ? -14.469 -19.708 -6.504  1.00 110.53 ? 166 LEU A CD1 1 
ATOM   1110 C  CD2 . LEU A 1 166 ? -14.952 -17.728 -7.963  1.00 109.64 ? 166 LEU A CD2 1 
ATOM   1111 N  N   . ALA A 1 167 ? -14.137 -14.775 -5.818  1.00 105.88 ? 167 ALA A N   1 
ATOM   1112 C  CA  . ALA A 1 167 ? -13.897 -13.691 -6.787  1.00 104.62 ? 167 ALA A CA  1 
ATOM   1113 C  C   . ALA A 1 167 ? -15.059 -12.702 -6.924  1.00 104.94 ? 167 ALA A C   1 
ATOM   1114 O  O   . ALA A 1 167 ? -15.568 -12.451 -8.021  1.00 110.18 ? 167 ALA A O   1 
ATOM   1115 C  CB  . ALA A 1 167 ? -13.542 -14.281 -8.146  1.00 104.43 ? 167 ALA A CB  1 
HETATM 1116 CD CD  . CD  B 2 .   ? -0.380  -2.044  0.327   1.00 49.38  ? 301 CD  A CD  1 
HETATM 1117 CD CD  . CD  C 2 .   ? 6.566   19.144  -0.314  1.00 37.10  ? 302 CD  A CD  1 
HETATM 1118 O  O16 . TCE D 3 .   ? 2.906   24.578  -4.176  1.00 74.06  ? 303 TCE A O16 1 
HETATM 1119 C  C14 . TCE D 3 .   ? 3.634   23.568  -4.307  1.00 87.36  ? 303 TCE A C14 1 
HETATM 1120 O  O15 . TCE D 3 .   ? 4.391   23.367  -5.283  1.00 80.76  ? 303 TCE A O15 1 
HETATM 1121 C  C5  . TCE D 3 .   ? 3.602   22.515  -3.215  1.00 84.54  ? 303 TCE A C5  1 
HETATM 1122 C  C2  . TCE D 3 .   ? 4.822   22.527  -2.327  1.00 81.44  ? 303 TCE A C2  1 
HETATM 1123 P  P   . TCE D 3 .   ? 4.920   21.166  -1.100  1.00 64.09  ? 303 TCE A P   1 
HETATM 1124 C  C3  . TCE D 3 .   ? 3.248   21.157  -0.343  1.00 84.90  ? 303 TCE A C3  1 
HETATM 1125 C  C6  . TCE D 3 .   ? 3.368   21.220  1.173   1.00 86.17  ? 303 TCE A C6  1 
HETATM 1126 C  C8  . TCE D 3 .   ? 2.364   22.153  1.822   1.00 89.07  ? 303 TCE A C8  1 
HETATM 1127 O  O10 . TCE D 3 .   ? 1.711   21.715  2.796   1.00 94.67  ? 303 TCE A O10 1 
HETATM 1128 O  O9  . TCE D 3 .   ? 2.239   23.307  1.352   1.00 89.41  ? 303 TCE A O9  1 
HETATM 1129 C  C1  . TCE D 3 .   ? 5.985   21.861  0.223   1.00 75.02  ? 303 TCE A C1  1 
HETATM 1130 C  C4  . TCE D 3 .   ? 5.407   23.223  0.599   1.00 84.24  ? 303 TCE A C4  1 
HETATM 1131 C  C11 . TCE D 3 .   ? 5.626   23.595  2.053   1.00 87.65  ? 303 TCE A C11 1 
HETATM 1132 O  O12 . TCE D 3 .   ? 6.773   23.448  2.534   1.00 90.80  ? 303 TCE A O12 1 
HETATM 1133 O  O13 . TCE D 3 .   ? 4.643   24.030  2.695   1.00 88.56  ? 303 TCE A O13 1 
HETATM 1134 O  O   . HOH E 4 .   ? 16.742  6.147   -8.483  1.00 41.44  ? 401 HOH A O   1 
HETATM 1135 O  O   . HOH E 4 .   ? 14.099  4.133   7.749   1.00 39.72  ? 402 HOH A O   1 
HETATM 1136 O  O   . HOH E 4 .   ? 7.287   14.735  6.643   1.00 37.19  ? 403 HOH A O   1 
HETATM 1137 O  O   . HOH E 4 .   ? 9.129   -4.086  -7.034  1.00 51.98  ? 404 HOH A O   1 
HETATM 1138 O  O   . HOH E 4 .   ? 13.129  18.383  9.131   1.00 38.02  ? 405 HOH A O   1 
HETATM 1139 O  O   . HOH E 4 .   ? 18.842  8.055   -8.688  1.00 40.83  ? 406 HOH A O   1 
HETATM 1140 O  O   . HOH E 4 .   ? -21.647 -15.764 0.553   1.00 54.59  ? 407 HOH A O   1 
HETATM 1141 O  O   . HOH E 4 .   ? 2.895   -2.823  -2.672  1.00 45.56  ? 408 HOH A O   1 
HETATM 1142 O  O   . HOH E 4 .   ? 20.109  7.129   6.952   1.00 42.42  ? 409 HOH A O   1 
HETATM 1143 O  O   . HOH E 4 .   ? 10.904  2.099   -7.576  1.00 40.52  ? 410 HOH A O   1 
HETATM 1144 O  O   . HOH E 4 .   ? 8.548   0.407   -7.537  1.00 48.25  ? 411 HOH A O   1 
HETATM 1145 O  O   . HOH E 4 .   ? 24.395  17.968  -3.327  1.00 53.02  ? 412 HOH A O   1 
# 
